data_4JVI
# 
_entry.id   4JVI 
# 
_audit_conform.dict_name       mmcif_pdbx.dic 
_audit_conform.dict_version    5.388 
_audit_conform.dict_location   http://mmcif.pdb.org/dictionaries/ascii/mmcif_pdbx.dic 
# 
loop_
_database_2.database_id 
_database_2.database_code 
_database_2.pdbx_database_accession 
_database_2.pdbx_DOI 
PDB   4JVI         pdb_00004jvi 10.2210/pdb4jvi/pdb 
RCSB  RCSB078556   ?            ?                   
WWPDB D_1000078556 ?            ?                   
# 
loop_
_pdbx_audit_revision_history.ordinal 
_pdbx_audit_revision_history.data_content_type 
_pdbx_audit_revision_history.major_revision 
_pdbx_audit_revision_history.minor_revision 
_pdbx_audit_revision_history.revision_date 
1 'Structure model' 1 0 2013-08-07 
2 'Structure model' 1 1 2014-02-12 
3 'Structure model' 1 2 2019-12-04 
4 'Structure model' 1 3 2024-03-20 
# 
_pdbx_audit_revision_details.ordinal             1 
_pdbx_audit_revision_details.revision_ordinal    1 
_pdbx_audit_revision_details.data_content_type   'Structure model' 
_pdbx_audit_revision_details.provider            repository 
_pdbx_audit_revision_details.type                'Initial release' 
_pdbx_audit_revision_details.description         ? 
_pdbx_audit_revision_details.details             ? 
# 
loop_
_pdbx_audit_revision_group.ordinal 
_pdbx_audit_revision_group.revision_ordinal 
_pdbx_audit_revision_group.data_content_type 
_pdbx_audit_revision_group.group 
1 2 'Structure model' 'Database references'  
2 3 'Structure model' 'Data collection'      
3 4 'Structure model' 'Data collection'      
4 4 'Structure model' 'Database references'  
5 4 'Structure model' 'Derived calculations' 
# 
loop_
_pdbx_audit_revision_category.ordinal 
_pdbx_audit_revision_category.revision_ordinal 
_pdbx_audit_revision_category.data_content_type 
_pdbx_audit_revision_category.category 
1 3 'Structure model' reflns_shell   
2 4 'Structure model' chem_comp_atom 
3 4 'Structure model' chem_comp_bond 
4 4 'Structure model' database_2     
5 4 'Structure model' struct_site    
# 
loop_
_pdbx_audit_revision_item.ordinal 
_pdbx_audit_revision_item.revision_ordinal 
_pdbx_audit_revision_item.data_content_type 
_pdbx_audit_revision_item.item 
1 3 'Structure model' '_reflns_shell.d_res_high'            
2 3 'Structure model' '_reflns_shell.d_res_low'             
3 4 'Structure model' '_database_2.pdbx_DOI'                
4 4 'Structure model' '_database_2.pdbx_database_accession' 
5 4 'Structure model' '_struct_site.pdbx_auth_asym_id'      
6 4 'Structure model' '_struct_site.pdbx_auth_comp_id'      
7 4 'Structure model' '_struct_site.pdbx_auth_seq_id'       
# 
_pdbx_database_status.status_code                     REL 
_pdbx_database_status.entry_id                        4JVI 
_pdbx_database_status.recvd_initial_deposition_date   2013-03-25 
_pdbx_database_status.deposit_site                    RCSB 
_pdbx_database_status.process_site                    PDBJ 
_pdbx_database_status.methods_development_category    ? 
_pdbx_database_status.status_code_sf                  REL 
_pdbx_database_status.status_code_mr                  ? 
_pdbx_database_status.SG_entry                        ? 
_pdbx_database_status.status_code_cs                  ? 
_pdbx_database_status.pdb_format_compatible           Y 
_pdbx_database_status.status_code_nmr_data            ? 
# 
loop_
_pdbx_database_related.db_name 
_pdbx_database_related.db_id 
_pdbx_database_related.details 
_pdbx_database_related.content_type 
PDB 4JVC . unspecified 
PDB 4JVD . unspecified 
# 
loop_
_audit_author.name 
_audit_author.pdbx_ordinal 
'Ilangovan, A.' 1 
'Williams, P.'  2 
'Emsley, J.'    3 
# 
_citation.id                        primary 
_citation.title                     
;Structural basis for native agonist and synthetic inhibitor recognition by the Pseudomonas aeruginosa quorum sensing regulator PqsR (MvfR).
;
_citation.journal_abbrev            'Plos Pathog.' 
_citation.journal_volume            9 
_citation.page_first                e1003508 
_citation.page_last                 e1003508 
_citation.year                      2013 
_citation.journal_id_ASTM           ? 
_citation.country                   US 
_citation.journal_id_ISSN           1553-7366 
_citation.journal_id_CSD            ? 
_citation.book_publisher            ? 
_citation.pdbx_database_id_PubMed   23935486 
_citation.pdbx_database_id_DOI      10.1371/journal.ppat.1003508 
# 
loop_
_citation_author.citation_id 
_citation_author.name 
_citation_author.ordinal 
_citation_author.identifier_ORCID 
primary 'Ilangovan, A.' 1  ? 
primary 'Fletcher, M.'  2  ? 
primary 'Rampioni, G.'  3  ? 
primary 'Pustelny, C.'  4  ? 
primary 'Rumbaugh, K.'  5  ? 
primary 'Heeb, S.'      6  ? 
primary 'Camara, M.'    7  ? 
primary 'Truman, A.'    8  ? 
primary 'Chhabra, S.R.' 9  ? 
primary 'Emsley, J.'    10 ? 
primary 'Williams, P.'  11 ? 
# 
loop_
_entity.id 
_entity.type 
_entity.src_method 
_entity.pdbx_description 
_entity.formula_weight 
_entity.pdbx_number_of_molecules 
_entity.pdbx_ec 
_entity.pdbx_mutation 
_entity.pdbx_fragment 
_entity.details 
1 polymer     man 'Transcriptional regulator MvfR'               24288.475 1 ? ? 'co-inducer binding domain, UNP RESIDUES 94-309' 
? 
2 non-polymer syn '3-amino-7-chloro-2-nonylquinazolin-4(3H)-one' 321.845   1 ? ? ?                                                
? 
3 water       nat water                                          18.015    1 ? ? ?                                                
? 
# 
_entity_poly.entity_id                      1 
_entity_poly.type                           'polypeptide(L)' 
_entity_poly.nstd_linkage                   no 
_entity_poly.nstd_monomer                   no 
_entity_poly.pdbx_seq_one_letter_code       
;NLRVLLDTAIPPSFCDTVSSVLLDDFNMVSLIRTSPADSLATIKQDNAEIDIAITIDEELKISRFNQCVLGYTKAFVVAH
PQHPLCNASLHSIASLANYRQISLGSRSGQHSNLLRPVSDKVLFVENFDDMLRLVEAGVGWGIAPHYFVEERLRNGTLAV
LSELYEPGGIDTKVYCYYNTALESERSFLRFLESARQRLRELGRQRFDDAPAWQPS
;
_entity_poly.pdbx_seq_one_letter_code_can   
;NLRVLLDTAIPPSFCDTVSSVLLDDFNMVSLIRTSPADSLATIKQDNAEIDIAITIDEELKISRFNQCVLGYTKAFVVAH
PQHPLCNASLHSIASLANYRQISLGSRSGQHSNLLRPVSDKVLFVENFDDMLRLVEAGVGWGIAPHYFVEERLRNGTLAV
LSELYEPGGIDTKVYCYYNTALESERSFLRFLESARQRLRELGRQRFDDAPAWQPS
;
_entity_poly.pdbx_strand_id                 A 
_entity_poly.pdbx_target_identifier         ? 
# 
loop_
_pdbx_entity_nonpoly.entity_id 
_pdbx_entity_nonpoly.name 
_pdbx_entity_nonpoly.comp_id 
2 '3-amino-7-chloro-2-nonylquinazolin-4(3H)-one' QZN 
3 water                                          HOH 
# 
loop_
_entity_poly_seq.entity_id 
_entity_poly_seq.num 
_entity_poly_seq.mon_id 
_entity_poly_seq.hetero 
1 1   ASN n 
1 2   LEU n 
1 3   ARG n 
1 4   VAL n 
1 5   LEU n 
1 6   LEU n 
1 7   ASP n 
1 8   THR n 
1 9   ALA n 
1 10  ILE n 
1 11  PRO n 
1 12  PRO n 
1 13  SER n 
1 14  PHE n 
1 15  CYS n 
1 16  ASP n 
1 17  THR n 
1 18  VAL n 
1 19  SER n 
1 20  SER n 
1 21  VAL n 
1 22  LEU n 
1 23  LEU n 
1 24  ASP n 
1 25  ASP n 
1 26  PHE n 
1 27  ASN n 
1 28  MET n 
1 29  VAL n 
1 30  SER n 
1 31  LEU n 
1 32  ILE n 
1 33  ARG n 
1 34  THR n 
1 35  SER n 
1 36  PRO n 
1 37  ALA n 
1 38  ASP n 
1 39  SER n 
1 40  LEU n 
1 41  ALA n 
1 42  THR n 
1 43  ILE n 
1 44  LYS n 
1 45  GLN n 
1 46  ASP n 
1 47  ASN n 
1 48  ALA n 
1 49  GLU n 
1 50  ILE n 
1 51  ASP n 
1 52  ILE n 
1 53  ALA n 
1 54  ILE n 
1 55  THR n 
1 56  ILE n 
1 57  ASP n 
1 58  GLU n 
1 59  GLU n 
1 60  LEU n 
1 61  LYS n 
1 62  ILE n 
1 63  SER n 
1 64  ARG n 
1 65  PHE n 
1 66  ASN n 
1 67  GLN n 
1 68  CYS n 
1 69  VAL n 
1 70  LEU n 
1 71  GLY n 
1 72  TYR n 
1 73  THR n 
1 74  LYS n 
1 75  ALA n 
1 76  PHE n 
1 77  VAL n 
1 78  VAL n 
1 79  ALA n 
1 80  HIS n 
1 81  PRO n 
1 82  GLN n 
1 83  HIS n 
1 84  PRO n 
1 85  LEU n 
1 86  CYS n 
1 87  ASN n 
1 88  ALA n 
1 89  SER n 
1 90  LEU n 
1 91  HIS n 
1 92  SER n 
1 93  ILE n 
1 94  ALA n 
1 95  SER n 
1 96  LEU n 
1 97  ALA n 
1 98  ASN n 
1 99  TYR n 
1 100 ARG n 
1 101 GLN n 
1 102 ILE n 
1 103 SER n 
1 104 LEU n 
1 105 GLY n 
1 106 SER n 
1 107 ARG n 
1 108 SER n 
1 109 GLY n 
1 110 GLN n 
1 111 HIS n 
1 112 SER n 
1 113 ASN n 
1 114 LEU n 
1 115 LEU n 
1 116 ARG n 
1 117 PRO n 
1 118 VAL n 
1 119 SER n 
1 120 ASP n 
1 121 LYS n 
1 122 VAL n 
1 123 LEU n 
1 124 PHE n 
1 125 VAL n 
1 126 GLU n 
1 127 ASN n 
1 128 PHE n 
1 129 ASP n 
1 130 ASP n 
1 131 MET n 
1 132 LEU n 
1 133 ARG n 
1 134 LEU n 
1 135 VAL n 
1 136 GLU n 
1 137 ALA n 
1 138 GLY n 
1 139 VAL n 
1 140 GLY n 
1 141 TRP n 
1 142 GLY n 
1 143 ILE n 
1 144 ALA n 
1 145 PRO n 
1 146 HIS n 
1 147 TYR n 
1 148 PHE n 
1 149 VAL n 
1 150 GLU n 
1 151 GLU n 
1 152 ARG n 
1 153 LEU n 
1 154 ARG n 
1 155 ASN n 
1 156 GLY n 
1 157 THR n 
1 158 LEU n 
1 159 ALA n 
1 160 VAL n 
1 161 LEU n 
1 162 SER n 
1 163 GLU n 
1 164 LEU n 
1 165 TYR n 
1 166 GLU n 
1 167 PRO n 
1 168 GLY n 
1 169 GLY n 
1 170 ILE n 
1 171 ASP n 
1 172 THR n 
1 173 LYS n 
1 174 VAL n 
1 175 TYR n 
1 176 CYS n 
1 177 TYR n 
1 178 TYR n 
1 179 ASN n 
1 180 THR n 
1 181 ALA n 
1 182 LEU n 
1 183 GLU n 
1 184 SER n 
1 185 GLU n 
1 186 ARG n 
1 187 SER n 
1 188 PHE n 
1 189 LEU n 
1 190 ARG n 
1 191 PHE n 
1 192 LEU n 
1 193 GLU n 
1 194 SER n 
1 195 ALA n 
1 196 ARG n 
1 197 GLN n 
1 198 ARG n 
1 199 LEU n 
1 200 ARG n 
1 201 GLU n 
1 202 LEU n 
1 203 GLY n 
1 204 ARG n 
1 205 GLN n 
1 206 ARG n 
1 207 PHE n 
1 208 ASP n 
1 209 ASP n 
1 210 ALA n 
1 211 PRO n 
1 212 ALA n 
1 213 TRP n 
1 214 GLN n 
1 215 PRO n 
1 216 SER n 
# 
_entity_src_gen.entity_id                          1 
_entity_src_gen.pdbx_src_id                        1 
_entity_src_gen.pdbx_alt_source_flag               sample 
_entity_src_gen.pdbx_seq_type                      ? 
_entity_src_gen.pdbx_beg_seq_num                   ? 
_entity_src_gen.pdbx_end_seq_num                   ? 
_entity_src_gen.gene_src_common_name               ? 
_entity_src_gen.gene_src_genus                     ? 
_entity_src_gen.pdbx_gene_src_gene                 'mvfR, PA14_51340, PqsR' 
_entity_src_gen.gene_src_species                   ? 
_entity_src_gen.gene_src_strain                    UCBPP-PA14 
_entity_src_gen.gene_src_tissue                    ? 
_entity_src_gen.gene_src_tissue_fraction           ? 
_entity_src_gen.gene_src_details                   ? 
_entity_src_gen.pdbx_gene_src_fragment             ? 
_entity_src_gen.pdbx_gene_src_scientific_name      'Pseudomonas aeruginosa' 
_entity_src_gen.pdbx_gene_src_ncbi_taxonomy_id     287 
_entity_src_gen.pdbx_gene_src_variant              ? 
_entity_src_gen.pdbx_gene_src_cell_line            ? 
_entity_src_gen.pdbx_gene_src_atcc                 ? 
_entity_src_gen.pdbx_gene_src_organ                ? 
_entity_src_gen.pdbx_gene_src_organelle            ? 
_entity_src_gen.pdbx_gene_src_cell                 ? 
_entity_src_gen.pdbx_gene_src_cellular_location    ? 
_entity_src_gen.host_org_common_name               ? 
_entity_src_gen.pdbx_host_org_scientific_name      'Escherichia coli' 
_entity_src_gen.pdbx_host_org_ncbi_taxonomy_id     562 
_entity_src_gen.host_org_genus                     ? 
_entity_src_gen.pdbx_host_org_gene                 ? 
_entity_src_gen.pdbx_host_org_organ                ? 
_entity_src_gen.host_org_species                   ? 
_entity_src_gen.pdbx_host_org_tissue               ? 
_entity_src_gen.pdbx_host_org_tissue_fraction      ? 
_entity_src_gen.pdbx_host_org_strain               'BL21 DE3' 
_entity_src_gen.pdbx_host_org_variant              ? 
_entity_src_gen.pdbx_host_org_cell_line            ? 
_entity_src_gen.pdbx_host_org_atcc                 ? 
_entity_src_gen.pdbx_host_org_culture_collection   ? 
_entity_src_gen.pdbx_host_org_cell                 ? 
_entity_src_gen.pdbx_host_org_organelle            ? 
_entity_src_gen.pdbx_host_org_cellular_location    ? 
_entity_src_gen.pdbx_host_org_vector_type          plasmid 
_entity_src_gen.pdbx_host_org_vector               ? 
_entity_src_gen.host_org_details                   ? 
_entity_src_gen.expression_system_id               ? 
_entity_src_gen.plasmid_name                       pET28a 
_entity_src_gen.plasmid_details                    ? 
_entity_src_gen.pdbx_description                   ? 
# 
loop_
_chem_comp.id 
_chem_comp.type 
_chem_comp.mon_nstd_flag 
_chem_comp.name 
_chem_comp.pdbx_synonyms 
_chem_comp.formula 
_chem_comp.formula_weight 
ALA 'L-peptide linking' y ALANINE                                        ? 'C3 H7 N O2'      89.093  
ARG 'L-peptide linking' y ARGININE                                       ? 'C6 H15 N4 O2 1'  175.209 
ASN 'L-peptide linking' y ASPARAGINE                                     ? 'C4 H8 N2 O3'     132.118 
ASP 'L-peptide linking' y 'ASPARTIC ACID'                                ? 'C4 H7 N O4'      133.103 
CYS 'L-peptide linking' y CYSTEINE                                       ? 'C3 H7 N O2 S'    121.158 
GLN 'L-peptide linking' y GLUTAMINE                                      ? 'C5 H10 N2 O3'    146.144 
GLU 'L-peptide linking' y 'GLUTAMIC ACID'                                ? 'C5 H9 N O4'      147.129 
GLY 'peptide linking'   y GLYCINE                                        ? 'C2 H5 N O2'      75.067  
HIS 'L-peptide linking' y HISTIDINE                                      ? 'C6 H10 N3 O2 1'  156.162 
HOH non-polymer         . WATER                                          ? 'H2 O'            18.015  
ILE 'L-peptide linking' y ISOLEUCINE                                     ? 'C6 H13 N O2'     131.173 
LEU 'L-peptide linking' y LEUCINE                                        ? 'C6 H13 N O2'     131.173 
LYS 'L-peptide linking' y LYSINE                                         ? 'C6 H15 N2 O2 1'  147.195 
MET 'L-peptide linking' y METHIONINE                                     ? 'C5 H11 N O2 S'   149.211 
PHE 'L-peptide linking' y PHENYLALANINE                                  ? 'C9 H11 N O2'     165.189 
PRO 'L-peptide linking' y PROLINE                                        ? 'C5 H9 N O2'      115.130 
QZN non-polymer         . '3-amino-7-chloro-2-nonylquinazolin-4(3H)-one' ? 'C17 H24 Cl N3 O' 321.845 
SER 'L-peptide linking' y SERINE                                         ? 'C3 H7 N O3'      105.093 
THR 'L-peptide linking' y THREONINE                                      ? 'C4 H9 N O3'      119.119 
TRP 'L-peptide linking' y TRYPTOPHAN                                     ? 'C11 H12 N2 O2'   204.225 
TYR 'L-peptide linking' y TYROSINE                                       ? 'C9 H11 N O3'     181.189 
VAL 'L-peptide linking' y VALINE                                         ? 'C5 H11 N O2'     117.146 
# 
loop_
_pdbx_poly_seq_scheme.asym_id 
_pdbx_poly_seq_scheme.entity_id 
_pdbx_poly_seq_scheme.seq_id 
_pdbx_poly_seq_scheme.mon_id 
_pdbx_poly_seq_scheme.ndb_seq_num 
_pdbx_poly_seq_scheme.pdb_seq_num 
_pdbx_poly_seq_scheme.auth_seq_num 
_pdbx_poly_seq_scheme.pdb_mon_id 
_pdbx_poly_seq_scheme.auth_mon_id 
_pdbx_poly_seq_scheme.pdb_strand_id 
_pdbx_poly_seq_scheme.pdb_ins_code 
_pdbx_poly_seq_scheme.hetero 
A 1 1   ASN 1   94  94  ASN ASN A . n 
A 1 2   LEU 2   95  95  LEU LEU A . n 
A 1 3   ARG 3   96  96  ARG ARG A . n 
A 1 4   VAL 4   97  97  VAL VAL A . n 
A 1 5   LEU 5   98  98  LEU LEU A . n 
A 1 6   LEU 6   99  99  LEU LEU A . n 
A 1 7   ASP 7   100 100 ASP ASP A . n 
A 1 8   THR 8   101 101 THR THR A . n 
A 1 9   ALA 9   102 102 ALA ALA A . n 
A 1 10  ILE 10  103 103 ILE ILE A . n 
A 1 11  PRO 11  104 104 PRO PRO A . n 
A 1 12  PRO 12  105 105 PRO PRO A . n 
A 1 13  SER 13  106 106 SER SER A . n 
A 1 14  PHE 14  107 107 PHE PHE A . n 
A 1 15  CYS 15  108 108 CYS CYS A . n 
A 1 16  ASP 16  109 109 ASP ASP A . n 
A 1 17  THR 17  110 110 THR THR A . n 
A 1 18  VAL 18  111 111 VAL VAL A . n 
A 1 19  SER 19  112 112 SER SER A . n 
A 1 20  SER 20  113 113 SER SER A . n 
A 1 21  VAL 21  114 114 VAL VAL A . n 
A 1 22  LEU 22  115 115 LEU LEU A . n 
A 1 23  LEU 23  116 116 LEU LEU A . n 
A 1 24  ASP 24  117 117 ASP ASP A . n 
A 1 25  ASP 25  118 118 ASP ASP A . n 
A 1 26  PHE 26  119 119 PHE PHE A . n 
A 1 27  ASN 27  120 120 ASN ASN A . n 
A 1 28  MET 28  121 121 MET MET A . n 
A 1 29  VAL 29  122 122 VAL VAL A . n 
A 1 30  SER 30  123 123 SER SER A . n 
A 1 31  LEU 31  124 124 LEU LEU A . n 
A 1 32  ILE 32  125 125 ILE ILE A . n 
A 1 33  ARG 33  126 126 ARG ARG A . n 
A 1 34  THR 34  127 127 THR THR A . n 
A 1 35  SER 35  128 128 SER SER A . n 
A 1 36  PRO 36  129 129 PRO PRO A . n 
A 1 37  ALA 37  130 130 ALA ALA A . n 
A 1 38  ASP 38  131 131 ASP ASP A . n 
A 1 39  SER 39  132 132 SER SER A . n 
A 1 40  LEU 40  133 133 LEU LEU A . n 
A 1 41  ALA 41  134 134 ALA ALA A . n 
A 1 42  THR 42  135 135 THR THR A . n 
A 1 43  ILE 43  136 136 ILE ILE A . n 
A 1 44  LYS 44  137 137 LYS LYS A . n 
A 1 45  GLN 45  138 138 GLN GLN A . n 
A 1 46  ASP 46  139 139 ASP ASP A . n 
A 1 47  ASN 47  140 140 ASN ASN A . n 
A 1 48  ALA 48  141 141 ALA ALA A . n 
A 1 49  GLU 49  142 142 GLU GLU A . n 
A 1 50  ILE 50  143 143 ILE ILE A . n 
A 1 51  ASP 51  144 144 ASP ASP A . n 
A 1 52  ILE 52  145 145 ILE ILE A . n 
A 1 53  ALA 53  146 146 ALA ALA A . n 
A 1 54  ILE 54  147 147 ILE ILE A . n 
A 1 55  THR 55  148 148 THR THR A . n 
A 1 56  ILE 56  149 149 ILE ILE A . n 
A 1 57  ASP 57  150 150 ASP ASP A . n 
A 1 58  GLU 58  151 151 GLU GLU A . n 
A 1 59  GLU 59  152 152 GLU GLU A . n 
A 1 60  LEU 60  153 153 LEU LEU A . n 
A 1 61  LYS 61  154 154 LYS LYS A . n 
A 1 62  ILE 62  155 155 ILE ILE A . n 
A 1 63  SER 63  156 156 SER SER A . n 
A 1 64  ARG 64  157 157 ARG ARG A . n 
A 1 65  PHE 65  158 158 PHE PHE A . n 
A 1 66  ASN 66  159 159 ASN ASN A . n 
A 1 67  GLN 67  160 160 GLN GLN A . n 
A 1 68  CYS 68  161 161 CYS CYS A . n 
A 1 69  VAL 69  162 162 VAL VAL A . n 
A 1 70  LEU 70  163 163 LEU LEU A . n 
A 1 71  GLY 71  164 164 GLY GLY A . n 
A 1 72  TYR 72  165 165 TYR TYR A . n 
A 1 73  THR 73  166 166 THR THR A . n 
A 1 74  LYS 74  167 167 LYS LYS A . n 
A 1 75  ALA 75  168 168 ALA ALA A . n 
A 1 76  PHE 76  169 169 PHE PHE A . n 
A 1 77  VAL 77  170 170 VAL VAL A . n 
A 1 78  VAL 78  171 171 VAL VAL A . n 
A 1 79  ALA 79  172 172 ALA ALA A . n 
A 1 80  HIS 80  173 173 HIS HIS A . n 
A 1 81  PRO 81  174 174 PRO PRO A . n 
A 1 82  GLN 82  175 175 GLN GLN A . n 
A 1 83  HIS 83  176 176 HIS HIS A . n 
A 1 84  PRO 84  177 177 PRO PRO A . n 
A 1 85  LEU 85  178 178 LEU LEU A . n 
A 1 86  CYS 86  179 179 CYS CYS A . n 
A 1 87  ASN 87  180 180 ASN ASN A . n 
A 1 88  ALA 88  181 181 ALA ALA A . n 
A 1 89  SER 89  182 182 SER SER A . n 
A 1 90  LEU 90  183 183 LEU LEU A . n 
A 1 91  HIS 91  184 184 HIS HIS A . n 
A 1 92  SER 92  185 185 SER SER A . n 
A 1 93  ILE 93  186 186 ILE ILE A . n 
A 1 94  ALA 94  187 187 ALA ALA A . n 
A 1 95  SER 95  188 188 SER SER A . n 
A 1 96  LEU 96  189 189 LEU LEU A . n 
A 1 97  ALA 97  190 190 ALA ALA A . n 
A 1 98  ASN 98  191 191 ASN ASN A . n 
A 1 99  TYR 99  192 192 TYR TYR A . n 
A 1 100 ARG 100 193 193 ARG ARG A . n 
A 1 101 GLN 101 194 194 GLN GLN A . n 
A 1 102 ILE 102 195 195 ILE ILE A . n 
A 1 103 SER 103 196 196 SER SER A . n 
A 1 104 LEU 104 197 197 LEU LEU A . n 
A 1 105 GLY 105 198 198 GLY GLY A . n 
A 1 106 SER 106 199 199 SER SER A . n 
A 1 107 ARG 107 200 200 ARG ARG A . n 
A 1 108 SER 108 201 201 SER SER A . n 
A 1 109 GLY 109 202 202 GLY GLY A . n 
A 1 110 GLN 110 203 203 GLN GLN A . n 
A 1 111 HIS 111 204 204 HIS HIS A . n 
A 1 112 SER 112 205 205 SER SER A . n 
A 1 113 ASN 113 206 206 ASN ASN A . n 
A 1 114 LEU 114 207 207 LEU LEU A . n 
A 1 115 LEU 115 208 208 LEU LEU A . n 
A 1 116 ARG 116 209 209 ARG ARG A . n 
A 1 117 PRO 117 210 210 PRO PRO A . n 
A 1 118 VAL 118 211 211 VAL VAL A . n 
A 1 119 SER 119 212 212 SER SER A . n 
A 1 120 ASP 120 213 213 ASP ASP A . n 
A 1 121 LYS 121 214 214 LYS LYS A . n 
A 1 122 VAL 122 215 215 VAL VAL A . n 
A 1 123 LEU 123 216 216 LEU LEU A . n 
A 1 124 PHE 124 217 217 PHE PHE A . n 
A 1 125 VAL 125 218 218 VAL VAL A . n 
A 1 126 GLU 126 219 219 GLU GLU A . n 
A 1 127 ASN 127 220 220 ASN ASN A . n 
A 1 128 PHE 128 221 221 PHE PHE A . n 
A 1 129 ASP 129 222 222 ASP ASP A . n 
A 1 130 ASP 130 223 223 ASP ASP A . n 
A 1 131 MET 131 224 224 MET MET A . n 
A 1 132 LEU 132 225 225 LEU LEU A . n 
A 1 133 ARG 133 226 226 ARG ARG A . n 
A 1 134 LEU 134 227 227 LEU LEU A . n 
A 1 135 VAL 135 228 228 VAL VAL A . n 
A 1 136 GLU 136 229 229 GLU GLU A . n 
A 1 137 ALA 137 230 230 ALA ALA A . n 
A 1 138 GLY 138 231 231 GLY GLY A . n 
A 1 139 VAL 139 232 232 VAL VAL A . n 
A 1 140 GLY 140 233 233 GLY GLY A . n 
A 1 141 TRP 141 234 234 TRP TRP A . n 
A 1 142 GLY 142 235 235 GLY GLY A . n 
A 1 143 ILE 143 236 236 ILE ILE A . n 
A 1 144 ALA 144 237 237 ALA ALA A . n 
A 1 145 PRO 145 238 238 PRO PRO A . n 
A 1 146 HIS 146 239 239 HIS HIS A . n 
A 1 147 TYR 147 240 240 TYR TYR A . n 
A 1 148 PHE 148 241 241 PHE PHE A . n 
A 1 149 VAL 149 242 242 VAL VAL A . n 
A 1 150 GLU 150 243 243 GLU GLU A . n 
A 1 151 GLU 151 244 244 GLU GLU A . n 
A 1 152 ARG 152 245 245 ARG ARG A . n 
A 1 153 LEU 153 246 246 LEU LEU A . n 
A 1 154 ARG 154 247 247 ARG ARG A . n 
A 1 155 ASN 155 248 248 ASN ASN A . n 
A 1 156 GLY 156 249 249 GLY GLY A . n 
A 1 157 THR 157 250 250 THR THR A . n 
A 1 158 LEU 158 251 251 LEU LEU A . n 
A 1 159 ALA 159 252 252 ALA ALA A . n 
A 1 160 VAL 160 253 253 VAL VAL A . n 
A 1 161 LEU 161 254 254 LEU LEU A . n 
A 1 162 SER 162 255 255 SER SER A . n 
A 1 163 GLU 163 256 256 GLU GLU A . n 
A 1 164 LEU 164 257 257 LEU LEU A . n 
A 1 165 TYR 165 258 258 TYR TYR A . n 
A 1 166 GLU 166 259 259 GLU GLU A . n 
A 1 167 PRO 167 260 260 PRO PRO A . n 
A 1 168 GLY 168 261 261 GLY GLY A . n 
A 1 169 GLY 169 262 262 GLY GLY A . n 
A 1 170 ILE 170 263 263 ILE ILE A . n 
A 1 171 ASP 171 264 264 ASP ASP A . n 
A 1 172 THR 172 265 265 THR THR A . n 
A 1 173 LYS 173 266 266 LYS LYS A . n 
A 1 174 VAL 174 267 267 VAL VAL A . n 
A 1 175 TYR 175 268 268 TYR TYR A . n 
A 1 176 CYS 176 269 269 CYS CYS A . n 
A 1 177 TYR 177 270 270 TYR TYR A . n 
A 1 178 TYR 178 271 271 TYR TYR A . n 
A 1 179 ASN 179 272 272 ASN ASN A . n 
A 1 180 THR 180 273 273 THR THR A . n 
A 1 181 ALA 181 274 274 ALA ALA A . n 
A 1 182 LEU 182 275 275 LEU LEU A . n 
A 1 183 GLU 183 276 276 GLU GLU A . n 
A 1 184 SER 184 277 277 SER SER A . n 
A 1 185 GLU 185 278 278 GLU GLU A . n 
A 1 186 ARG 186 279 279 ARG ARG A . n 
A 1 187 SER 187 280 280 SER SER A . n 
A 1 188 PHE 188 281 281 PHE PHE A . n 
A 1 189 LEU 189 282 282 LEU LEU A . n 
A 1 190 ARG 190 283 283 ARG ARG A . n 
A 1 191 PHE 191 284 284 PHE PHE A . n 
A 1 192 LEU 192 285 285 LEU LEU A . n 
A 1 193 GLU 193 286 286 GLU GLU A . n 
A 1 194 SER 194 287 287 SER SER A . n 
A 1 195 ALA 195 288 288 ALA ALA A . n 
A 1 196 ARG 196 289 289 ARG ARG A . n 
A 1 197 GLN 197 290 290 GLN GLN A . n 
A 1 198 ARG 198 291 291 ARG ARG A . n 
A 1 199 LEU 199 292 292 LEU LEU A . n 
A 1 200 ARG 200 293 293 ARG ARG A . n 
A 1 201 GLU 201 294 294 GLU GLU A . n 
A 1 202 LEU 202 295 295 LEU LEU A . n 
A 1 203 GLY 203 296 296 GLY GLY A . n 
A 1 204 ARG 204 297 ?   ?   ?   A . n 
A 1 205 GLN 205 298 ?   ?   ?   A . n 
A 1 206 ARG 206 299 ?   ?   ?   A . n 
A 1 207 PHE 207 300 ?   ?   ?   A . n 
A 1 208 ASP 208 301 ?   ?   ?   A . n 
A 1 209 ASP 209 302 ?   ?   ?   A . n 
A 1 210 ALA 210 303 ?   ?   ?   A . n 
A 1 211 PRO 211 304 ?   ?   ?   A . n 
A 1 212 ALA 212 305 ?   ?   ?   A . n 
A 1 213 TRP 213 306 ?   ?   ?   A . n 
A 1 214 GLN 214 307 ?   ?   ?   A . n 
A 1 215 PRO 215 308 ?   ?   ?   A . n 
A 1 216 SER 216 309 ?   ?   ?   A . n 
# 
loop_
_pdbx_nonpoly_scheme.asym_id 
_pdbx_nonpoly_scheme.entity_id 
_pdbx_nonpoly_scheme.mon_id 
_pdbx_nonpoly_scheme.ndb_seq_num 
_pdbx_nonpoly_scheme.pdb_seq_num 
_pdbx_nonpoly_scheme.auth_seq_num 
_pdbx_nonpoly_scheme.pdb_mon_id 
_pdbx_nonpoly_scheme.auth_mon_id 
_pdbx_nonpoly_scheme.pdb_strand_id 
_pdbx_nonpoly_scheme.pdb_ins_code 
B 2 QZN 1 401 297 QZN DRG A . 
C 3 HOH 1 501 298 HOH HOH A . 
# 
loop_
_pdbx_unobs_or_zero_occ_atoms.id 
_pdbx_unobs_or_zero_occ_atoms.PDB_model_num 
_pdbx_unobs_or_zero_occ_atoms.polymer_flag 
_pdbx_unobs_or_zero_occ_atoms.occupancy_flag 
_pdbx_unobs_or_zero_occ_atoms.auth_asym_id 
_pdbx_unobs_or_zero_occ_atoms.auth_comp_id 
_pdbx_unobs_or_zero_occ_atoms.auth_seq_id 
_pdbx_unobs_or_zero_occ_atoms.PDB_ins_code 
_pdbx_unobs_or_zero_occ_atoms.auth_atom_id 
_pdbx_unobs_or_zero_occ_atoms.label_alt_id 
_pdbx_unobs_or_zero_occ_atoms.label_asym_id 
_pdbx_unobs_or_zero_occ_atoms.label_comp_id 
_pdbx_unobs_or_zero_occ_atoms.label_seq_id 
_pdbx_unobs_or_zero_occ_atoms.label_atom_id 
1 1 Y 1 A ALA 230 ? O ? A ALA 137 O 
2 1 Y 1 A TYR 270 ? O ? A TYR 177 O 
# 
loop_
_software.name 
_software.classification 
_software.version 
_software.citation_id 
_software.pdbx_ordinal 
ADSC   'data collection' Quantum  ? 1 
SOLVE  phasing           .        ? 2 
REFMAC refinement        5.7.0029 ? 3 
XDS    'data reduction'  .        ? 4 
SCALA  'data scaling'    .        ? 5 
# 
_cell.entry_id           4JVI 
_cell.length_a           118.441 
_cell.length_b           118.441 
_cell.length_c           115.409 
_cell.angle_alpha        90.00 
_cell.angle_beta         90.00 
_cell.angle_gamma        120.00 
_cell.Z_PDB              12 
_cell.pdbx_unique_axis   ? 
_cell.length_a_esd       ? 
_cell.length_b_esd       ? 
_cell.length_c_esd       ? 
_cell.angle_alpha_esd    ? 
_cell.angle_beta_esd     ? 
_cell.angle_gamma_esd    ? 
# 
_symmetry.entry_id                         4JVI 
_symmetry.space_group_name_H-M             'P 65 2 2' 
_symmetry.pdbx_full_space_group_name_H-M   ? 
_symmetry.cell_setting                     ? 
_symmetry.Int_Tables_number                179 
_symmetry.space_group_name_Hall            ? 
# 
_exptl.entry_id          4JVI 
_exptl.method            'X-RAY DIFFRACTION' 
_exptl.crystals_number   1 
# 
_exptl_crystal.id                    1 
_exptl_crystal.density_meas          ? 
_exptl_crystal.density_Matthews      4.81 
_exptl_crystal.density_percent_sol   74.43 
_exptl_crystal.description           ? 
_exptl_crystal.F_000                 ? 
_exptl_crystal.preparation           ? 
# 
_exptl_crystal_grow.crystal_id      1 
_exptl_crystal_grow.method          'VAPOR DIFFUSION, SITTING DROP' 
_exptl_crystal_grow.temp            292 
_exptl_crystal_grow.temp_details    ? 
_exptl_crystal_grow.pH              6.0 
_exptl_crystal_grow.pdbx_details    
;0.1M Tri sodium citrate pH 6.0, 0.1M Ammonium acetate, 3% MPD 
, VAPOR DIFFUSION, SITTING DROP, temperature 292K
;
_exptl_crystal_grow.pdbx_pH_range   . 
# 
_diffrn.id                     1 
_diffrn.ambient_temp           100 
_diffrn.ambient_temp_details   ? 
_diffrn.crystal_id             1 
# 
_diffrn_detector.diffrn_id              1 
_diffrn_detector.detector               CCD 
_diffrn_detector.type                   'ADSC QUANTUM 315r' 
_diffrn_detector.pdbx_collection_date   2010-12-16 
_diffrn_detector.details                GRAPHITE 
# 
_diffrn_radiation.diffrn_id                        1 
_diffrn_radiation.wavelength_id                    1 
_diffrn_radiation.pdbx_monochromatic_or_laue_m_l   M 
_diffrn_radiation.monochromator                    GRAPHITE 
_diffrn_radiation.pdbx_diffrn_protocol             ? 
_diffrn_radiation.pdbx_scattering_type             x-ray 
# 
_diffrn_radiation_wavelength.id           1 
_diffrn_radiation_wavelength.wavelength   0.976250 
_diffrn_radiation_wavelength.wt           1.0 
# 
_diffrn_source.diffrn_id                   1 
_diffrn_source.source                      SYNCHROTRON 
_diffrn_source.type                        'ESRF BEAMLINE ID14-2' 
_diffrn_source.pdbx_synchrotron_site       ESRF 
_diffrn_source.pdbx_synchrotron_beamline   ID14-2 
_diffrn_source.pdbx_wavelength             ? 
_diffrn_source.pdbx_wavelength_list        0.976250 
# 
_reflns.entry_id                     4JVI 
_reflns.observed_criterion_sigma_I   1 
_reflns.observed_criterion_sigma_F   1 
_reflns.d_resolution_low             38.36 
_reflns.d_resolution_high            2.9 
_reflns.number_obs                   11028 
_reflns.number_all                   11633 
_reflns.percent_possible_obs         99.4 
_reflns.pdbx_Rmerge_I_obs            0.069 
_reflns.pdbx_Rsym_value              0.080 
_reflns.pdbx_netI_over_sigmaI        16 
_reflns.B_iso_Wilson_estimate        87.66 
_reflns.pdbx_redundancy              7.1 
_reflns.R_free_details               ? 
_reflns.limit_h_max                  ? 
_reflns.limit_h_min                  ? 
_reflns.limit_k_max                  ? 
_reflns.limit_k_min                  ? 
_reflns.limit_l_max                  ? 
_reflns.limit_l_min                  ? 
_reflns.observed_criterion_F_max     ? 
_reflns.observed_criterion_F_min     ? 
_reflns.pdbx_chi_squared             ? 
_reflns.pdbx_scaling_rejects         ? 
_reflns.pdbx_ordinal                 1 
_reflns.pdbx_diffrn_id               1 
_reflns.pdbx_CC_half                 ? 
_reflns.pdbx_Rpim_I_all              ? 
_reflns.pdbx_Rrim_I_all              ? 
# 
loop_
_reflns_shell.d_res_high 
_reflns_shell.d_res_low 
_reflns_shell.percent_possible_all 
_reflns_shell.Rmerge_I_obs 
_reflns_shell.pdbx_Rsym_value 
_reflns_shell.meanI_over_sigI_obs 
_reflns_shell.pdbx_redundancy 
_reflns_shell.percent_possible_obs 
_reflns_shell.number_unique_all 
_reflns_shell.number_measured_all 
_reflns_shell.number_measured_obs 
_reflns_shell.number_unique_obs 
_reflns_shell.pdbx_chi_squared 
_reflns_shell.pdbx_rejects 
_reflns_shell.pdbx_netI_over_sigmaI_obs 
_reflns_shell.number_possible 
_reflns_shell.Rmerge_F_all 
_reflns_shell.Rmerge_F_obs 
_reflns_shell.Rmerge_I_all 
_reflns_shell.meanI_over_sigI_all 
_reflns_shell.pdbx_Rrim_I_all 
_reflns_shell.pdbx_Rpim_I_all 
_reflns_shell.pdbx_ordinal 
_reflns_shell.pdbx_diffrn_id 
_reflns_shell.pdbx_CC_half 
2.9  2.98 100  ? ? ? ? ? ? ? ? ? ? ? ? ? ? ? ? ? ? ? 1 1 ? 
2.98 3.14 100  ? ? ? ? ? ? ? ? ? ? ? ? ? ? ? ? ? ? ? 2 1 ? 
3.14 3.18 99.9 ? ? ? ? ? ? ? ? ? ? ? ? ? ? ? ? ? ? ? 3 1 ? 
3.18 3.71 100  ? ? ? ? ? ? ? ? ? ? ? ? ? ? ? ? ? ? ? 4 1 ? 
3.71 4.10 100  ? ? ? ? ? ? ? ? ? ? ? ? ? ? ? ? ? ? ? 5 1 ? 
4.10 4.65 100  ? ? ? ? ? ? ? ? ? ? ? ? ? ? ? ? ? ? ? 6 1 ? 
4.65 5.50 100  ? ? ? ? ? ? ? ? ? ? ? ? ? ? ? ? ? ? ? 7 1 ? 
5.50 7.10 100  ? ? ? ? ? ? ? ? ? ? ? ? ? ? ? ? ? ? ? 8 1 ? 
7.10 12.3 85.6 ? ? ? ? ? ? ? ? ? ? ? ? ? ? ? ? ? ? ? 9 1 ? 
# 
_refine.entry_id                                 4JVI 
_refine.ls_number_reflns_obs                     10483 
_refine.ls_number_reflns_all                     ? 
_refine.pdbx_ls_sigma_I                          ? 
_refine.pdbx_ls_sigma_F                          ? 
_refine.pdbx_data_cutoff_high_absF               ? 
_refine.pdbx_data_cutoff_low_absF                ? 
_refine.pdbx_data_cutoff_high_rms_absF           ? 
_refine.ls_d_res_low                             30.00 
_refine.ls_d_res_high                            2.90 
_refine.ls_percent_reflns_obs                    99.20 
_refine.ls_R_factor_obs                          0.20678 
_refine.ls_R_factor_all                          ? 
_refine.ls_R_factor_R_work                       0.20410 
_refine.ls_R_factor_R_free                       0.26285 
_refine.ls_R_factor_R_free_error                 ? 
_refine.ls_R_factor_R_free_error_details         ? 
_refine.ls_percent_reflns_R_free                 4.8 
_refine.ls_number_reflns_R_free                  528 
_refine.ls_number_parameters                     ? 
_refine.ls_number_restraints                     ? 
_refine.occupancy_min                            ? 
_refine.occupancy_max                            ? 
_refine.correlation_coeff_Fo_to_Fc               0.952 
_refine.correlation_coeff_Fo_to_Fc_free          0.923 
_refine.B_iso_mean                               101.404 
_refine.aniso_B[1][1]                            3.20 
_refine.aniso_B[2][2]                            3.20 
_refine.aniso_B[3][3]                            -10.37 
_refine.aniso_B[1][2]                            3.20 
_refine.aniso_B[1][3]                            0.00 
_refine.aniso_B[2][3]                            0.00 
_refine.solvent_model_details                    MASK 
_refine.solvent_model_param_ksol                 ? 
_refine.solvent_model_param_bsol                 ? 
_refine.pdbx_solvent_vdw_probe_radii             1.20 
_refine.pdbx_solvent_ion_probe_radii             0.80 
_refine.pdbx_solvent_shrinkage_radii             0.80 
_refine.pdbx_ls_cross_valid_method               THROUGHOUT 
_refine.details                                  'HYDROGENS HAVE BEEN USED IF PRESENT IN THE INPUT' 
_refine.pdbx_starting_model                      ? 
_refine.pdbx_method_to_determine_struct          'MOLECULAR REPLACEMENT' 
_refine.pdbx_isotropic_thermal_model             ? 
_refine.pdbx_stereochemistry_target_values       'MAXIMUM LIKELIHOOD' 
_refine.pdbx_stereochem_target_val_spec_case     ? 
_refine.pdbx_R_Free_selection_details            RANDOM 
_refine.pdbx_overall_ESU_R                       0.383 
_refine.pdbx_overall_ESU_R_Free                  0.305 
_refine.overall_SU_ML                            0.236 
_refine.pdbx_overall_phase_error                 ? 
_refine.overall_SU_B                             12.256 
_refine.overall_SU_R_Cruickshank_DPI             ? 
_refine.ls_redundancy_reflns_obs                 ? 
_refine.B_iso_min                                ? 
_refine.B_iso_max                                ? 
_refine.overall_SU_R_free                        ? 
_refine.ls_wR_factor_R_free                      ? 
_refine.ls_wR_factor_R_work                      ? 
_refine.overall_FOM_free_R_set                   ? 
_refine.overall_FOM_work_R_set                   ? 
_refine.pdbx_diffrn_id                           1 
_refine.pdbx_refine_id                           'X-RAY DIFFRACTION' 
_refine.pdbx_TLS_residual_ADP_flag               ? 
_refine.pdbx_overall_SU_R_free_Cruickshank_DPI   ? 
_refine.pdbx_overall_SU_R_Blow_DPI               ? 
_refine.pdbx_overall_SU_R_free_Blow_DPI          ? 
# 
_refine_hist.pdbx_refine_id                   'X-RAY DIFFRACTION' 
_refine_hist.cycle_id                         LAST 
_refine_hist.pdbx_number_atoms_protein        1596 
_refine_hist.pdbx_number_atoms_nucleic_acid   0 
_refine_hist.pdbx_number_atoms_ligand         22 
_refine_hist.number_atoms_solvent             1 
_refine_hist.number_atoms_total               1619 
_refine_hist.d_res_high                       2.90 
_refine_hist.d_res_low                        30.00 
# 
loop_
_refine_ls_restr.type 
_refine_ls_restr.dev_ideal 
_refine_ls_restr.dev_ideal_target 
_refine_ls_restr.weight 
_refine_ls_restr.number 
_refine_ls_restr.pdbx_restraint_function 
_refine_ls_restr.pdbx_refine_id 
r_bond_refined_d       0.014  0.019  ? 1649 ? 'X-RAY DIFFRACTION' 
r_angle_refined_deg    2.029  1.982  ? 2236 ? 'X-RAY DIFFRACTION' 
r_dihedral_angle_1_deg 8.081  5.000  ? 202  ? 'X-RAY DIFFRACTION' 
r_dihedral_angle_2_deg 39.056 23.506 ? 77   ? 'X-RAY DIFFRACTION' 
r_dihedral_angle_3_deg 25.175 15.000 ? 275  ? 'X-RAY DIFFRACTION' 
r_dihedral_angle_4_deg 14.208 15.000 ? 14   ? 'X-RAY DIFFRACTION' 
r_chiral_restr         0.136  0.200  ? 256  ? 'X-RAY DIFFRACTION' 
r_gen_planes_refined   0.007  0.021  ? 1239 ? 'X-RAY DIFFRACTION' 
# 
_refine_ls_shell.pdbx_refine_id                   'X-RAY DIFFRACTION' 
_refine_ls_shell.pdbx_total_number_of_bins_used   20 
_refine_ls_shell.d_res_high                       2.900 
_refine_ls_shell.d_res_low                        2.975 
_refine_ls_shell.number_reflns_R_work             762 
_refine_ls_shell.R_factor_R_work                  0.364 
_refine_ls_shell.percent_reflns_obs               100.00 
_refine_ls_shell.R_factor_R_free                  0.443 
_refine_ls_shell.R_factor_R_free_error            ? 
_refine_ls_shell.percent_reflns_R_free            ? 
_refine_ls_shell.number_reflns_R_free             32 
_refine_ls_shell.number_reflns_all                ? 
_refine_ls_shell.R_factor_all                     ? 
_refine_ls_shell.number_reflns_obs                ? 
_refine_ls_shell.redundancy_reflns_obs            ? 
_refine_ls_shell.R_factor_obs                     ? 
# 
_struct.entry_id                  4JVI 
_struct.title                     
'Crystal structure of PqsR co-inducer binding domain of Pseudomonas aeruginosa with inhibitor 3NH2-7Cl-C9QZN' 
_struct.pdbx_model_details        ? 
_struct.pdbx_CASP_flag            ? 
_struct.pdbx_model_type_details   ? 
# 
_struct_keywords.entry_id        4JVI 
_struct_keywords.pdbx_keywords   'TRANSCRIPTION REGULATOR/INHIBITOR' 
_struct_keywords.text            'co-inducer binding, DNA, cytoplasmic, TRANSCRIPTION REGULATOR-INHIBITOR complex' 
# 
loop_
_struct_asym.id 
_struct_asym.pdbx_blank_PDB_chainid_flag 
_struct_asym.pdbx_modified 
_struct_asym.entity_id 
_struct_asym.details 
A N N 1 ? 
B N N 2 ? 
C N N 3 ? 
# 
_struct_ref.id                         1 
_struct_ref.db_name                    UNP 
_struct_ref.db_code                    Q02IG8_PSEAB 
_struct_ref.pdbx_db_accession          Q02IG8 
_struct_ref.entity_id                  1 
_struct_ref.pdbx_seq_one_letter_code   
;NLRVLLDTAIPPSFCDTVSSVLLDDFNMVSLIRTSPADSLATIKQDNAEIDIAITIDEELKISRFNQCVLGYTKAFVVAH
PQHPLCNASLHSIASLANYRQISLGSRSGQHSNLLRPVSDKVLFVENFDDMLRLVEAGVGWGIAPHYFVEERLRNGTLAV
LSELYEPGGIDTKVYCYYNTALESERSFLRFLESARQRLRELGRQRFDDAPAWQPS
;
_struct_ref.pdbx_align_begin           94 
_struct_ref.pdbx_db_isoform            ? 
# 
_struct_ref_seq.align_id                      1 
_struct_ref_seq.ref_id                        1 
_struct_ref_seq.pdbx_PDB_id_code              4JVI 
_struct_ref_seq.pdbx_strand_id                A 
_struct_ref_seq.seq_align_beg                 1 
_struct_ref_seq.pdbx_seq_align_beg_ins_code   ? 
_struct_ref_seq.seq_align_end                 216 
_struct_ref_seq.pdbx_seq_align_end_ins_code   ? 
_struct_ref_seq.pdbx_db_accession             Q02IG8 
_struct_ref_seq.db_align_beg                  94 
_struct_ref_seq.pdbx_db_align_beg_ins_code    ? 
_struct_ref_seq.db_align_end                  309 
_struct_ref_seq.pdbx_db_align_end_ins_code    ? 
_struct_ref_seq.pdbx_auth_seq_align_beg       94 
_struct_ref_seq.pdbx_auth_seq_align_end       309 
# 
_pdbx_struct_assembly.id                   1 
_pdbx_struct_assembly.details              author_and_software_defined_assembly 
_pdbx_struct_assembly.method_details       PISA 
_pdbx_struct_assembly.oligomeric_details   dimeric 
_pdbx_struct_assembly.oligomeric_count     2 
# 
loop_
_pdbx_struct_assembly_prop.biol_id 
_pdbx_struct_assembly_prop.type 
_pdbx_struct_assembly_prop.value 
_pdbx_struct_assembly_prop.details 
1 'ABSA (A^2)' 2380  ? 
1 MORE         -10   ? 
1 'SSA (A^2)'  18180 ? 
# 
_pdbx_struct_assembly_gen.assembly_id       1 
_pdbx_struct_assembly_gen.oper_expression   1,2 
_pdbx_struct_assembly_gen.asym_id_list      A,B,C 
# 
loop_
_pdbx_struct_oper_list.id 
_pdbx_struct_oper_list.type 
_pdbx_struct_oper_list.name 
_pdbx_struct_oper_list.symmetry_operation 
_pdbx_struct_oper_list.matrix[1][1] 
_pdbx_struct_oper_list.matrix[1][2] 
_pdbx_struct_oper_list.matrix[1][3] 
_pdbx_struct_oper_list.vector[1] 
_pdbx_struct_oper_list.matrix[2][1] 
_pdbx_struct_oper_list.matrix[2][2] 
_pdbx_struct_oper_list.matrix[2][3] 
_pdbx_struct_oper_list.vector[2] 
_pdbx_struct_oper_list.matrix[3][1] 
_pdbx_struct_oper_list.matrix[3][2] 
_pdbx_struct_oper_list.matrix[3][3] 
_pdbx_struct_oper_list.vector[3] 
1 'identity operation'         1_555 x,y,z          1.0000000000 0.0000000000 0.0000000000 0.0000000000 0.0000000000 1.0000000000  0.0000000000 0.0000000000   0.0000000000 0.0000000000 1.0000000000  0.0000000000 
2 'crystal symmetry operation' 9_555 -x,-x+y,-z+1/3 0.8303403381 0.3650773872 0.4210147554 3.8502309439 0.3650773872 -0.9271821224 0.0839750749 -24.4461245893 0.4210147554 0.0839750749 -0.9031582157 4.4594500860 
# 
loop_
_struct_conf.conf_type_id 
_struct_conf.id 
_struct_conf.pdbx_PDB_helix_id 
_struct_conf.beg_label_comp_id 
_struct_conf.beg_label_asym_id 
_struct_conf.beg_label_seq_id 
_struct_conf.pdbx_beg_PDB_ins_code 
_struct_conf.end_label_comp_id 
_struct_conf.end_label_asym_id 
_struct_conf.end_label_seq_id 
_struct_conf.pdbx_end_PDB_ins_code 
_struct_conf.beg_auth_comp_id 
_struct_conf.beg_auth_asym_id 
_struct_conf.beg_auth_seq_id 
_struct_conf.end_auth_comp_id 
_struct_conf.end_auth_asym_id 
_struct_conf.end_auth_seq_id 
_struct_conf.pdbx_PDB_helix_class 
_struct_conf.details 
_struct_conf.pdbx_PDB_helix_length 
HELX_P HELX_P1 1 PRO A 11  ? PHE A 26  ? PRO A 104 PHE A 119 1 ? 16 
HELX_P HELX_P2 2 ASP A 38  ? GLN A 45  ? ASP A 131 GLN A 138 1 ? 8  
HELX_P HELX_P3 3 SER A 89  ? LEU A 96  ? SER A 182 LEU A 189 1 ? 8  
HELX_P HELX_P4 4 ASN A 127 ? ALA A 137 ? ASN A 220 ALA A 230 1 ? 11 
HELX_P HELX_P5 5 HIS A 146 ? GLY A 156 ? HIS A 239 GLY A 249 1 ? 11 
HELX_P HELX_P6 6 ASN A 179 ? SER A 184 ? ASN A 272 SER A 277 5 ? 6  
HELX_P HELX_P7 7 GLU A 185 ? GLY A 203 ? GLU A 278 GLY A 296 1 ? 19 
# 
_struct_conf_type.id          HELX_P 
_struct_conf_type.criteria    ? 
_struct_conf_type.reference   ? 
# 
loop_
_struct_mon_prot_cis.pdbx_id 
_struct_mon_prot_cis.label_comp_id 
_struct_mon_prot_cis.label_seq_id 
_struct_mon_prot_cis.label_asym_id 
_struct_mon_prot_cis.label_alt_id 
_struct_mon_prot_cis.pdbx_PDB_ins_code 
_struct_mon_prot_cis.auth_comp_id 
_struct_mon_prot_cis.auth_seq_id 
_struct_mon_prot_cis.auth_asym_id 
_struct_mon_prot_cis.pdbx_label_comp_id_2 
_struct_mon_prot_cis.pdbx_label_seq_id_2 
_struct_mon_prot_cis.pdbx_label_asym_id_2 
_struct_mon_prot_cis.pdbx_PDB_ins_code_2 
_struct_mon_prot_cis.pdbx_auth_comp_id_2 
_struct_mon_prot_cis.pdbx_auth_seq_id_2 
_struct_mon_prot_cis.pdbx_auth_asym_id_2 
_struct_mon_prot_cis.pdbx_PDB_model_num 
_struct_mon_prot_cis.pdbx_omega_angle 
1 ASP 120 A . ? ASP 213 A LYS 121 A ? LYS 214 A 1 -0.54 
2 ALA 137 A . ? ALA 230 A GLY 138 A ? GLY 231 A 1 7.43  
# 
loop_
_struct_sheet.id 
_struct_sheet.type 
_struct_sheet.number_strands 
_struct_sheet.details 
A ? 6 ? 
B ? 6 ? 
C ? 2 ? 
# 
loop_
_struct_sheet_order.sheet_id 
_struct_sheet_order.range_id_1 
_struct_sheet_order.range_id_2 
_struct_sheet_order.offset 
_struct_sheet_order.sense 
A 1 2 ? parallel      
A 2 3 ? parallel      
A 3 4 ? anti-parallel 
A 4 5 ? anti-parallel 
A 5 6 ? anti-parallel 
B 1 2 ? parallel      
B 2 3 ? parallel      
B 3 4 ? anti-parallel 
B 4 5 ? anti-parallel 
B 5 6 ? anti-parallel 
C 1 2 ? parallel      
# 
loop_
_struct_sheet_range.sheet_id 
_struct_sheet_range.id 
_struct_sheet_range.beg_label_comp_id 
_struct_sheet_range.beg_label_asym_id 
_struct_sheet_range.beg_label_seq_id 
_struct_sheet_range.pdbx_beg_PDB_ins_code 
_struct_sheet_range.end_label_comp_id 
_struct_sheet_range.end_label_asym_id 
_struct_sheet_range.end_label_seq_id 
_struct_sheet_range.pdbx_end_PDB_ins_code 
_struct_sheet_range.beg_auth_comp_id 
_struct_sheet_range.beg_auth_asym_id 
_struct_sheet_range.beg_auth_seq_id 
_struct_sheet_range.end_auth_comp_id 
_struct_sheet_range.end_auth_asym_id 
_struct_sheet_range.end_auth_seq_id 
A 1 VAL A 29  ? THR A 34  ? VAL A 122 THR A 127 
A 2 LEU A 2   ? ASP A 7   ? LEU A 95  ASP A 100 
A 3 ILE A 52  ? THR A 55  ? ILE A 145 THR A 148 
A 4 ILE A 170 ? CYS A 176 ? ILE A 263 CYS A 269 
A 5 VAL A 69  ? ALA A 79  ? VAL A 162 ALA A 172 
A 6 GLY A 142 ? PRO A 145 ? GLY A 235 PRO A 238 
B 1 VAL A 29  ? THR A 34  ? VAL A 122 THR A 127 
B 2 LEU A 2   ? ASP A 7   ? LEU A 95  ASP A 100 
B 3 ILE A 52  ? THR A 55  ? ILE A 145 THR A 148 
B 4 ILE A 170 ? CYS A 176 ? ILE A 263 CYS A 269 
B 5 VAL A 69  ? ALA A 79  ? VAL A 162 ALA A 172 
B 6 ALA A 159 ? VAL A 160 ? ALA A 252 VAL A 253 
C 1 GLN A 101 ? LEU A 104 ? GLN A 194 LEU A 197 
C 2 VAL A 122 ? VAL A 125 ? VAL A 215 VAL A 218 
# 
loop_
_pdbx_struct_sheet_hbond.sheet_id 
_pdbx_struct_sheet_hbond.range_id_1 
_pdbx_struct_sheet_hbond.range_id_2 
_pdbx_struct_sheet_hbond.range_1_label_atom_id 
_pdbx_struct_sheet_hbond.range_1_label_comp_id 
_pdbx_struct_sheet_hbond.range_1_label_asym_id 
_pdbx_struct_sheet_hbond.range_1_label_seq_id 
_pdbx_struct_sheet_hbond.range_1_PDB_ins_code 
_pdbx_struct_sheet_hbond.range_1_auth_atom_id 
_pdbx_struct_sheet_hbond.range_1_auth_comp_id 
_pdbx_struct_sheet_hbond.range_1_auth_asym_id 
_pdbx_struct_sheet_hbond.range_1_auth_seq_id 
_pdbx_struct_sheet_hbond.range_2_label_atom_id 
_pdbx_struct_sheet_hbond.range_2_label_comp_id 
_pdbx_struct_sheet_hbond.range_2_label_asym_id 
_pdbx_struct_sheet_hbond.range_2_label_seq_id 
_pdbx_struct_sheet_hbond.range_2_PDB_ins_code 
_pdbx_struct_sheet_hbond.range_2_auth_atom_id 
_pdbx_struct_sheet_hbond.range_2_auth_comp_id 
_pdbx_struct_sheet_hbond.range_2_auth_asym_id 
_pdbx_struct_sheet_hbond.range_2_auth_seq_id 
A 1 2 O SER A 30  ? O SER A 123 N VAL A 4   ? N VAL A 97  
A 2 3 N LEU A 5   ? N LEU A 98  O ILE A 52  ? O ILE A 145 
A 3 4 N THR A 55  ? N THR A 148 O TYR A 175 ? O TYR A 268 
A 4 5 O VAL A 174 ? O VAL A 267 N GLY A 71  ? N GLY A 164 
A 5 6 N VAL A 78  ? N VAL A 171 O GLY A 142 ? O GLY A 235 
B 1 2 O SER A 30  ? O SER A 123 N VAL A 4   ? N VAL A 97  
B 2 3 N LEU A 5   ? N LEU A 98  O ILE A 52  ? O ILE A 145 
B 3 4 N THR A 55  ? N THR A 148 O TYR A 175 ? O TYR A 268 
B 4 5 O VAL A 174 ? O VAL A 267 N GLY A 71  ? N GLY A 164 
B 5 6 N ALA A 79  ? N ALA A 172 O ALA A 159 ? O ALA A 252 
C 1 2 N GLN A 101 ? N GLN A 194 O LEU A 123 ? O LEU A 216 
# 
_struct_site.id                   AC1 
_struct_site.pdbx_evidence_code   Software 
_struct_site.pdbx_auth_asym_id    A 
_struct_site.pdbx_auth_comp_id    QZN 
_struct_site.pdbx_auth_seq_id     401 
_struct_site.pdbx_auth_ins_code   ? 
_struct_site.pdbx_num_residues    7 
_struct_site.details              'BINDING SITE FOR RESIDUE QZN A 401' 
# 
loop_
_struct_site_gen.id 
_struct_site_gen.site_id 
_struct_site_gen.pdbx_num_res 
_struct_site_gen.label_comp_id 
_struct_site_gen.label_asym_id 
_struct_site_gen.label_seq_id 
_struct_site_gen.pdbx_auth_ins_code 
_struct_site_gen.auth_comp_id 
_struct_site_gen.auth_asym_id 
_struct_site_gen.auth_seq_id 
_struct_site_gen.label_atom_id 
_struct_site_gen.label_alt_id 
_struct_site_gen.symmetry 
_struct_site_gen.details 
1 AC1 7 ILE A 56  ? ILE A 149 . ? 1_555 ? 
2 AC1 7 ALA A 75  ? ALA A 168 . ? 1_555 ? 
3 AC1 7 LEU A 114 ? LEU A 207 . ? 1_555 ? 
4 AC1 7 LEU A 115 ? LEU A 208 . ? 1_555 ? 
5 AC1 7 ILE A 143 ? ILE A 236 . ? 1_555 ? 
6 AC1 7 THR A 172 ? THR A 265 . ? 1_555 ? 
7 AC1 7 HOH C .   ? HOH A 501 . ? 1_555 ? 
# 
loop_
_pdbx_validate_close_contact.id 
_pdbx_validate_close_contact.PDB_model_num 
_pdbx_validate_close_contact.auth_atom_id_1 
_pdbx_validate_close_contact.auth_asym_id_1 
_pdbx_validate_close_contact.auth_comp_id_1 
_pdbx_validate_close_contact.auth_seq_id_1 
_pdbx_validate_close_contact.PDB_ins_code_1 
_pdbx_validate_close_contact.label_alt_id_1 
_pdbx_validate_close_contact.auth_atom_id_2 
_pdbx_validate_close_contact.auth_asym_id_2 
_pdbx_validate_close_contact.auth_comp_id_2 
_pdbx_validate_close_contact.auth_seq_id_2 
_pdbx_validate_close_contact.PDB_ins_code_2 
_pdbx_validate_close_contact.label_alt_id_2 
_pdbx_validate_close_contact.dist 
1 1 O   A VAL 162 ? ? NH1 A ARG 289 ? ? 1.95 
2 1 O   A ASN 180 ? ? OG  A SER 182 ? ? 2.12 
3 1 OD2 A ASP 139 ? ? NH2 A ARG 157 ? ? 2.16 
# 
loop_
_pdbx_validate_symm_contact.id 
_pdbx_validate_symm_contact.PDB_model_num 
_pdbx_validate_symm_contact.auth_atom_id_1 
_pdbx_validate_symm_contact.auth_asym_id_1 
_pdbx_validate_symm_contact.auth_comp_id_1 
_pdbx_validate_symm_contact.auth_seq_id_1 
_pdbx_validate_symm_contact.PDB_ins_code_1 
_pdbx_validate_symm_contact.label_alt_id_1 
_pdbx_validate_symm_contact.site_symmetry_1 
_pdbx_validate_symm_contact.auth_atom_id_2 
_pdbx_validate_symm_contact.auth_asym_id_2 
_pdbx_validate_symm_contact.auth_comp_id_2 
_pdbx_validate_symm_contact.auth_seq_id_2 
_pdbx_validate_symm_contact.PDB_ins_code_2 
_pdbx_validate_symm_contact.label_alt_id_2 
_pdbx_validate_symm_contact.site_symmetry_2 
_pdbx_validate_symm_contact.dist 
1 1 OH A TYR 165 ? ? 1_555 OE2 A GLU 259 ? ? 9_555 1.72 
2 1 O  A LEU 257 ? ? 1_555 NH2 A ARG 289 ? ? 9_555 1.80 
# 
_pdbx_validate_torsion.id              1 
_pdbx_validate_torsion.PDB_model_num   1 
_pdbx_validate_torsion.auth_comp_id    ASN 
_pdbx_validate_torsion.auth_asym_id    A 
_pdbx_validate_torsion.auth_seq_id     180 
_pdbx_validate_torsion.PDB_ins_code    ? 
_pdbx_validate_torsion.label_alt_id    ? 
_pdbx_validate_torsion.phi             62.22 
_pdbx_validate_torsion.psi             -120.50 
# 
loop_
_pdbx_unobs_or_zero_occ_residues.id 
_pdbx_unobs_or_zero_occ_residues.PDB_model_num 
_pdbx_unobs_or_zero_occ_residues.polymer_flag 
_pdbx_unobs_or_zero_occ_residues.occupancy_flag 
_pdbx_unobs_or_zero_occ_residues.auth_asym_id 
_pdbx_unobs_or_zero_occ_residues.auth_comp_id 
_pdbx_unobs_or_zero_occ_residues.auth_seq_id 
_pdbx_unobs_or_zero_occ_residues.PDB_ins_code 
_pdbx_unobs_or_zero_occ_residues.label_asym_id 
_pdbx_unobs_or_zero_occ_residues.label_comp_id 
_pdbx_unobs_or_zero_occ_residues.label_seq_id 
1  1 Y 1 A ARG 297 ? A ARG 204 
2  1 Y 1 A GLN 298 ? A GLN 205 
3  1 Y 1 A ARG 299 ? A ARG 206 
4  1 Y 1 A PHE 300 ? A PHE 207 
5  1 Y 1 A ASP 301 ? A ASP 208 
6  1 Y 1 A ASP 302 ? A ASP 209 
7  1 Y 1 A ALA 303 ? A ALA 210 
8  1 Y 1 A PRO 304 ? A PRO 211 
9  1 Y 1 A ALA 305 ? A ALA 212 
10 1 Y 1 A TRP 306 ? A TRP 213 
11 1 Y 1 A GLN 307 ? A GLN 214 
12 1 Y 1 A PRO 308 ? A PRO 215 
13 1 Y 1 A SER 309 ? A SER 216 
# 
loop_
_chem_comp_atom.comp_id 
_chem_comp_atom.atom_id 
_chem_comp_atom.type_symbol 
_chem_comp_atom.pdbx_aromatic_flag 
_chem_comp_atom.pdbx_stereo_config 
_chem_comp_atom.pdbx_ordinal 
ALA N    N  N N 1   
ALA CA   C  N S 2   
ALA C    C  N N 3   
ALA O    O  N N 4   
ALA CB   C  N N 5   
ALA OXT  O  N N 6   
ALA H    H  N N 7   
ALA H2   H  N N 8   
ALA HA   H  N N 9   
ALA HB1  H  N N 10  
ALA HB2  H  N N 11  
ALA HB3  H  N N 12  
ALA HXT  H  N N 13  
ARG N    N  N N 14  
ARG CA   C  N S 15  
ARG C    C  N N 16  
ARG O    O  N N 17  
ARG CB   C  N N 18  
ARG CG   C  N N 19  
ARG CD   C  N N 20  
ARG NE   N  N N 21  
ARG CZ   C  N N 22  
ARG NH1  N  N N 23  
ARG NH2  N  N N 24  
ARG OXT  O  N N 25  
ARG H    H  N N 26  
ARG H2   H  N N 27  
ARG HA   H  N N 28  
ARG HB2  H  N N 29  
ARG HB3  H  N N 30  
ARG HG2  H  N N 31  
ARG HG3  H  N N 32  
ARG HD2  H  N N 33  
ARG HD3  H  N N 34  
ARG HE   H  N N 35  
ARG HH11 H  N N 36  
ARG HH12 H  N N 37  
ARG HH21 H  N N 38  
ARG HH22 H  N N 39  
ARG HXT  H  N N 40  
ASN N    N  N N 41  
ASN CA   C  N S 42  
ASN C    C  N N 43  
ASN O    O  N N 44  
ASN CB   C  N N 45  
ASN CG   C  N N 46  
ASN OD1  O  N N 47  
ASN ND2  N  N N 48  
ASN OXT  O  N N 49  
ASN H    H  N N 50  
ASN H2   H  N N 51  
ASN HA   H  N N 52  
ASN HB2  H  N N 53  
ASN HB3  H  N N 54  
ASN HD21 H  N N 55  
ASN HD22 H  N N 56  
ASN HXT  H  N N 57  
ASP N    N  N N 58  
ASP CA   C  N S 59  
ASP C    C  N N 60  
ASP O    O  N N 61  
ASP CB   C  N N 62  
ASP CG   C  N N 63  
ASP OD1  O  N N 64  
ASP OD2  O  N N 65  
ASP OXT  O  N N 66  
ASP H    H  N N 67  
ASP H2   H  N N 68  
ASP HA   H  N N 69  
ASP HB2  H  N N 70  
ASP HB3  H  N N 71  
ASP HD2  H  N N 72  
ASP HXT  H  N N 73  
CYS N    N  N N 74  
CYS CA   C  N R 75  
CYS C    C  N N 76  
CYS O    O  N N 77  
CYS CB   C  N N 78  
CYS SG   S  N N 79  
CYS OXT  O  N N 80  
CYS H    H  N N 81  
CYS H2   H  N N 82  
CYS HA   H  N N 83  
CYS HB2  H  N N 84  
CYS HB3  H  N N 85  
CYS HG   H  N N 86  
CYS HXT  H  N N 87  
GLN N    N  N N 88  
GLN CA   C  N S 89  
GLN C    C  N N 90  
GLN O    O  N N 91  
GLN CB   C  N N 92  
GLN CG   C  N N 93  
GLN CD   C  N N 94  
GLN OE1  O  N N 95  
GLN NE2  N  N N 96  
GLN OXT  O  N N 97  
GLN H    H  N N 98  
GLN H2   H  N N 99  
GLN HA   H  N N 100 
GLN HB2  H  N N 101 
GLN HB3  H  N N 102 
GLN HG2  H  N N 103 
GLN HG3  H  N N 104 
GLN HE21 H  N N 105 
GLN HE22 H  N N 106 
GLN HXT  H  N N 107 
GLU N    N  N N 108 
GLU CA   C  N S 109 
GLU C    C  N N 110 
GLU O    O  N N 111 
GLU CB   C  N N 112 
GLU CG   C  N N 113 
GLU CD   C  N N 114 
GLU OE1  O  N N 115 
GLU OE2  O  N N 116 
GLU OXT  O  N N 117 
GLU H    H  N N 118 
GLU H2   H  N N 119 
GLU HA   H  N N 120 
GLU HB2  H  N N 121 
GLU HB3  H  N N 122 
GLU HG2  H  N N 123 
GLU HG3  H  N N 124 
GLU HE2  H  N N 125 
GLU HXT  H  N N 126 
GLY N    N  N N 127 
GLY CA   C  N N 128 
GLY C    C  N N 129 
GLY O    O  N N 130 
GLY OXT  O  N N 131 
GLY H    H  N N 132 
GLY H2   H  N N 133 
GLY HA2  H  N N 134 
GLY HA3  H  N N 135 
GLY HXT  H  N N 136 
HIS N    N  N N 137 
HIS CA   C  N S 138 
HIS C    C  N N 139 
HIS O    O  N N 140 
HIS CB   C  N N 141 
HIS CG   C  Y N 142 
HIS ND1  N  Y N 143 
HIS CD2  C  Y N 144 
HIS CE1  C  Y N 145 
HIS NE2  N  Y N 146 
HIS OXT  O  N N 147 
HIS H    H  N N 148 
HIS H2   H  N N 149 
HIS HA   H  N N 150 
HIS HB2  H  N N 151 
HIS HB3  H  N N 152 
HIS HD1  H  N N 153 
HIS HD2  H  N N 154 
HIS HE1  H  N N 155 
HIS HE2  H  N N 156 
HIS HXT  H  N N 157 
HOH O    O  N N 158 
HOH H1   H  N N 159 
HOH H2   H  N N 160 
ILE N    N  N N 161 
ILE CA   C  N S 162 
ILE C    C  N N 163 
ILE O    O  N N 164 
ILE CB   C  N S 165 
ILE CG1  C  N N 166 
ILE CG2  C  N N 167 
ILE CD1  C  N N 168 
ILE OXT  O  N N 169 
ILE H    H  N N 170 
ILE H2   H  N N 171 
ILE HA   H  N N 172 
ILE HB   H  N N 173 
ILE HG12 H  N N 174 
ILE HG13 H  N N 175 
ILE HG21 H  N N 176 
ILE HG22 H  N N 177 
ILE HG23 H  N N 178 
ILE HD11 H  N N 179 
ILE HD12 H  N N 180 
ILE HD13 H  N N 181 
ILE HXT  H  N N 182 
LEU N    N  N N 183 
LEU CA   C  N S 184 
LEU C    C  N N 185 
LEU O    O  N N 186 
LEU CB   C  N N 187 
LEU CG   C  N N 188 
LEU CD1  C  N N 189 
LEU CD2  C  N N 190 
LEU OXT  O  N N 191 
LEU H    H  N N 192 
LEU H2   H  N N 193 
LEU HA   H  N N 194 
LEU HB2  H  N N 195 
LEU HB3  H  N N 196 
LEU HG   H  N N 197 
LEU HD11 H  N N 198 
LEU HD12 H  N N 199 
LEU HD13 H  N N 200 
LEU HD21 H  N N 201 
LEU HD22 H  N N 202 
LEU HD23 H  N N 203 
LEU HXT  H  N N 204 
LYS N    N  N N 205 
LYS CA   C  N S 206 
LYS C    C  N N 207 
LYS O    O  N N 208 
LYS CB   C  N N 209 
LYS CG   C  N N 210 
LYS CD   C  N N 211 
LYS CE   C  N N 212 
LYS NZ   N  N N 213 
LYS OXT  O  N N 214 
LYS H    H  N N 215 
LYS H2   H  N N 216 
LYS HA   H  N N 217 
LYS HB2  H  N N 218 
LYS HB3  H  N N 219 
LYS HG2  H  N N 220 
LYS HG3  H  N N 221 
LYS HD2  H  N N 222 
LYS HD3  H  N N 223 
LYS HE2  H  N N 224 
LYS HE3  H  N N 225 
LYS HZ1  H  N N 226 
LYS HZ2  H  N N 227 
LYS HZ3  H  N N 228 
LYS HXT  H  N N 229 
MET N    N  N N 230 
MET CA   C  N S 231 
MET C    C  N N 232 
MET O    O  N N 233 
MET CB   C  N N 234 
MET CG   C  N N 235 
MET SD   S  N N 236 
MET CE   C  N N 237 
MET OXT  O  N N 238 
MET H    H  N N 239 
MET H2   H  N N 240 
MET HA   H  N N 241 
MET HB2  H  N N 242 
MET HB3  H  N N 243 
MET HG2  H  N N 244 
MET HG3  H  N N 245 
MET HE1  H  N N 246 
MET HE2  H  N N 247 
MET HE3  H  N N 248 
MET HXT  H  N N 249 
PHE N    N  N N 250 
PHE CA   C  N S 251 
PHE C    C  N N 252 
PHE O    O  N N 253 
PHE CB   C  N N 254 
PHE CG   C  Y N 255 
PHE CD1  C  Y N 256 
PHE CD2  C  Y N 257 
PHE CE1  C  Y N 258 
PHE CE2  C  Y N 259 
PHE CZ   C  Y N 260 
PHE OXT  O  N N 261 
PHE H    H  N N 262 
PHE H2   H  N N 263 
PHE HA   H  N N 264 
PHE HB2  H  N N 265 
PHE HB3  H  N N 266 
PHE HD1  H  N N 267 
PHE HD2  H  N N 268 
PHE HE1  H  N N 269 
PHE HE2  H  N N 270 
PHE HZ   H  N N 271 
PHE HXT  H  N N 272 
PRO N    N  N N 273 
PRO CA   C  N S 274 
PRO C    C  N N 275 
PRO O    O  N N 276 
PRO CB   C  N N 277 
PRO CG   C  N N 278 
PRO CD   C  N N 279 
PRO OXT  O  N N 280 
PRO H    H  N N 281 
PRO HA   H  N N 282 
PRO HB2  H  N N 283 
PRO HB3  H  N N 284 
PRO HG2  H  N N 285 
PRO HG3  H  N N 286 
PRO HD2  H  N N 287 
PRO HD3  H  N N 288 
PRO HXT  H  N N 289 
QZN CAA  C  N N 290 
QZN CAH  C  N N 291 
QZN CAI  C  N N 292 
QZN CAJ  C  N N 293 
QZN CAK  C  N N 294 
QZN CAL  C  N N 295 
QZN CAM  C  N N 296 
QZN CAN  C  N N 297 
QZN CAO  C  N N 298 
QZN CAR  C  N N 299 
QZN NAP  N  N N 300 
QZN CAT  C  Y N 301 
QZN CAG  C  Y N 302 
QZN CAQ  C  Y N 303 
QZN CL   CL N N 304 
QZN CAE  C  Y N 305 
QZN CAF  C  Y N 306 
QZN CAU  C  Y N 307 
QZN CAS  C  N N 308 
QZN OAC  O  N N 309 
QZN NAV  N  N N 310 
QZN NAB  N  N N 311 
QZN H1   H  N N 312 
QZN H2   H  N N 313 
QZN H3   H  N N 314 
QZN H4   H  N N 315 
QZN H5   H  N N 316 
QZN H6   H  N N 317 
QZN H7   H  N N 318 
QZN H8   H  N N 319 
QZN H9   H  N N 320 
QZN H10  H  N N 321 
QZN H11  H  N N 322 
QZN H12  H  N N 323 
QZN H13  H  N N 324 
QZN H14  H  N N 325 
QZN H15  H  N N 326 
QZN H16  H  N N 327 
QZN H17  H  N N 328 
QZN H18  H  N N 329 
QZN H19  H  N N 330 
QZN H20  H  N N 331 
QZN H21  H  N N 332 
QZN H22  H  N N 333 
QZN H23  H  N N 334 
QZN H24  H  N N 335 
SER N    N  N N 336 
SER CA   C  N S 337 
SER C    C  N N 338 
SER O    O  N N 339 
SER CB   C  N N 340 
SER OG   O  N N 341 
SER OXT  O  N N 342 
SER H    H  N N 343 
SER H2   H  N N 344 
SER HA   H  N N 345 
SER HB2  H  N N 346 
SER HB3  H  N N 347 
SER HG   H  N N 348 
SER HXT  H  N N 349 
THR N    N  N N 350 
THR CA   C  N S 351 
THR C    C  N N 352 
THR O    O  N N 353 
THR CB   C  N R 354 
THR OG1  O  N N 355 
THR CG2  C  N N 356 
THR OXT  O  N N 357 
THR H    H  N N 358 
THR H2   H  N N 359 
THR HA   H  N N 360 
THR HB   H  N N 361 
THR HG1  H  N N 362 
THR HG21 H  N N 363 
THR HG22 H  N N 364 
THR HG23 H  N N 365 
THR HXT  H  N N 366 
TRP N    N  N N 367 
TRP CA   C  N S 368 
TRP C    C  N N 369 
TRP O    O  N N 370 
TRP CB   C  N N 371 
TRP CG   C  Y N 372 
TRP CD1  C  Y N 373 
TRP CD2  C  Y N 374 
TRP NE1  N  Y N 375 
TRP CE2  C  Y N 376 
TRP CE3  C  Y N 377 
TRP CZ2  C  Y N 378 
TRP CZ3  C  Y N 379 
TRP CH2  C  Y N 380 
TRP OXT  O  N N 381 
TRP H    H  N N 382 
TRP H2   H  N N 383 
TRP HA   H  N N 384 
TRP HB2  H  N N 385 
TRP HB3  H  N N 386 
TRP HD1  H  N N 387 
TRP HE1  H  N N 388 
TRP HE3  H  N N 389 
TRP HZ2  H  N N 390 
TRP HZ3  H  N N 391 
TRP HH2  H  N N 392 
TRP HXT  H  N N 393 
TYR N    N  N N 394 
TYR CA   C  N S 395 
TYR C    C  N N 396 
TYR O    O  N N 397 
TYR CB   C  N N 398 
TYR CG   C  Y N 399 
TYR CD1  C  Y N 400 
TYR CD2  C  Y N 401 
TYR CE1  C  Y N 402 
TYR CE2  C  Y N 403 
TYR CZ   C  Y N 404 
TYR OH   O  N N 405 
TYR OXT  O  N N 406 
TYR H    H  N N 407 
TYR H2   H  N N 408 
TYR HA   H  N N 409 
TYR HB2  H  N N 410 
TYR HB3  H  N N 411 
TYR HD1  H  N N 412 
TYR HD2  H  N N 413 
TYR HE1  H  N N 414 
TYR HE2  H  N N 415 
TYR HH   H  N N 416 
TYR HXT  H  N N 417 
VAL N    N  N N 418 
VAL CA   C  N S 419 
VAL C    C  N N 420 
VAL O    O  N N 421 
VAL CB   C  N N 422 
VAL CG1  C  N N 423 
VAL CG2  C  N N 424 
VAL OXT  O  N N 425 
VAL H    H  N N 426 
VAL H2   H  N N 427 
VAL HA   H  N N 428 
VAL HB   H  N N 429 
VAL HG11 H  N N 430 
VAL HG12 H  N N 431 
VAL HG13 H  N N 432 
VAL HG21 H  N N 433 
VAL HG22 H  N N 434 
VAL HG23 H  N N 435 
VAL HXT  H  N N 436 
# 
loop_
_chem_comp_bond.comp_id 
_chem_comp_bond.atom_id_1 
_chem_comp_bond.atom_id_2 
_chem_comp_bond.value_order 
_chem_comp_bond.pdbx_aromatic_flag 
_chem_comp_bond.pdbx_stereo_config 
_chem_comp_bond.pdbx_ordinal 
ALA N   CA   sing N N 1   
ALA N   H    sing N N 2   
ALA N   H2   sing N N 3   
ALA CA  C    sing N N 4   
ALA CA  CB   sing N N 5   
ALA CA  HA   sing N N 6   
ALA C   O    doub N N 7   
ALA C   OXT  sing N N 8   
ALA CB  HB1  sing N N 9   
ALA CB  HB2  sing N N 10  
ALA CB  HB3  sing N N 11  
ALA OXT HXT  sing N N 12  
ARG N   CA   sing N N 13  
ARG N   H    sing N N 14  
ARG N   H2   sing N N 15  
ARG CA  C    sing N N 16  
ARG CA  CB   sing N N 17  
ARG CA  HA   sing N N 18  
ARG C   O    doub N N 19  
ARG C   OXT  sing N N 20  
ARG CB  CG   sing N N 21  
ARG CB  HB2  sing N N 22  
ARG CB  HB3  sing N N 23  
ARG CG  CD   sing N N 24  
ARG CG  HG2  sing N N 25  
ARG CG  HG3  sing N N 26  
ARG CD  NE   sing N N 27  
ARG CD  HD2  sing N N 28  
ARG CD  HD3  sing N N 29  
ARG NE  CZ   sing N N 30  
ARG NE  HE   sing N N 31  
ARG CZ  NH1  sing N N 32  
ARG CZ  NH2  doub N N 33  
ARG NH1 HH11 sing N N 34  
ARG NH1 HH12 sing N N 35  
ARG NH2 HH21 sing N N 36  
ARG NH2 HH22 sing N N 37  
ARG OXT HXT  sing N N 38  
ASN N   CA   sing N N 39  
ASN N   H    sing N N 40  
ASN N   H2   sing N N 41  
ASN CA  C    sing N N 42  
ASN CA  CB   sing N N 43  
ASN CA  HA   sing N N 44  
ASN C   O    doub N N 45  
ASN C   OXT  sing N N 46  
ASN CB  CG   sing N N 47  
ASN CB  HB2  sing N N 48  
ASN CB  HB3  sing N N 49  
ASN CG  OD1  doub N N 50  
ASN CG  ND2  sing N N 51  
ASN ND2 HD21 sing N N 52  
ASN ND2 HD22 sing N N 53  
ASN OXT HXT  sing N N 54  
ASP N   CA   sing N N 55  
ASP N   H    sing N N 56  
ASP N   H2   sing N N 57  
ASP CA  C    sing N N 58  
ASP CA  CB   sing N N 59  
ASP CA  HA   sing N N 60  
ASP C   O    doub N N 61  
ASP C   OXT  sing N N 62  
ASP CB  CG   sing N N 63  
ASP CB  HB2  sing N N 64  
ASP CB  HB3  sing N N 65  
ASP CG  OD1  doub N N 66  
ASP CG  OD2  sing N N 67  
ASP OD2 HD2  sing N N 68  
ASP OXT HXT  sing N N 69  
CYS N   CA   sing N N 70  
CYS N   H    sing N N 71  
CYS N   H2   sing N N 72  
CYS CA  C    sing N N 73  
CYS CA  CB   sing N N 74  
CYS CA  HA   sing N N 75  
CYS C   O    doub N N 76  
CYS C   OXT  sing N N 77  
CYS CB  SG   sing N N 78  
CYS CB  HB2  sing N N 79  
CYS CB  HB3  sing N N 80  
CYS SG  HG   sing N N 81  
CYS OXT HXT  sing N N 82  
GLN N   CA   sing N N 83  
GLN N   H    sing N N 84  
GLN N   H2   sing N N 85  
GLN CA  C    sing N N 86  
GLN CA  CB   sing N N 87  
GLN CA  HA   sing N N 88  
GLN C   O    doub N N 89  
GLN C   OXT  sing N N 90  
GLN CB  CG   sing N N 91  
GLN CB  HB2  sing N N 92  
GLN CB  HB3  sing N N 93  
GLN CG  CD   sing N N 94  
GLN CG  HG2  sing N N 95  
GLN CG  HG3  sing N N 96  
GLN CD  OE1  doub N N 97  
GLN CD  NE2  sing N N 98  
GLN NE2 HE21 sing N N 99  
GLN NE2 HE22 sing N N 100 
GLN OXT HXT  sing N N 101 
GLU N   CA   sing N N 102 
GLU N   H    sing N N 103 
GLU N   H2   sing N N 104 
GLU CA  C    sing N N 105 
GLU CA  CB   sing N N 106 
GLU CA  HA   sing N N 107 
GLU C   O    doub N N 108 
GLU C   OXT  sing N N 109 
GLU CB  CG   sing N N 110 
GLU CB  HB2  sing N N 111 
GLU CB  HB3  sing N N 112 
GLU CG  CD   sing N N 113 
GLU CG  HG2  sing N N 114 
GLU CG  HG3  sing N N 115 
GLU CD  OE1  doub N N 116 
GLU CD  OE2  sing N N 117 
GLU OE2 HE2  sing N N 118 
GLU OXT HXT  sing N N 119 
GLY N   CA   sing N N 120 
GLY N   H    sing N N 121 
GLY N   H2   sing N N 122 
GLY CA  C    sing N N 123 
GLY CA  HA2  sing N N 124 
GLY CA  HA3  sing N N 125 
GLY C   O    doub N N 126 
GLY C   OXT  sing N N 127 
GLY OXT HXT  sing N N 128 
HIS N   CA   sing N N 129 
HIS N   H    sing N N 130 
HIS N   H2   sing N N 131 
HIS CA  C    sing N N 132 
HIS CA  CB   sing N N 133 
HIS CA  HA   sing N N 134 
HIS C   O    doub N N 135 
HIS C   OXT  sing N N 136 
HIS CB  CG   sing N N 137 
HIS CB  HB2  sing N N 138 
HIS CB  HB3  sing N N 139 
HIS CG  ND1  sing Y N 140 
HIS CG  CD2  doub Y N 141 
HIS ND1 CE1  doub Y N 142 
HIS ND1 HD1  sing N N 143 
HIS CD2 NE2  sing Y N 144 
HIS CD2 HD2  sing N N 145 
HIS CE1 NE2  sing Y N 146 
HIS CE1 HE1  sing N N 147 
HIS NE2 HE2  sing N N 148 
HIS OXT HXT  sing N N 149 
HOH O   H1   sing N N 150 
HOH O   H2   sing N N 151 
ILE N   CA   sing N N 152 
ILE N   H    sing N N 153 
ILE N   H2   sing N N 154 
ILE CA  C    sing N N 155 
ILE CA  CB   sing N N 156 
ILE CA  HA   sing N N 157 
ILE C   O    doub N N 158 
ILE C   OXT  sing N N 159 
ILE CB  CG1  sing N N 160 
ILE CB  CG2  sing N N 161 
ILE CB  HB   sing N N 162 
ILE CG1 CD1  sing N N 163 
ILE CG1 HG12 sing N N 164 
ILE CG1 HG13 sing N N 165 
ILE CG2 HG21 sing N N 166 
ILE CG2 HG22 sing N N 167 
ILE CG2 HG23 sing N N 168 
ILE CD1 HD11 sing N N 169 
ILE CD1 HD12 sing N N 170 
ILE CD1 HD13 sing N N 171 
ILE OXT HXT  sing N N 172 
LEU N   CA   sing N N 173 
LEU N   H    sing N N 174 
LEU N   H2   sing N N 175 
LEU CA  C    sing N N 176 
LEU CA  CB   sing N N 177 
LEU CA  HA   sing N N 178 
LEU C   O    doub N N 179 
LEU C   OXT  sing N N 180 
LEU CB  CG   sing N N 181 
LEU CB  HB2  sing N N 182 
LEU CB  HB3  sing N N 183 
LEU CG  CD1  sing N N 184 
LEU CG  CD2  sing N N 185 
LEU CG  HG   sing N N 186 
LEU CD1 HD11 sing N N 187 
LEU CD1 HD12 sing N N 188 
LEU CD1 HD13 sing N N 189 
LEU CD2 HD21 sing N N 190 
LEU CD2 HD22 sing N N 191 
LEU CD2 HD23 sing N N 192 
LEU OXT HXT  sing N N 193 
LYS N   CA   sing N N 194 
LYS N   H    sing N N 195 
LYS N   H2   sing N N 196 
LYS CA  C    sing N N 197 
LYS CA  CB   sing N N 198 
LYS CA  HA   sing N N 199 
LYS C   O    doub N N 200 
LYS C   OXT  sing N N 201 
LYS CB  CG   sing N N 202 
LYS CB  HB2  sing N N 203 
LYS CB  HB3  sing N N 204 
LYS CG  CD   sing N N 205 
LYS CG  HG2  sing N N 206 
LYS CG  HG3  sing N N 207 
LYS CD  CE   sing N N 208 
LYS CD  HD2  sing N N 209 
LYS CD  HD3  sing N N 210 
LYS CE  NZ   sing N N 211 
LYS CE  HE2  sing N N 212 
LYS CE  HE3  sing N N 213 
LYS NZ  HZ1  sing N N 214 
LYS NZ  HZ2  sing N N 215 
LYS NZ  HZ3  sing N N 216 
LYS OXT HXT  sing N N 217 
MET N   CA   sing N N 218 
MET N   H    sing N N 219 
MET N   H2   sing N N 220 
MET CA  C    sing N N 221 
MET CA  CB   sing N N 222 
MET CA  HA   sing N N 223 
MET C   O    doub N N 224 
MET C   OXT  sing N N 225 
MET CB  CG   sing N N 226 
MET CB  HB2  sing N N 227 
MET CB  HB3  sing N N 228 
MET CG  SD   sing N N 229 
MET CG  HG2  sing N N 230 
MET CG  HG3  sing N N 231 
MET SD  CE   sing N N 232 
MET CE  HE1  sing N N 233 
MET CE  HE2  sing N N 234 
MET CE  HE3  sing N N 235 
MET OXT HXT  sing N N 236 
PHE N   CA   sing N N 237 
PHE N   H    sing N N 238 
PHE N   H2   sing N N 239 
PHE CA  C    sing N N 240 
PHE CA  CB   sing N N 241 
PHE CA  HA   sing N N 242 
PHE C   O    doub N N 243 
PHE C   OXT  sing N N 244 
PHE CB  CG   sing N N 245 
PHE CB  HB2  sing N N 246 
PHE CB  HB3  sing N N 247 
PHE CG  CD1  doub Y N 248 
PHE CG  CD2  sing Y N 249 
PHE CD1 CE1  sing Y N 250 
PHE CD1 HD1  sing N N 251 
PHE CD2 CE2  doub Y N 252 
PHE CD2 HD2  sing N N 253 
PHE CE1 CZ   doub Y N 254 
PHE CE1 HE1  sing N N 255 
PHE CE2 CZ   sing Y N 256 
PHE CE2 HE2  sing N N 257 
PHE CZ  HZ   sing N N 258 
PHE OXT HXT  sing N N 259 
PRO N   CA   sing N N 260 
PRO N   CD   sing N N 261 
PRO N   H    sing N N 262 
PRO CA  C    sing N N 263 
PRO CA  CB   sing N N 264 
PRO CA  HA   sing N N 265 
PRO C   O    doub N N 266 
PRO C   OXT  sing N N 267 
PRO CB  CG   sing N N 268 
PRO CB  HB2  sing N N 269 
PRO CB  HB3  sing N N 270 
PRO CG  CD   sing N N 271 
PRO CG  HG2  sing N N 272 
PRO CG  HG3  sing N N 273 
PRO CD  HD2  sing N N 274 
PRO CD  HD3  sing N N 275 
PRO OXT HXT  sing N N 276 
QZN CAA CAH  sing N N 277 
QZN OAC CAS  doub N N 278 
QZN CAF CAE  doub Y N 279 
QZN CAF CAU  sing Y N 280 
QZN CAE CAQ  sing Y N 281 
QZN CAH CAI  sing N N 282 
QZN CAS CAU  sing N N 283 
QZN CAS NAV  sing N N 284 
QZN CAI CAJ  sing N N 285 
QZN CAU CAT  doub Y N 286 
QZN CAJ CAK  sing N N 287 
QZN CAQ CL   sing N N 288 
QZN CAQ CAG  doub Y N 289 
QZN NAB NAV  sing N N 290 
QZN NAV CAR  sing N N 291 
QZN CAT CAG  sing Y N 292 
QZN CAT NAP  sing N N 293 
QZN CAK CAL  sing N N 294 
QZN CAR NAP  doub N N 295 
QZN CAR CAO  sing N N 296 
QZN CAL CAM  sing N N 297 
QZN CAN CAO  sing N N 298 
QZN CAN CAM  sing N N 299 
QZN CAA H1   sing N N 300 
QZN CAA H2   sing N N 301 
QZN CAA H3   sing N N 302 
QZN CAH H4   sing N N 303 
QZN CAH H5   sing N N 304 
QZN CAI H6   sing N N 305 
QZN CAI H7   sing N N 306 
QZN CAJ H8   sing N N 307 
QZN CAJ H9   sing N N 308 
QZN CAK H10  sing N N 309 
QZN CAK H11  sing N N 310 
QZN CAL H12  sing N N 311 
QZN CAL H13  sing N N 312 
QZN CAM H14  sing N N 313 
QZN CAM H15  sing N N 314 
QZN CAN H16  sing N N 315 
QZN CAN H17  sing N N 316 
QZN CAO H18  sing N N 317 
QZN CAO H19  sing N N 318 
QZN CAG H20  sing N N 319 
QZN CAE H21  sing N N 320 
QZN CAF H22  sing N N 321 
QZN NAB H23  sing N N 322 
QZN NAB H24  sing N N 323 
SER N   CA   sing N N 324 
SER N   H    sing N N 325 
SER N   H2   sing N N 326 
SER CA  C    sing N N 327 
SER CA  CB   sing N N 328 
SER CA  HA   sing N N 329 
SER C   O    doub N N 330 
SER C   OXT  sing N N 331 
SER CB  OG   sing N N 332 
SER CB  HB2  sing N N 333 
SER CB  HB3  sing N N 334 
SER OG  HG   sing N N 335 
SER OXT HXT  sing N N 336 
THR N   CA   sing N N 337 
THR N   H    sing N N 338 
THR N   H2   sing N N 339 
THR CA  C    sing N N 340 
THR CA  CB   sing N N 341 
THR CA  HA   sing N N 342 
THR C   O    doub N N 343 
THR C   OXT  sing N N 344 
THR CB  OG1  sing N N 345 
THR CB  CG2  sing N N 346 
THR CB  HB   sing N N 347 
THR OG1 HG1  sing N N 348 
THR CG2 HG21 sing N N 349 
THR CG2 HG22 sing N N 350 
THR CG2 HG23 sing N N 351 
THR OXT HXT  sing N N 352 
TRP N   CA   sing N N 353 
TRP N   H    sing N N 354 
TRP N   H2   sing N N 355 
TRP CA  C    sing N N 356 
TRP CA  CB   sing N N 357 
TRP CA  HA   sing N N 358 
TRP C   O    doub N N 359 
TRP C   OXT  sing N N 360 
TRP CB  CG   sing N N 361 
TRP CB  HB2  sing N N 362 
TRP CB  HB3  sing N N 363 
TRP CG  CD1  doub Y N 364 
TRP CG  CD2  sing Y N 365 
TRP CD1 NE1  sing Y N 366 
TRP CD1 HD1  sing N N 367 
TRP CD2 CE2  doub Y N 368 
TRP CD2 CE3  sing Y N 369 
TRP NE1 CE2  sing Y N 370 
TRP NE1 HE1  sing N N 371 
TRP CE2 CZ2  sing Y N 372 
TRP CE3 CZ3  doub Y N 373 
TRP CE3 HE3  sing N N 374 
TRP CZ2 CH2  doub Y N 375 
TRP CZ2 HZ2  sing N N 376 
TRP CZ3 CH2  sing Y N 377 
TRP CZ3 HZ3  sing N N 378 
TRP CH2 HH2  sing N N 379 
TRP OXT HXT  sing N N 380 
TYR N   CA   sing N N 381 
TYR N   H    sing N N 382 
TYR N   H2   sing N N 383 
TYR CA  C    sing N N 384 
TYR CA  CB   sing N N 385 
TYR CA  HA   sing N N 386 
TYR C   O    doub N N 387 
TYR C   OXT  sing N N 388 
TYR CB  CG   sing N N 389 
TYR CB  HB2  sing N N 390 
TYR CB  HB3  sing N N 391 
TYR CG  CD1  doub Y N 392 
TYR CG  CD2  sing Y N 393 
TYR CD1 CE1  sing Y N 394 
TYR CD1 HD1  sing N N 395 
TYR CD2 CE2  doub Y N 396 
TYR CD2 HD2  sing N N 397 
TYR CE1 CZ   doub Y N 398 
TYR CE1 HE1  sing N N 399 
TYR CE2 CZ   sing Y N 400 
TYR CE2 HE2  sing N N 401 
TYR CZ  OH   sing N N 402 
TYR OH  HH   sing N N 403 
TYR OXT HXT  sing N N 404 
VAL N   CA   sing N N 405 
VAL N   H    sing N N 406 
VAL N   H2   sing N N 407 
VAL CA  C    sing N N 408 
VAL CA  CB   sing N N 409 
VAL CA  HA   sing N N 410 
VAL C   O    doub N N 411 
VAL C   OXT  sing N N 412 
VAL CB  CG1  sing N N 413 
VAL CB  CG2  sing N N 414 
VAL CB  HB   sing N N 415 
VAL CG1 HG11 sing N N 416 
VAL CG1 HG12 sing N N 417 
VAL CG1 HG13 sing N N 418 
VAL CG2 HG21 sing N N 419 
VAL CG2 HG22 sing N N 420 
VAL CG2 HG23 sing N N 421 
VAL OXT HXT  sing N N 422 
# 
_atom_sites.entry_id                    4JVI 
_atom_sites.fract_transf_matrix[1][1]   0.00091194 
_atom_sites.fract_transf_matrix[1][2]   0.00501440 
_atom_sites.fract_transf_matrix[1][3]   -0.00831108 
_atom_sites.fract_transf_matrix[2][1]   0.00853262 
_atom_sites.fract_transf_matrix[2][2]   0.00411807 
_atom_sites.fract_transf_matrix[2][3]   -0.00229760 
_atom_sites.fract_transf_matrix[3][1]   0.00239015 
_atom_sites.fract_transf_matrix[3][2]   -0.00724480 
_atom_sites.fract_transf_matrix[3][3]   -0.00410881 
_atom_sites.fract_transf_vector[1]      0.078093 
_atom_sites.fract_transf_vector[2]      0.613045 
_atom_sites.fract_transf_vector[3]      0.082676 
# 
loop_
_atom_type.symbol 
C  
CL 
N  
O  
S  
# 
loop_
_atom_site.group_PDB 
_atom_site.id 
_atom_site.type_symbol 
_atom_site.label_atom_id 
_atom_site.label_alt_id 
_atom_site.label_comp_id 
_atom_site.label_asym_id 
_atom_site.label_entity_id 
_atom_site.label_seq_id 
_atom_site.pdbx_PDB_ins_code 
_atom_site.Cartn_x 
_atom_site.Cartn_y 
_atom_site.Cartn_z 
_atom_site.occupancy 
_atom_site.B_iso_or_equiv 
_atom_site.pdbx_formal_charge 
_atom_site.auth_seq_id 
_atom_site.auth_comp_id 
_atom_site.auth_asym_id 
_atom_site.auth_atom_id 
_atom_site.pdbx_PDB_model_num 
ATOM   1    N  N   . ASN A 1 1   ? 3.607   5.465   -25.563 1.00 92.94  ? 94  ASN A N   1 
ATOM   2    C  CA  . ASN A 1 1   ? 3.229   5.983   -24.183 1.00 100.87 ? 94  ASN A CA  1 
ATOM   3    C  C   . ASN A 1 1   ? 2.799   4.969   -23.092 1.00 103.46 ? 94  ASN A C   1 
ATOM   4    O  O   . ASN A 1 1   ? 1.747   4.337   -23.184 1.00 123.03 ? 94  ASN A O   1 
ATOM   5    C  CB  . ASN A 1 1   ? 2.140   7.055   -24.259 1.00 105.55 ? 94  ASN A CB  1 
ATOM   6    C  CG  . ASN A 1 1   ? 1.593   7.455   -22.853 1.00 126.71 ? 94  ASN A CG  1 
ATOM   7    O  OD1 . ASN A 1 1   ? 2.312   7.439   -21.845 1.00 106.90 ? 94  ASN A OD1 1 
ATOM   8    N  ND2 . ASN A 1 1   ? 0.314   7.829   -22.799 1.00 131.61 ? 94  ASN A ND2 1 
ATOM   9    N  N   . LEU A 1 2   ? 3.574   4.927   -22.021 1.00 83.64  ? 95  LEU A N   1 
ATOM   10   C  CA  . LEU A 1 2   ? 3.469   3.963   -20.946 1.00 76.64  ? 95  LEU A CA  1 
ATOM   11   C  C   . LEU A 1 2   ? 2.771   4.531   -19.721 1.00 87.65  ? 95  LEU A C   1 
ATOM   12   O  O   . LEU A 1 2   ? 3.375   5.324   -18.991 1.00 95.46  ? 95  LEU A O   1 
ATOM   13   C  CB  . LEU A 1 2   ? 4.886   3.567   -20.499 1.00 73.05  ? 95  LEU A CB  1 
ATOM   14   C  CG  . LEU A 1 2   ? 4.845   2.375   -19.555 1.00 84.10  ? 95  LEU A CG  1 
ATOM   15   C  CD1 . LEU A 1 2   ? 4.334   1.131   -20.285 1.00 91.66  ? 95  LEU A CD1 1 
ATOM   16   C  CD2 . LEU A 1 2   ? 6.183   2.085   -18.920 1.00 79.94  ? 95  LEU A CD2 1 
ATOM   17   N  N   . ARG A 1 3   ? 1.529   4.121   -19.464 1.00 93.73  ? 96  ARG A N   1 
ATOM   18   C  CA  . ARG A 1 3   ? 0.786   4.607   -18.279 1.00 85.44  ? 96  ARG A CA  1 
ATOM   19   C  C   . ARG A 1 3   ? 0.942   3.618   -17.132 1.00 83.55  ? 96  ARG A C   1 
ATOM   20   O  O   . ARG A 1 3   ? 0.573   2.455   -17.258 1.00 82.97  ? 96  ARG A O   1 
ATOM   21   C  CB  . ARG A 1 3   ? -0.692  4.842   -18.578 1.00 77.36  ? 96  ARG A CB  1 
ATOM   22   C  CG  . ARG A 1 3   ? -1.004  5.235   -20.017 1.00 90.25  ? 96  ARG A CG  1 
ATOM   23   C  CD  . ARG A 1 3   ? -2.447  5.677   -20.238 1.00 95.64  ? 96  ARG A CD  1 
ATOM   24   N  NE  . ARG A 1 3   ? -3.077  6.236   -19.035 1.00 114.62 ? 96  ARG A NE  1 
ATOM   25   C  CZ  . ARG A 1 3   ? -4.377  6.514   -18.904 1.00 124.03 ? 96  ARG A CZ  1 
ATOM   26   N  NH1 . ARG A 1 3   ? -5.225  6.315   -19.912 1.00 127.97 ? 96  ARG A NH1 1 
ATOM   27   N  NH2 . ARG A 1 3   ? -4.832  7.002   -17.756 1.00 109.70 ? 96  ARG A NH2 1 
ATOM   28   N  N   . VAL A 1 4   ? 1.490   4.090   -16.019 1.00 73.66  ? 97  VAL A N   1 
ATOM   29   C  CA  . VAL A 1 4   ? 1.741   3.250   -14.874 1.00 74.82  ? 97  VAL A CA  1 
ATOM   30   C  C   . VAL A 1 4   ? 1.160   3.793   -13.585 1.00 79.45  ? 97  VAL A C   1 
ATOM   31   O  O   . VAL A 1 4   ? 1.316   4.947   -13.271 1.00 79.55  ? 97  VAL A O   1 
ATOM   32   C  CB  . VAL A 1 4   ? 3.244   2.958   -14.725 1.00 75.64  ? 97  VAL A CB  1 
ATOM   33   C  CG1 . VAL A 1 4   ? 3.993   3.714   -15.796 1.00 86.39  ? 97  VAL A CG1 1 
ATOM   34   C  CG2 . VAL A 1 4   ? 3.769   3.227   -13.301 1.00 53.80  ? 97  VAL A CG2 1 
ATOM   35   N  N   . LEU A 1 5   ? 0.514   2.912   -12.831 1.00 79.98  ? 98  LEU A N   1 
ATOM   36   C  CA  . LEU A 1 5   ? -0.191  3.288   -11.632 1.00 77.81  ? 98  LEU A CA  1 
ATOM   37   C  C   . LEU A 1 5   ? 0.623   2.888   -10.407 1.00 81.94  ? 98  LEU A C   1 
ATOM   38   O  O   . LEU A 1 5   ? 1.321   1.875   -10.415 1.00 93.50  ? 98  LEU A O   1 
ATOM   39   C  CB  . LEU A 1 5   ? -1.577  2.642   -11.663 1.00 78.92  ? 98  LEU A CB  1 
ATOM   40   C  CG  . LEU A 1 5   ? -2.321  2.165   -10.434 1.00 80.62  ? 98  LEU A CG  1 
ATOM   41   C  CD1 . LEU A 1 5   ? -2.274  3.229   -9.356  1.00 121.16 ? 98  LEU A CD1 1 
ATOM   42   C  CD2 . LEU A 1 5   ? -3.756  1.836   -10.799 1.00 83.35  ? 98  LEU A CD2 1 
ATOM   43   N  N   . LEU A 1 6   ? 0.537   3.707   -9.363  1.00 71.56  ? 99  LEU A N   1 
ATOM   44   C  CA  . LEU A 1 6   ? 1.329   3.540   -8.145  1.00 75.34  ? 99  LEU A CA  1 
ATOM   45   C  C   . LEU A 1 6   ? 0.475   3.902   -6.979  1.00 82.82  ? 99  LEU A C   1 
ATOM   46   O  O   . LEU A 1 6   ? -0.041  5.013   -6.913  1.00 96.45  ? 99  LEU A O   1 
ATOM   47   C  CB  . LEU A 1 6   ? 2.478   4.529   -8.130  1.00 66.14  ? 99  LEU A CB  1 
ATOM   48   C  CG  . LEU A 1 6   ? 3.538   4.264   -9.164  1.00 73.51  ? 99  LEU A CG  1 
ATOM   49   C  CD1 . LEU A 1 6   ? 2.975   4.565   -10.550 1.00 80.45  ? 99  LEU A CD1 1 
ATOM   50   C  CD2 . LEU A 1 6   ? 4.740   5.124   -8.865  1.00 65.33  ? 99  LEU A CD2 1 
ATOM   51   N  N   . ASP A 1 7   ? 0.310   3.004   -6.036  1.00 80.69  ? 100 ASP A N   1 
ATOM   52   C  CA  . ASP A 1 7   ? -0.674  3.304   -5.047  1.00 74.74  ? 100 ASP A CA  1 
ATOM   53   C  C   . ASP A 1 7   ? 0.003   4.076   -3.941  1.00 82.54  ? 100 ASP A C   1 
ATOM   54   O  O   . ASP A 1 7   ? 1.242   4.059   -3.803  1.00 74.03  ? 100 ASP A O   1 
ATOM   55   C  CB  . ASP A 1 7   ? -1.393  2.049   -4.565  1.00 85.82  ? 100 ASP A CB  1 
ATOM   56   C  CG  . ASP A 1 7   ? -0.574  1.222   -3.589  1.00 102.61 ? 100 ASP A CG  1 
ATOM   57   O  OD1 . ASP A 1 7   ? -0.702  -0.028  -3.624  1.00 108.52 ? 100 ASP A OD1 1 
ATOM   58   O  OD2 . ASP A 1 7   ? 0.166   1.815   -2.762  1.00 100.49 ? 100 ASP A OD2 1 
ATOM   59   N  N   . THR A 1 8   ? -0.838  4.766   -3.177  1.00 83.50  ? 101 THR A N   1 
ATOM   60   C  CA  . THR A 1 8   ? -0.457  5.635   -2.083  1.00 73.65  ? 101 THR A CA  1 
ATOM   61   C  C   . THR A 1 8   ? 0.328   4.884   -1.018  1.00 80.85  ? 101 THR A C   1 
ATOM   62   O  O   . THR A 1 8   ? 0.902   5.499   -0.140  1.00 89.89  ? 101 THR A O   1 
ATOM   63   C  CB  . THR A 1 8   ? -1.724  6.176   -1.460  1.00 81.31  ? 101 THR A CB  1 
ATOM   64   O  OG1 . THR A 1 8   ? -2.753  6.142   -2.450  1.00 105.30 ? 101 THR A OG1 1 
ATOM   65   C  CG2 . THR A 1 8   ? -1.549  7.595   -1.004  1.00 108.22 ? 101 THR A CG2 1 
ATOM   66   N  N   . ALA A 1 9   ? 0.388   3.558   -1.076  1.00 81.36  ? 102 ALA A N   1 
ATOM   67   C  CA  . ALA A 1 9   ? 1.065   2.831   0.000   1.00 80.59  ? 102 ALA A CA  1 
ATOM   68   C  C   . ALA A 1 9   ? 2.482   2.524   -0.363  1.00 79.11  ? 102 ALA A C   1 
ATOM   69   O  O   . ALA A 1 9   ? 3.274   2.165   0.497   1.00 78.08  ? 102 ALA A O   1 
ATOM   70   C  CB  . ALA A 1 9   ? 0.314   1.550   0.366   1.00 80.15  ? 102 ALA A CB  1 
ATOM   71   N  N   . ILE A 1 10  ? 2.798   2.647   -1.649  1.00 83.45  ? 103 ILE A N   1 
ATOM   72   C  CA  . ILE A 1 10  ? 4.180   2.495   -2.135  1.00 78.55  ? 103 ILE A CA  1 
ATOM   73   C  C   . ILE A 1 10  ? 5.027   3.672   -1.674  1.00 84.36  ? 103 ILE A C   1 
ATOM   74   O  O   . ILE A 1 10  ? 4.754   4.809   -2.098  1.00 88.48  ? 103 ILE A O   1 
ATOM   75   C  CB  . ILE A 1 10  ? 4.264   2.484   -3.678  1.00 76.28  ? 103 ILE A CB  1 
ATOM   76   C  CG1 . ILE A 1 10  ? 3.330   1.445   -4.318  1.00 77.14  ? 103 ILE A CG1 1 
ATOM   77   C  CG2 . ILE A 1 10  ? 5.691   2.231   -4.122  1.00 70.19  ? 103 ILE A CG2 1 
ATOM   78   C  CD1 . ILE A 1 10  ? 3.509   0.015   -3.812  1.00 71.67  ? 103 ILE A CD1 1 
ATOM   79   N  N   . PRO A 1 11  ? 6.102   3.396   -0.973  1.00 86.76  ? 104 PRO A N   1 
ATOM   80   C  CA  . PRO A 1 11  ? 6.929   4.427   -0.383  1.00 84.41  ? 104 PRO A CA  1 
ATOM   81   C  C   . PRO A 1 11  ? 7.440   5.269   -1.484  1.00 82.48  ? 104 PRO A C   1 
ATOM   82   O  O   . PRO A 1 11  ? 7.626   4.765   -2.565  1.00 89.02  ? 104 PRO A O   1 
ATOM   83   C  CB  . PRO A 1 11  ? 8.088   3.641   0.174   1.00 84.27  ? 104 PRO A CB  1 
ATOM   84   C  CG  . PRO A 1 11  ? 7.517   2.325   0.518   1.00 98.95  ? 104 PRO A CG  1 
ATOM   85   C  CD  . PRO A 1 11  ? 6.339   2.087   -0.366  1.00 91.70  ? 104 PRO A CD  1 
ATOM   86   N  N   . PRO A 1 12  ? 7.647   6.614   -1.175  1.00 108.61 ? 105 PRO A N   1 
ATOM   87   C  CA  . PRO A 1 12  ? 8.050   7.421   -2.334  1.00 105.06 ? 105 PRO A CA  1 
ATOM   88   C  C   . PRO A 1 12  ? 9.359   6.959   -2.933  1.00 106.20 ? 105 PRO A C   1 
ATOM   89   O  O   . PRO A 1 12  ? 9.523   6.968   -4.144  1.00 99.53  ? 105 PRO A O   1 
ATOM   90   C  CB  . PRO A 1 12  ? 8.216   8.814   -1.754  1.00 99.20  ? 105 PRO A CB  1 
ATOM   91   C  CG  . PRO A 1 12  ? 8.636   8.584   -0.366  1.00 99.51  ? 105 PRO A CG  1 
ATOM   92   C  CD  . PRO A 1 12  ? 7.625   7.583   0.026   1.00 108.23 ? 105 PRO A CD  1 
ATOM   93   N  N   . SER A 1 13  ? 10.284  6.529   -2.098  1.00 86.64  ? 106 SER A N   1 
ATOM   94   C  CA  . SER A 1 13  ? 11.587  6.165   -2.590  1.00 102.84 ? 106 SER A CA  1 
ATOM   95   C  C   . SER A 1 13  ? 11.395  5.085   -3.625  1.00 116.60 ? 106 SER A C   1 
ATOM   96   O  O   . SER A 1 13  ? 12.024  5.088   -4.671  1.00 138.43 ? 106 SER A O   1 
ATOM   97   C  CB  . SER A 1 13  ? 12.419  5.604   -1.449  1.00 110.77 ? 106 SER A CB  1 
ATOM   98   O  OG  . SER A 1 13  ? 12.018  4.288   -1.121  1.00 106.33 ? 106 SER A OG  1 
ATOM   99   N  N   . PHE A 1 14  ? 10.475  4.185   -3.348  1.00 110.25 ? 107 PHE A N   1 
ATOM   100  C  CA  . PHE A 1 14  ? 10.181  3.114   -4.267  1.00 106.61 ? 107 PHE A CA  1 
ATOM   101  C  C   . PHE A 1 14  ? 9.728   3.770   -5.532  1.00 89.49  ? 107 PHE A C   1 
ATOM   102  O  O   . PHE A 1 14  ? 10.009  3.314   -6.617  1.00 91.22  ? 107 PHE A O   1 
ATOM   103  C  CB  . PHE A 1 14  ? 9.034   2.281   -3.737  1.00 106.86 ? 107 PHE A CB  1 
ATOM   104  C  CG  . PHE A 1 14  ? 9.448   0.981   -3.137  1.00 89.84  ? 107 PHE A CG  1 
ATOM   105  C  CD1 . PHE A 1 14  ? 9.202   -0.190  -3.794  1.00 86.55  ? 107 PHE A CD1 1 
ATOM   106  C  CD2 . PHE A 1 14  ? 10.056  0.937   -1.909  1.00 97.04  ? 107 PHE A CD2 1 
ATOM   107  C  CE1 . PHE A 1 14  ? 9.567   -1.388  -3.245  1.00 99.63  ? 107 PHE A CE1 1 
ATOM   108  C  CE2 . PHE A 1 14  ? 10.426  -0.258  -1.349  1.00 90.71  ? 107 PHE A CE2 1 
ATOM   109  C  CZ  . PHE A 1 14  ? 10.181  -1.424  -2.019  1.00 105.59 ? 107 PHE A CZ  1 
ATOM   110  N  N   . CYS A 1 15  ? 8.977   4.832   -5.377  1.00 81.01  ? 108 CYS A N   1 
ATOM   111  C  CA  . CYS A 1 15  ? 8.461   5.524   -6.516  1.00 108.72 ? 108 CYS A CA  1 
ATOM   112  C  C   . CYS A 1 15  ? 9.580   6.090   -7.340  1.00 111.20 ? 108 CYS A C   1 
ATOM   113  O  O   . CYS A 1 15  ? 9.552   6.041   -8.561  1.00 98.91  ? 108 CYS A O   1 
ATOM   114  C  CB  . CYS A 1 15  ? 7.557   6.628   -6.029  1.00 121.87 ? 108 CYS A CB  1 
ATOM   115  S  SG  . CYS A 1 15  ? 6.456   6.029   -4.753  1.00 108.90 ? 108 CYS A SG  1 
ATOM   116  N  N   . ASP A 1 16  ? 10.562  6.652   -6.666  1.00 103.41 ? 109 ASP A N   1 
ATOM   117  C  CA  . ASP A 1 16  ? 11.651  7.258   -7.380  1.00 119.40 ? 109 ASP A CA  1 
ATOM   118  C  C   . ASP A 1 16  ? 12.394  6.201   -8.148  1.00 119.34 ? 109 ASP A C   1 
ATOM   119  O  O   . ASP A 1 16  ? 12.719  6.386   -9.311  1.00 98.05  ? 109 ASP A O   1 
ATOM   120  C  CB  . ASP A 1 16  ? 12.561  7.954   -6.391  1.00 130.91 ? 109 ASP A CB  1 
ATOM   121  C  CG  . ASP A 1 16  ? 11.790  8.750   -5.363  1.00 136.37 ? 109 ASP A CG  1 
ATOM   122  O  OD1 . ASP A 1 16  ? 12.410  9.272   -4.420  1.00 125.97 ? 109 ASP A OD1 1 
ATOM   123  O  OD2 . ASP A 1 16  ? 10.561  8.862   -5.500  1.00 147.08 ? 109 ASP A OD2 1 
ATOM   124  N  N   . THR A 1 17  ? 12.645  5.077   -7.496  1.00 106.77 ? 110 THR A N   1 
ATOM   125  C  CA  . THR A 1 17  ? 13.437  4.039   -8.110  1.00 99.32  ? 110 THR A CA  1 
ATOM   126  C  C   . THR A 1 17  ? 12.732  3.499   -9.323  1.00 106.80 ? 110 THR A C   1 
ATOM   127  O  O   . THR A 1 17  ? 13.253  3.487   -10.427 1.00 123.35 ? 110 THR A O   1 
ATOM   128  C  CB  . THR A 1 17  ? 13.549  2.884   -7.125  1.00 91.80  ? 110 THR A CB  1 
ATOM   129  O  OG1 . THR A 1 17  ? 13.918  3.394   -5.849  1.00 95.00  ? 110 THR A OG1 1 
ATOM   130  C  CG2 . THR A 1 17  ? 14.562  1.896   -7.565  1.00 86.56  ? 110 THR A CG2 1 
ATOM   131  N  N   . VAL A 1 18  ? 11.480  3.156   -9.124  1.00 109.77 ? 111 VAL A N   1 
ATOM   132  C  CA  . VAL A 1 18  ? 10.589  2.826   -10.228 1.00 102.21 ? 111 VAL A CA  1 
ATOM   133  C  C   . VAL A 1 18  ? 10.693  3.919   -11.280 1.00 102.21 ? 111 VAL A C   1 
ATOM   134  O  O   . VAL A 1 18  ? 11.125  3.657   -12.407 1.00 100.60 ? 111 VAL A O   1 
ATOM   135  C  CB  . VAL A 1 18  ? 9.130   2.675   -9.719  1.00 94.35  ? 111 VAL A CB  1 
ATOM   136  C  CG1 . VAL A 1 18  ? 8.134   2.839   -10.845 1.00 94.11  ? 111 VAL A CG1 1 
ATOM   137  C  CG2 . VAL A 1 18  ? 8.948   1.338   -9.005  1.00 80.70  ? 111 VAL A CG2 1 
ATOM   138  N  N   . SER A 1 19  ? 10.367  5.151   -10.874 1.00 108.97 ? 112 SER A N   1 
ATOM   139  C  CA  . SER A 1 19  ? 10.321  6.294   -11.789 1.00 114.94 ? 112 SER A CA  1 
ATOM   140  C  C   . SER A 1 19  ? 11.592  6.492   -12.571 1.00 109.88 ? 112 SER A C   1 
ATOM   141  O  O   . SER A 1 19  ? 11.559  6.672   -13.794 1.00 103.51 ? 112 SER A O   1 
ATOM   142  C  CB  . SER A 1 19  ? 10.090  7.595   -11.053 1.00 105.07 ? 112 SER A CB  1 
ATOM   143  O  OG  . SER A 1 19  ? 10.465  8.596   -11.973 1.00 105.72 ? 112 SER A OG  1 
ATOM   144  N  N   . SER A 1 20  ? 12.701  6.488   -11.839 1.00 102.18 ? 113 SER A N   1 
ATOM   145  C  CA  . SER A 1 20  ? 13.965  6.847   -12.402 1.00 109.43 ? 113 SER A CA  1 
ATOM   146  C  C   . SER A 1 20  ? 14.378  5.739   -13.347 1.00 114.27 ? 113 SER A C   1 
ATOM   147  O  O   . SER A 1 20  ? 14.712  6.007   -14.501 1.00 132.69 ? 113 SER A O   1 
ATOM   148  C  CB  . SER A 1 20  ? 14.995  7.097   -11.302 1.00 117.63 ? 113 SER A CB  1 
ATOM   149  O  OG  . SER A 1 20  ? 15.788  5.966   -11.017 1.00 98.34  ? 113 SER A OG  1 
ATOM   150  N  N   . VAL A 1 21  ? 14.201  4.505   -12.919 1.00 110.45 ? 114 VAL A N   1 
ATOM   151  C  CA  . VAL A 1 21  ? 14.564  3.371   -13.742 1.00 100.81 ? 114 VAL A CA  1 
ATOM   152  C  C   . VAL A 1 21  ? 13.785  3.358   -15.031 1.00 103.61 ? 114 VAL A C   1 
ATOM   153  O  O   . VAL A 1 21  ? 14.300  3.003   -16.070 1.00 93.67  ? 114 VAL A O   1 
ATOM   154  C  CB  . VAL A 1 21  ? 14.241  2.068   -13.034 1.00 101.92 ? 114 VAL A CB  1 
ATOM   155  C  CG1 . VAL A 1 21  ? 14.676  0.901   -13.881 1.00 89.18  ? 114 VAL A CG1 1 
ATOM   156  C  CG2 . VAL A 1 21  ? 14.903  2.032   -11.681 1.00 102.88 ? 114 VAL A CG2 1 
ATOM   157  N  N   . LEU A 1 22  ? 12.525  3.728   -14.960 1.00 96.66  ? 115 LEU A N   1 
ATOM   158  C  CA  . LEU A 1 22  ? 11.675  3.665   -16.130 1.00 95.14  ? 115 LEU A CA  1 
ATOM   159  C  C   . LEU A 1 22  ? 12.246  4.559   -17.175 1.00 94.40  ? 115 LEU A C   1 
ATOM   160  O  O   . LEU A 1 22  ? 12.200  4.286   -18.363 1.00 75.12  ? 115 LEU A O   1 
ATOM   161  C  CB  . LEU A 1 22  ? 10.278  4.126   -15.787 1.00 101.47 ? 115 LEU A CB  1 
ATOM   162  C  CG  . LEU A 1 22  ? 9.318   2.974   -15.543 1.00 108.85 ? 115 LEU A CG  1 
ATOM   163  C  CD1 . LEU A 1 22  ? 7.901   3.488   -15.562 1.00 112.71 ? 115 LEU A CD1 1 
ATOM   164  C  CD2 . LEU A 1 22  ? 9.485   1.895   -16.586 1.00 93.04  ? 115 LEU A CD2 1 
ATOM   165  N  N   . LEU A 1 23  ? 12.794  5.645   -16.693 1.00 108.02 ? 116 LEU A N   1 
ATOM   166  C  CA  . LEU A 1 23  ? 13.318  6.674   -17.528 1.00 113.05 ? 116 LEU A CA  1 
ATOM   167  C  C   . LEU A 1 23  ? 14.417  6.132   -18.400 1.00 114.31 ? 116 LEU A C   1 
ATOM   168  O  O   . LEU A 1 23  ? 14.625  6.620   -19.500 1.00 111.41 ? 116 LEU A O   1 
ATOM   169  C  CB  . LEU A 1 23  ? 13.813  7.797   -16.649 1.00 97.39  ? 116 LEU A CB  1 
ATOM   170  C  CG  . LEU A 1 23  ? 12.622  8.436   -15.950 1.00 109.83 ? 116 LEU A CG  1 
ATOM   171  C  CD1 . LEU A 1 23  ? 13.058  9.606   -15.092 1.00 117.29 ? 116 LEU A CD1 1 
ATOM   172  C  CD2 . LEU A 1 23  ? 11.613  8.896   -16.982 1.00 105.03 ? 116 LEU A CD2 1 
ATOM   173  N  N   . ASP A 1 24  ? 15.132  5.131   -17.918 1.00 103.10 ? 117 ASP A N   1 
ATOM   174  C  CA  . ASP A 1 24  ? 16.263  4.638   -18.674 1.00 121.90 ? 117 ASP A CA  1 
ATOM   175  C  C   . ASP A 1 24  ? 15.855  4.122   -20.048 1.00 133.93 ? 117 ASP A C   1 
ATOM   176  O  O   . ASP A 1 24  ? 16.481  4.464   -21.037 1.00 138.10 ? 117 ASP A O   1 
ATOM   177  C  CB  . ASP A 1 24  ? 16.931  3.494   -17.917 1.00 117.23 ? 117 ASP A CB  1 
ATOM   178  C  CG  . ASP A 1 24  ? 17.834  3.971   -16.802 1.00 137.58 ? 117 ASP A CG  1 
ATOM   179  O  OD1 . ASP A 1 24  ? 18.179  5.166   -16.781 1.00 152.96 ? 117 ASP A OD1 1 
ATOM   180  O  OD2 . ASP A 1 24  ? 18.206  3.146   -15.944 1.00 121.78 ? 117 ASP A OD2 1 
ATOM   181  N  N   . ASP A 1 25  ? 14.798  3.325   -20.130 1.00 144.09 ? 118 ASP A N   1 
ATOM   182  C  CA  . ASP A 1 25  ? 14.401  2.772   -21.424 1.00 129.59 ? 118 ASP A CA  1 
ATOM   183  C  C   . ASP A 1 25  ? 13.166  3.423   -22.001 1.00 108.03 ? 118 ASP A C   1 
ATOM   184  O  O   . ASP A 1 25  ? 12.766  3.148   -23.118 1.00 100.65 ? 118 ASP A O   1 
ATOM   185  C  CB  . ASP A 1 25  ? 14.170  1.269   -21.323 1.00 136.28 ? 118 ASP A CB  1 
ATOM   186  C  CG  . ASP A 1 25  ? 15.223  0.575   -20.508 1.00 151.54 ? 118 ASP A CG  1 
ATOM   187  O  OD1 . ASP A 1 25  ? 16.025  -0.178  -21.093 1.00 146.46 ? 118 ASP A OD1 1 
ATOM   188  O  OD2 . ASP A 1 25  ? 15.249  0.775   -19.281 1.00 145.00 ? 118 ASP A OD2 1 
ATOM   189  N  N   . PHE A 1 26  ? 12.567  4.299   -21.227 1.00 108.61 ? 119 PHE A N   1 
ATOM   190  C  CA  . PHE A 1 26  ? 11.293  4.880   -21.591 1.00 104.25 ? 119 PHE A CA  1 
ATOM   191  C  C   . PHE A 1 26  ? 11.289  6.363   -21.813 1.00 107.65 ? 119 PHE A C   1 
ATOM   192  O  O   . PHE A 1 26  ? 12.025  7.109   -21.151 1.00 102.35 ? 119 PHE A O   1 
ATOM   193  C  CB  . PHE A 1 26  ? 10.231  4.454   -20.603 1.00 99.10  ? 119 PHE A CB  1 
ATOM   194  C  CG  . PHE A 1 26  ? 9.605   3.147   -20.974 1.00 108.42 ? 119 PHE A CG  1 
ATOM   195  C  CD1 . PHE A 1 26  ? 8.559   3.104   -21.925 1.00 114.88 ? 119 PHE A CD1 1 
ATOM   196  C  CD2 . PHE A 1 26  ? 10.080  1.947   -20.433 1.00 89.97  ? 119 PHE A CD2 1 
ATOM   197  C  CE1 . PHE A 1 26  ? 7.972   1.893   -22.300 1.00 99.99  ? 119 PHE A CE1 1 
ATOM   198  C  CE2 . PHE A 1 26  ? 9.509   0.740   -20.825 1.00 112.73 ? 119 PHE A CE2 1 
ATOM   199  C  CZ  . PHE A 1 26  ? 8.455   0.715   -21.758 1.00 101.52 ? 119 PHE A CZ  1 
ATOM   200  N  N   . ASN A 1 27  ? 10.513  6.750   -22.821 1.00 109.82 ? 120 ASN A N   1 
ATOM   201  C  CA  . ASN A 1 27  ? 10.431  8.115   -23.302 1.00 96.88  ? 120 ASN A CA  1 
ATOM   202  C  C   . ASN A 1 27  ? 9.165   8.856   -22.944 1.00 98.56  ? 120 ASN A C   1 
ATOM   203  O  O   . ASN A 1 27  ? 9.181   10.058  -22.808 1.00 110.45 ? 120 ASN A O   1 
ATOM   204  C  CB  . ASN A 1 27  ? 10.575  8.129   -24.812 1.00 106.33 ? 120 ASN A CB  1 
ATOM   205  C  CG  . ASN A 1 27  ? 11.983  7.855   -25.257 1.00 115.01 ? 120 ASN A CG  1 
ATOM   206  O  OD1 . ASN A 1 27  ? 12.208  7.184   -26.256 1.00 107.62 ? 120 ASN A OD1 1 
ATOM   207  N  ND2 . ASN A 1 27  ? 12.942  8.373   -24.516 1.00 118.33 ? 120 ASN A ND2 1 
ATOM   208  N  N   . MET A 1 28  ? 8.056   8.153   -22.831 1.00 112.45 ? 121 MET A N   1 
ATOM   209  C  CA  . MET A 1 28  ? 6.834   8.785   -22.373 1.00 107.04 ? 121 MET A CA  1 
ATOM   210  C  C   . MET A 1 28  ? 6.278   7.967   -21.234 1.00 102.55 ? 121 MET A C   1 
ATOM   211  O  O   . MET A 1 28  ? 6.027   6.796   -21.391 1.00 107.50 ? 121 MET A O   1 
ATOM   212  C  CB  . MET A 1 28  ? 5.836   8.891   -23.522 1.00 91.45  ? 121 MET A CB  1 
ATOM   213  C  CG  . MET A 1 28  ? 4.383   8.969   -23.107 1.00 114.34 ? 121 MET A CG  1 
ATOM   214  S  SD  . MET A 1 28  ? 3.725   10.602  -23.410 1.00 134.62 ? 121 MET A SD  1 
ATOM   215  C  CE  . MET A 1 28  ? 2.976   10.973  -21.839 1.00 136.77 ? 121 MET A CE  1 
ATOM   216  N  N   . VAL A 1 29  ? 6.077   8.586   -20.089 1.00 104.58 ? 122 VAL A N   1 
ATOM   217  C  CA  . VAL A 1 29  ? 5.523   7.881   -18.967 1.00 91.50  ? 122 VAL A CA  1 
ATOM   218  C  C   . VAL A 1 29  ? 4.518   8.717   -18.241 1.00 87.89  ? 122 VAL A C   1 
ATOM   219  O  O   . VAL A 1 29  ? 4.866   9.749   -17.736 1.00 96.62  ? 122 VAL A O   1 
ATOM   220  C  CB  . VAL A 1 29  ? 6.640   7.592   -17.990 1.00 78.47  ? 122 VAL A CB  1 
ATOM   221  C  CG1 . VAL A 1 29  ? 6.118   6.849   -16.794 1.00 71.88  ? 122 VAL A CG1 1 
ATOM   222  C  CG2 . VAL A 1 29  ? 7.715   6.799   -18.682 1.00 81.61  ? 122 VAL A CG2 1 
ATOM   223  N  N   . SER A 1 30  ? 3.291   8.255   -18.108 1.00 85.33  ? 123 SER A N   1 
ATOM   224  C  CA  . SER A 1 30  ? 2.384   8.905   -17.163 1.00 93.16  ? 123 SER A CA  1 
ATOM   225  C  C   . SER A 1 30  ? 2.248   8.040   -15.876 1.00 83.93  ? 123 SER A C   1 
ATOM   226  O  O   . SER A 1 30  ? 2.212   6.828   -15.918 1.00 85.99  ? 123 SER A O   1 
ATOM   227  C  CB  . SER A 1 30  ? 1.046   9.237   -17.814 1.00 84.30  ? 123 SER A CB  1 
ATOM   228  O  OG  . SER A 1 30  ? 1.094   8.950   -19.201 1.00 90.54  ? 123 SER A OG  1 
ATOM   229  N  N   . LEU A 1 31  ? 2.225   8.700   -14.736 1.00 77.71  ? 124 LEU A N   1 
ATOM   230  C  CA  . LEU A 1 31  ? 2.201   8.068   -13.442 1.00 84.25  ? 124 LEU A CA  1 
ATOM   231  C  C   . LEU A 1 31  ? 0.937   8.461   -12.754 1.00 91.47  ? 124 LEU A C   1 
ATOM   232  O  O   . LEU A 1 31  ? 0.668   9.637   -12.614 1.00 107.44 ? 124 LEU A O   1 
ATOM   233  C  CB  . LEU A 1 31  ? 3.349   8.583   -12.595 1.00 83.73  ? 124 LEU A CB  1 
ATOM   234  C  CG  . LEU A 1 31  ? 4.666   8.557   -13.340 1.00 87.82  ? 124 LEU A CG  1 
ATOM   235  C  CD1 . LEU A 1 31  ? 5.816   8.574   -12.344 1.00 94.90  ? 124 LEU A CD1 1 
ATOM   236  C  CD2 . LEU A 1 31  ? 4.685   7.280   -14.154 1.00 90.34  ? 124 LEU A CD2 1 
ATOM   237  N  N   . ILE A 1 32  ? 0.149   7.490   -12.327 1.00 94.70  ? 125 ILE A N   1 
ATOM   238  C  CA  . ILE A 1 32  ? -1.083  7.817   -11.652 1.00 84.29  ? 125 ILE A CA  1 
ATOM   239  C  C   . ILE A 1 32  ? -1.011  7.273   -10.244 1.00 85.80  ? 125 ILE A C   1 
ATOM   240  O  O   . ILE A 1 32  ? -0.529  6.162   -10.012 1.00 86.62  ? 125 ILE A O   1 
ATOM   241  C  CB  . ILE A 1 32  ? -2.297  7.283   -12.394 1.00 76.65  ? 125 ILE A CB  1 
ATOM   242  C  CG1 . ILE A 1 32  ? -2.162  7.555   -13.895 1.00 83.60  ? 125 ILE A CG1 1 
ATOM   243  C  CG2 . ILE A 1 32  ? -3.545  7.975   -11.879 1.00 88.81  ? 125 ILE A CG2 1 
ATOM   244  C  CD1 . ILE A 1 32  ? -1.503  6.458   -14.698 1.00 97.75  ? 125 ILE A CD1 1 
ATOM   245  N  N   . ARG A 1 33  ? -1.461  8.082   -9.304  1.00 76.76  ? 126 ARG A N   1 
ATOM   246  C  CA  . ARG A 1 33  ? -1.575  7.628   -7.939  1.00 83.99  ? 126 ARG A CA  1 
ATOM   247  C  C   . ARG A 1 33  ? -2.988  7.218   -7.669  1.00 90.65  ? 126 ARG A C   1 
ATOM   248  O  O   . ARG A 1 33  ? -3.939  7.940   -8.003  1.00 99.18  ? 126 ARG A O   1 
ATOM   249  C  CB  . ARG A 1 33  ? -1.170  8.726   -6.971  1.00 79.51  ? 126 ARG A CB  1 
ATOM   250  C  CG  . ARG A 1 33  ? 0.236   9.158   -7.222  1.00 78.97  ? 126 ARG A CG  1 
ATOM   251  C  CD  . ARG A 1 33  ? 1.188   8.060   -6.803  1.00 72.22  ? 126 ARG A CD  1 
ATOM   252  N  NE  . ARG A 1 33  ? 1.892   8.470   -5.589  1.00 76.89  ? 126 ARG A NE  1 
ATOM   253  C  CZ  . ARG A 1 33  ? 2.508   7.641   -4.758  1.00 70.79  ? 126 ARG A CZ  1 
ATOM   254  N  NH1 . ARG A 1 33  ? 2.496   6.339   -4.946  1.00 80.77  ? 126 ARG A NH1 1 
ATOM   255  N  NH2 . ARG A 1 33  ? 3.107   8.116   -3.700  1.00 92.33  ? 126 ARG A NH2 1 
ATOM   256  N  N   . THR A 1 34  ? -3.124  6.054   -7.056  1.00 87.15  ? 127 THR A N   1 
ATOM   257  C  CA  . THR A 1 34  ? -4.417  5.596   -6.619  1.00 81.43  ? 127 THR A CA  1 
ATOM   258  C  C   . THR A 1 34  ? -4.386  5.128   -5.137  1.00 79.23  ? 127 THR A C   1 
ATOM   259  O  O   . THR A 1 34  ? -3.328  4.791   -4.589  1.00 72.05  ? 127 THR A O   1 
ATOM   260  C  CB  . THR A 1 34  ? -4.951  4.555   -7.609  1.00 74.75  ? 127 THR A CB  1 
ATOM   261  O  OG1 . THR A 1 34  ? -6.371  4.559   -7.562  1.00 107.74 ? 127 THR A OG1 1 
ATOM   262  C  CG2 . THR A 1 34  ? -4.456  3.183   -7.287  1.00 80.25  ? 127 THR A CG2 1 
ATOM   263  N  N   . SER A 1 35  ? -5.543  5.149   -4.484  1.00 84.06  ? 128 SER A N   1 
ATOM   264  C  CA  . SER A 1 35  ? -5.681  4.448   -3.219  1.00 83.01  ? 128 SER A CA  1 
ATOM   265  C  C   . SER A 1 35  ? -5.420  2.963   -3.480  1.00 84.91  ? 128 SER A C   1 
ATOM   266  O  O   . SER A 1 35  ? -5.813  2.392   -4.530  1.00 86.66  ? 128 SER A O   1 
ATOM   267  C  CB  . SER A 1 35  ? -7.081  4.630   -2.647  1.00 88.62  ? 128 SER A CB  1 
ATOM   268  O  OG  . SER A 1 35  ? -7.236  3.918   -1.432  1.00 94.32  ? 128 SER A OG  1 
ATOM   269  N  N   . PRO A 1 36  ? -4.756  2.316   -2.537  1.00 71.45  ? 129 PRO A N   1 
ATOM   270  C  CA  . PRO A 1 36  ? -4.540  0.879   -2.756  1.00 71.43  ? 129 PRO A CA  1 
ATOM   271  C  C   . PRO A 1 36  ? -5.881  0.160   -2.916  1.00 76.96  ? 129 PRO A C   1 
ATOM   272  O  O   . PRO A 1 36  ? -5.974  -0.822  -3.680  1.00 80.96  ? 129 PRO A O   1 
ATOM   273  C  CB  . PRO A 1 36  ? -3.816  0.413   -1.496  1.00 65.82  ? 129 PRO A CB  1 
ATOM   274  C  CG  . PRO A 1 36  ? -3.273  1.677   -0.879  1.00 79.35  ? 129 PRO A CG  1 
ATOM   275  C  CD  . PRO A 1 36  ? -4.134  2.843   -1.314  1.00 68.77  ? 129 PRO A CD  1 
ATOM   276  N  N   . ALA A 1 37  ? -6.916  0.657   -2.231  1.00 70.72  ? 130 ALA A N   1 
ATOM   277  C  CA  . ALA A 1 37  ? -8.270  0.110   -2.412  1.00 76.55  ? 130 ALA A CA  1 
ATOM   278  C  C   . ALA A 1 37  ? -8.807  0.259   -3.835  1.00 72.15  ? 130 ALA A C   1 
ATOM   279  O  O   . ALA A 1 37  ? -9.655  -0.512  -4.228  1.00 81.33  ? 130 ALA A O   1 
ATOM   280  C  CB  . ALA A 1 37  ? -9.249  0.676   -1.400  1.00 65.78  ? 130 ALA A CB  1 
ATOM   281  N  N   . ASP A 1 38  ? -8.282  1.193   -4.629  1.00 78.11  ? 131 ASP A N   1 
ATOM   282  C  CA  . ASP A 1 38  ? -8.804  1.371   -5.999  1.00 81.76  ? 131 ASP A CA  1 
ATOM   283  C  C   . ASP A 1 38  ? -7.922  0.916   -7.152  1.00 79.42  ? 131 ASP A C   1 
ATOM   284  O  O   . ASP A 1 38  ? -8.353  0.890   -8.301  1.00 83.56  ? 131 ASP A O   1 
ATOM   285  C  CB  . ASP A 1 38  ? -9.267  2.797   -6.184  1.00 87.05  ? 131 ASP A CB  1 
ATOM   286  C  CG  . ASP A 1 38  ? -10.311 3.174   -5.161  1.00 111.10 ? 131 ASP A CG  1 
ATOM   287  O  OD1 . ASP A 1 38  ? -11.196 2.313   -4.897  1.00 101.59 ? 131 ASP A OD1 1 
ATOM   288  O  OD2 . ASP A 1 38  ? -10.232 4.295   -4.604  1.00 116.12 ? 131 ASP A OD2 1 
ATOM   289  N  N   . SER A 1 39  ? -6.688  0.536   -6.850  1.00 76.87  ? 132 SER A N   1 
ATOM   290  C  CA  . SER A 1 39  ? -5.786  0.076   -7.893  1.00 72.69  ? 132 SER A CA  1 
ATOM   291  C  C   . SER A 1 39  ? -6.285  -1.051  -8.826  1.00 76.98  ? 132 SER A C   1 
ATOM   292  O  O   . SER A 1 39  ? -6.506  -0.823  -10.022 1.00 82.22  ? 132 SER A O   1 
ATOM   293  C  CB  . SER A 1 39  ? -4.460  -0.277  -7.276  1.00 63.84  ? 132 SER A CB  1 
ATOM   294  O  OG  . SER A 1 39  ? -4.612  -1.237  -6.304  1.00 74.04  ? 132 SER A OG  1 
ATOM   295  N  N   . LEU A 1 40  ? -6.488  -2.254  -8.293  1.00 83.98  ? 133 LEU A N   1 
ATOM   296  C  CA  . LEU A 1 40  ? -6.958  -3.368  -9.138  1.00 79.11  ? 133 LEU A CA  1 
ATOM   297  C  C   . LEU A 1 40  ? -8.261  -3.014  -9.842  1.00 80.84  ? 133 LEU A C   1 
ATOM   298  O  O   . LEU A 1 40  ? -8.389  -3.225  -11.031 1.00 85.46  ? 133 LEU A O   1 
ATOM   299  C  CB  . LEU A 1 40  ? -7.072  -4.672  -8.352  1.00 70.41  ? 133 LEU A CB  1 
ATOM   300  C  CG  . LEU A 1 40  ? -5.757  -5.110  -7.672  1.00 86.37  ? 133 LEU A CG  1 
ATOM   301  C  CD1 . LEU A 1 40  ? -5.881  -6.348  -6.791  1.00 75.79  ? 133 LEU A CD1 1 
ATOM   302  C  CD2 . LEU A 1 40  ? -4.620  -5.292  -8.673  1.00 82.58  ? 133 LEU A CD2 1 
ATOM   303  N  N   . ALA A 1 41  ? -9.205  -2.423  -9.117  1.00 83.22  ? 134 ALA A N   1 
ATOM   304  C  CA  . ALA A 1 41  ? -10.414 -1.928  -9.734  1.00 70.62  ? 134 ALA A CA  1 
ATOM   305  C  C   . ALA A 1 41  ? -10.080 -1.092  -10.975 1.00 89.83  ? 134 ALA A C   1 
ATOM   306  O  O   . ALA A 1 41  ? -10.694 -1.273  -12.050 1.00 101.38 ? 134 ALA A O   1 
ATOM   307  C  CB  . ALA A 1 41  ? -11.214 -1.131  -8.740  1.00 71.78  ? 134 ALA A CB  1 
ATOM   308  N  N   . THR A 1 42  ? -9.080  -0.216  -10.838 1.00 78.89  ? 135 THR A N   1 
ATOM   309  C  CA  . THR A 1 42  ? -8.676  0.644   -11.929 1.00 80.15  ? 135 THR A CA  1 
ATOM   310  C  C   . THR A 1 42  ? -8.081  -0.095  -13.124 1.00 93.68  ? 135 THR A C   1 
ATOM   311  O  O   . THR A 1 42  ? -8.429  0.181   -14.273 1.00 105.87 ? 135 THR A O   1 
ATOM   312  C  CB  . THR A 1 42  ? -7.645  1.615   -11.453 1.00 80.46  ? 135 THR A CB  1 
ATOM   313  O  OG1 . THR A 1 42  ? -8.248  2.436   -10.461 1.00 90.98  ? 135 THR A OG1 1 
ATOM   314  C  CG2 . THR A 1 42  ? -7.165  2.477   -12.592 1.00 71.55  ? 135 THR A CG2 1 
ATOM   315  N  N   . ILE A 1 43  ? -7.142  -0.970  -12.866 1.00 88.94  ? 136 ILE A N   1 
ATOM   316  C  CA  . ILE A 1 43  ? -6.509  -1.652  -13.958 1.00 86.28  ? 136 ILE A CA  1 
ATOM   317  C  C   . ILE A 1 43  ? -7.523  -2.508  -14.650 1.00 83.61  ? 136 ILE A C   1 
ATOM   318  O  O   . ILE A 1 43  ? -7.415  -2.781  -15.820 1.00 99.21  ? 136 ILE A O   1 
ATOM   319  C  CB  . ILE A 1 43  ? -5.266  -2.420  -13.532 1.00 87.67  ? 136 ILE A CB  1 
ATOM   320  C  CG1 . ILE A 1 43  ? -5.605  -3.774  -12.963 1.00 81.42  ? 136 ILE A CG1 1 
ATOM   321  C  CG2 . ILE A 1 43  ? -4.525  -1.636  -12.481 1.00 107.10 ? 136 ILE A CG2 1 
ATOM   322  C  CD1 . ILE A 1 43  ? -4.386  -4.487  -12.447 1.00 85.85  ? 136 ILE A CD1 1 
ATOM   323  N  N   . LYS A 1 44  ? -8.489  -2.976  -13.896 1.00 91.81  ? 137 LYS A N   1 
ATOM   324  C  CA  . LYS A 1 44  ? -9.497  -3.836  -14.456 1.00 84.22  ? 137 LYS A CA  1 
ATOM   325  C  C   . LYS A 1 44  ? -10.305 -3.135  -15.525 1.00 92.23  ? 137 LYS A C   1 
ATOM   326  O  O   . LYS A 1 44  ? -10.659 -3.760  -16.513 1.00 100.82 ? 137 LYS A O   1 
ATOM   327  C  CB  . LYS A 1 44  ? -10.385 -4.407  -13.367 1.00 85.28  ? 137 LYS A CB  1 
ATOM   328  C  CG  . LYS A 1 44  ? -9.757  -5.574  -12.628 1.00 80.66  ? 137 LYS A CG  1 
ATOM   329  C  CD  . LYS A 1 44  ? -10.702 -6.151  -11.593 1.00 89.24  ? 137 LYS A CD  1 
ATOM   330  C  CE  . LYS A 1 44  ? -9.975  -7.035  -10.606 1.00 89.23  ? 137 LYS A CE  1 
ATOM   331  N  NZ  . LYS A 1 44  ? -10.580 -6.958  -9.254  1.00 98.05  ? 137 LYS A NZ  1 
ATOM   332  N  N   . GLN A 1 45  ? -10.608 -1.853  -15.346 1.00 90.52  ? 138 GLN A N   1 
ATOM   333  C  CA  . GLN A 1 45  ? -11.382 -1.163  -16.364 1.00 86.44  ? 138 GLN A CA  1 
ATOM   334  C  C   . GLN A 1 45  ? -10.558 -1.183  -17.612 1.00 104.46 ? 138 GLN A C   1 
ATOM   335  O  O   . GLN A 1 45  ? -9.446  -0.687  -17.637 1.00 106.33 ? 138 GLN A O   1 
ATOM   336  C  CB  . GLN A 1 45  ? -11.591 0.284   -15.996 1.00 78.80  ? 138 GLN A CB  1 
ATOM   337  C  CG  . GLN A 1 45  ? -12.080 0.497   -14.593 1.00 92.93  ? 138 GLN A CG  1 
ATOM   338  C  CD  . GLN A 1 45  ? -12.602 1.891   -14.403 1.00 109.06 ? 138 GLN A CD  1 
ATOM   339  O  OE1 . GLN A 1 45  ? -12.495 2.470   -13.329 1.00 122.71 ? 138 GLN A OE1 1 
ATOM   340  N  NE2 . GLN A 1 45  ? -13.168 2.445   -15.456 1.00 122.46 ? 138 GLN A NE2 1 
ATOM   341  N  N   . ASP A 1 46  ? -11.137 -1.695  -18.678 1.00 122.32 ? 139 ASP A N   1 
ATOM   342  C  CA  . ASP A 1 46  ? -10.394 -1.870  -19.897 1.00 116.76 ? 139 ASP A CA  1 
ATOM   343  C  C   . ASP A 1 46  ? -9.969  -0.547  -20.444 1.00 109.58 ? 139 ASP A C   1 
ATOM   344  O  O   . ASP A 1 46  ? -8.870  -0.394  -20.937 1.00 120.74 ? 139 ASP A O   1 
ATOM   345  C  CB  . ASP A 1 46  ? -11.228 -2.628  -20.911 1.00 138.71 ? 139 ASP A CB  1 
ATOM   346  C  CG  . ASP A 1 46  ? -11.434 -4.065  -20.516 1.00 159.60 ? 139 ASP A CG  1 
ATOM   347  O  OD1 . ASP A 1 46  ? -12.335 -4.719  -21.075 1.00 165.32 ? 139 ASP A OD1 1 
ATOM   348  O  OD2 . ASP A 1 46  ? -10.691 -4.545  -19.639 1.00 170.88 ? 139 ASP A OD2 1 
ATOM   349  N  N   . ASN A 1 47  ? -10.856 0.420   -20.363 1.00 113.31 ? 140 ASN A N   1 
ATOM   350  C  CA  . ASN A 1 47  ? -10.573 1.707   -20.939 1.00 110.68 ? 140 ASN A CA  1 
ATOM   351  C  C   . ASN A 1 47  ? -9.393  2.376   -20.279 1.00 118.28 ? 140 ASN A C   1 
ATOM   352  O  O   . ASN A 1 47  ? -8.587  3.007   -20.936 1.00 124.02 ? 140 ASN A O   1 
ATOM   353  C  CB  . ASN A 1 47  ? -11.800 2.600   -20.873 1.00 103.29 ? 140 ASN A CB  1 
ATOM   354  C  CG  . ASN A 1 47  ? -12.021 3.177   -19.505 1.00 131.62 ? 140 ASN A CG  1 
ATOM   355  O  OD1 . ASN A 1 47  ? -12.961 2.809   -18.818 1.00 156.68 ? 140 ASN A OD1 1 
ATOM   356  N  ND2 . ASN A 1 47  ? -11.155 4.092   -19.102 1.00 133.63 ? 140 ASN A ND2 1 
ATOM   357  N  N   . ALA A 1 48  ? -9.299  2.264   -18.968 1.00 113.60 ? 141 ALA A N   1 
ATOM   358  C  CA  . ALA A 1 48  ? -8.282  3.052   -18.256 1.00 96.07  ? 141 ALA A CA  1 
ATOM   359  C  C   . ALA A 1 48  ? -6.865  2.873   -18.828 1.00 101.63 ? 141 ALA A C   1 
ATOM   360  O  O   . ALA A 1 48  ? -5.975  3.709   -18.602 1.00 89.64  ? 141 ALA A O   1 
ATOM   361  C  CB  . ALA A 1 48  ? -8.313  2.754   -16.766 1.00 90.30  ? 141 ALA A CB  1 
ATOM   362  N  N   . GLU A 1 49  ? -6.648  1.791   -19.574 1.00 91.66  ? 142 GLU A N   1 
ATOM   363  C  CA  . GLU A 1 49  ? -5.399  1.658   -20.311 1.00 98.21  ? 142 GLU A CA  1 
ATOM   364  C  C   . GLU A 1 49  ? -4.111  1.738   -19.452 1.00 96.48  ? 142 GLU A C   1 
ATOM   365  O  O   . GLU A 1 49  ? -3.098  2.300   -19.889 1.00 100.48 ? 142 GLU A O   1 
ATOM   366  C  CB  . GLU A 1 49  ? -5.355  2.716   -21.417 1.00 101.79 ? 142 GLU A CB  1 
ATOM   367  C  CG  . GLU A 1 49  ? -4.499  2.327   -22.612 1.00 122.26 ? 142 GLU A CG  1 
ATOM   368  C  CD  . GLU A 1 49  ? -5.246  2.483   -23.925 1.00 146.20 ? 142 GLU A CD  1 
ATOM   369  O  OE1 . GLU A 1 49  ? -6.025  3.465   -24.057 1.00 134.76 ? 142 GLU A OE1 1 
ATOM   370  O  OE2 . GLU A 1 49  ? -5.061  1.616   -24.819 1.00 144.49 ? 142 GLU A OE2 1 
ATOM   371  N  N   . ILE A 1 50  ? -4.151  1.171   -18.245 1.00 78.66  ? 143 ILE A N   1 
ATOM   372  C  CA  . ILE A 1 50  ? -2.951  1.038   -17.420 1.00 76.60  ? 143 ILE A CA  1 
ATOM   373  C  C   . ILE A 1 50  ? -2.054  -0.037  -18.000 1.00 66.09  ? 143 ILE A C   1 
ATOM   374  O  O   . ILE A 1 50  ? -2.534  -0.906  -18.659 1.00 80.46  ? 143 ILE A O   1 
ATOM   375  C  CB  . ILE A 1 50  ? -3.270  0.810   -15.911 1.00 85.73  ? 143 ILE A CB  1 
ATOM   376  C  CG1 . ILE A 1 50  ? -3.548  2.148   -15.230 1.00 80.76  ? 143 ILE A CG1 1 
ATOM   377  C  CG2 . ILE A 1 50  ? -2.087  0.231   -15.152 1.00 75.76  ? 143 ILE A CG2 1 
ATOM   378  C  CD1 . ILE A 1 50  ? -4.760  2.842   -15.813 1.00 106.80 ? 143 ILE A CD1 1 
ATOM   379  N  N   . ASP A 1 51  ? -0.742  0.066   -17.808 1.00 71.44  ? 144 ASP A N   1 
ATOM   380  C  CA  . ASP A 1 51  ? 0.228   -0.831  -18.464 1.00 70.11  ? 144 ASP A CA  1 
ATOM   381  C  C   . ASP A 1 51  ? 1.047   -1.435  -17.357 1.00 78.53  ? 144 ASP A C   1 
ATOM   382  O  O   . ASP A 1 51  ? 1.595   -2.534  -17.504 1.00 73.23  ? 144 ASP A O   1 
ATOM   383  C  CB  . ASP A 1 51  ? 1.162   -0.061  -19.424 1.00 76.63  ? 144 ASP A CB  1 
ATOM   384  C  CG  . ASP A 1 51  ? 0.472   0.362   -20.713 1.00 92.90  ? 144 ASP A CG  1 
ATOM   385  O  OD1 . ASP A 1 51  ? 0.352   -0.487  -21.629 1.00 111.03 ? 144 ASP A OD1 1 
ATOM   386  O  OD2 . ASP A 1 51  ? 0.035   1.535   -20.819 1.00 94.77  ? 144 ASP A OD2 1 
ATOM   387  N  N   . ILE A 1 52  ? 1.153   -0.698  -16.244 1.00 75.37  ? 145 ILE A N   1 
ATOM   388  C  CA  . ILE A 1 52  ? 1.833   -1.223  -15.081 1.00 79.78  ? 145 ILE A CA  1 
ATOM   389  C  C   . ILE A 1 52  ? 1.178   -0.771  -13.806 1.00 84.30  ? 145 ILE A C   1 
ATOM   390  O  O   . ILE A 1 52  ? 0.786   0.399   -13.699 1.00 88.12  ? 145 ILE A O   1 
ATOM   391  C  CB  . ILE A 1 52  ? 3.314   -0.841  -15.096 1.00 74.48  ? 145 ILE A CB  1 
ATOM   392  C  CG1 . ILE A 1 52  ? 3.967   -1.555  -16.273 1.00 66.69  ? 145 ILE A CG1 1 
ATOM   393  C  CG2 . ILE A 1 52  ? 3.984   -1.273  -13.793 1.00 72.35  ? 145 ILE A CG2 1 
ATOM   394  C  CD1 . ILE A 1 52  ? 5.222   -0.919  -16.786 1.00 64.87  ? 145 ILE A CD1 1 
ATOM   395  N  N   . ALA A 1 53  ? 1.028   -1.678  -12.845 1.00 70.08  ? 146 ALA A N   1 
ATOM   396  C  CA  . ALA A 1 53  ? 0.554   -1.191  -11.547 1.00 76.51  ? 146 ALA A CA  1 
ATOM   397  C  C   . ALA A 1 53  ? 1.478   -1.569  -10.416 1.00 72.45  ? 146 ALA A C   1 
ATOM   398  O  O   . ALA A 1 53  ? 1.865   -2.726  -10.282 1.00 87.45  ? 146 ALA A O   1 
ATOM   399  C  CB  . ALA A 1 53  ? -0.878  -1.638  -11.260 1.00 64.79  ? 146 ALA A CB  1 
ATOM   400  N  N   . ILE A 1 54  ? 1.811   -0.615  -9.570  1.00 66.90  ? 147 ILE A N   1 
ATOM   401  C  CA  . ILE A 1 54  ? 2.593   -0.995  -8.426  1.00 67.42  ? 147 ILE A CA  1 
ATOM   402  C  C   . ILE A 1 54  ? 1.763   -0.925  -7.142  1.00 67.42  ? 147 ILE A C   1 
ATOM   403  O  O   . ILE A 1 54  ? 1.428   0.146   -6.687  1.00 81.55  ? 147 ILE A O   1 
ATOM   404  C  CB  . ILE A 1 54  ? 3.911   -0.231  -8.376  1.00 65.99  ? 147 ILE A CB  1 
ATOM   405  C  CG1 . ILE A 1 54  ? 4.911   -0.856  -9.346  1.00 69.23  ? 147 ILE A CG1 1 
ATOM   406  C  CG2 . ILE A 1 54  ? 4.576   -0.507  -7.074  1.00 66.47  ? 147 ILE A CG2 1 
ATOM   407  C  CD1 . ILE A 1 54  ? 5.073   -0.134  -10.641 1.00 67.89  ? 147 ILE A CD1 1 
ATOM   408  N  N   . THR A 1 55  ? 1.380   -2.075  -6.588  1.00 68.84  ? 148 THR A N   1 
ATOM   409  C  CA  . THR A 1 55  ? 0.401   -2.102  -5.481  1.00 71.13  ? 148 THR A CA  1 
ATOM   410  C  C   . THR A 1 55  ? 0.779   -3.017  -4.359  1.00 74.25  ? 148 THR A C   1 
ATOM   411  O  O   . THR A 1 55  ? 1.575   -3.942  -4.543  1.00 73.74  ? 148 THR A O   1 
ATOM   412  C  CB  . THR A 1 55  ? -0.978  -2.605  -5.901  1.00 63.70  ? 148 THR A CB  1 
ATOM   413  O  OG1 . THR A 1 55  ? -1.055  -2.607  -7.318  1.00 85.51  ? 148 THR A OG1 1 
ATOM   414  C  CG2 . THR A 1 55  ? -2.055  -1.684  -5.347  1.00 55.91  ? 148 THR A CG2 1 
ATOM   415  N  N   . ILE A 1 56  ? 0.199   -2.765  -3.194  1.00 63.25  ? 149 ILE A N   1 
ATOM   416  C  CA  . ILE A 1 56  ? 0.258   -3.770  -2.207  1.00 71.00  ? 149 ILE A CA  1 
ATOM   417  C  C   . ILE A 1 56  ? -0.897  -4.779  -2.308  1.00 79.12  ? 149 ILE A C   1 
ATOM   418  O  O   . ILE A 1 56  ? -0.849  -5.782  -1.603  1.00 88.06  ? 149 ILE A O   1 
ATOM   419  C  CB  . ILE A 1 56  ? 0.319   -3.178  -0.811  1.00 71.77  ? 149 ILE A CB  1 
ATOM   420  C  CG1 . ILE A 1 56  ? -0.925  -2.380  -0.561  1.00 66.31  ? 149 ILE A CG1 1 
ATOM   421  C  CG2 . ILE A 1 56  ? 1.598   -2.367  -0.616  1.00 70.57  ? 149 ILE A CG2 1 
ATOM   422  C  CD1 . ILE A 1 56  ? -1.121  -2.043  0.902   1.00 70.58  ? 149 ILE A CD1 1 
ATOM   423  N  N   . ASP A 1 57  ? -1.883  -4.560  -3.190  1.00 68.27  ? 150 ASP A N   1 
ATOM   424  C  CA  . ASP A 1 57  ? -3.048  -5.439  -3.226  1.00 75.63  ? 150 ASP A CA  1 
ATOM   425  C  C   . ASP A 1 57  ? -2.868  -6.741  -4.034  1.00 83.55  ? 150 ASP A C   1 
ATOM   426  O  O   . ASP A 1 57  ? -2.048  -6.796  -4.929  1.00 79.45  ? 150 ASP A O   1 
ATOM   427  C  CB  . ASP A 1 57  ? -4.274  -4.677  -3.698  1.00 91.41  ? 150 ASP A CB  1 
ATOM   428  C  CG  . ASP A 1 57  ? -5.568  -5.205  -3.082  1.00 99.71  ? 150 ASP A CG  1 
ATOM   429  O  OD1 . ASP A 1 57  ? -5.507  -5.883  -2.028  1.00 106.96 ? 150 ASP A OD1 1 
ATOM   430  O  OD2 . ASP A 1 57  ? -6.651  -4.922  -3.647  1.00 96.92  ? 150 ASP A OD2 1 
ATOM   431  N  N   . GLU A 1 58  ? -3.623  -7.795  -3.698  1.00 93.70  ? 151 GLU A N   1 
ATOM   432  C  CA  . GLU A 1 58  ? -3.504  -9.095  -4.404  1.00 89.50  ? 151 GLU A CA  1 
ATOM   433  C  C   . GLU A 1 58  ? -4.779  -9.673  -4.959  1.00 76.53  ? 151 GLU A C   1 
ATOM   434  O  O   . GLU A 1 58  ? -5.819  -9.605  -4.345  1.00 72.11  ? 151 GLU A O   1 
ATOM   435  C  CB  . GLU A 1 58  ? -2.832  -10.146 -3.541  1.00 88.09  ? 151 GLU A CB  1 
ATOM   436  C  CG  . GLU A 1 58  ? -3.145  -9.984  -2.078  1.00 106.78 ? 151 GLU A CG  1 
ATOM   437  C  CD  . GLU A 1 58  ? -1.970  -10.380 -1.187  1.00 132.08 ? 151 GLU A CD  1 
ATOM   438  O  OE1 . GLU A 1 58  ? -2.194  -11.042 -0.138  1.00 133.18 ? 151 GLU A OE1 1 
ATOM   439  O  OE2 . GLU A 1 58  ? -0.812  -10.028 -1.523  1.00 116.08 ? 151 GLU A OE2 1 
ATOM   440  N  N   . GLU A 1 59  ? -4.656  -10.239 -6.144  1.00 78.54  ? 152 GLU A N   1 
ATOM   441  C  CA  . GLU A 1 59  ? -5.700  -10.930 -6.835  1.00 88.52  ? 152 GLU A CA  1 
ATOM   442  C  C   . GLU A 1 59  ? -4.860  -11.784 -7.742  1.00 97.66  ? 152 GLU A C   1 
ATOM   443  O  O   . GLU A 1 59  ? -4.111  -11.242 -8.540  1.00 110.07 ? 152 GLU A O   1 
ATOM   444  C  CB  . GLU A 1 59  ? -6.473  -9.939  -7.655  1.00 88.25  ? 152 GLU A CB  1 
ATOM   445  C  CG  . GLU A 1 59  ? -7.884  -10.367 -7.942  1.00 113.49 ? 152 GLU A CG  1 
ATOM   446  C  CD  . GLU A 1 59  ? -8.842  -9.220  -7.779  1.00 122.64 ? 152 GLU A CD  1 
ATOM   447  O  OE1 . GLU A 1 59  ? -9.527  -8.910  -8.765  1.00 131.47 ? 152 GLU A OE1 1 
ATOM   448  O  OE2 . GLU A 1 59  ? -8.893  -8.620  -6.679  1.00 130.48 ? 152 GLU A OE2 1 
ATOM   449  N  N   . LEU A 1 60  ? -4.910  -13.102 -7.603  1.00 111.44 ? 153 LEU A N   1 
ATOM   450  C  CA  . LEU A 1 60  ? -3.831  -13.859 -8.224  1.00 125.95 ? 153 LEU A CA  1 
ATOM   451  C  C   . LEU A 1 60  ? -3.899  -13.869 -9.747  1.00 119.53 ? 153 LEU A C   1 
ATOM   452  O  O   . LEU A 1 60  ? -2.868  -13.731 -10.416 1.00 128.18 ? 153 LEU A O   1 
ATOM   453  C  CB  . LEU A 1 60  ? -3.598  -15.261 -7.625  1.00 135.08 ? 153 LEU A CB  1 
ATOM   454  C  CG  . LEU A 1 60  ? -2.051  -15.456 -7.636  1.00 140.97 ? 153 LEU A CG  1 
ATOM   455  C  CD1 . LEU A 1 60  ? -1.425  -15.720 -6.256  1.00 132.73 ? 153 LEU A CD1 1 
ATOM   456  C  CD2 . LEU A 1 60  ? -1.544  -16.436 -8.703  1.00 104.44 ? 153 LEU A CD2 1 
ATOM   457  N  N   . LYS A 1 61  ? -5.105  -13.988 -10.286 1.00 103.53 ? 154 LYS A N   1 
ATOM   458  C  CA  . LYS A 1 61  ? -5.258  -14.112 -11.721 1.00 97.01  ? 154 LYS A CA  1 
ATOM   459  C  C   . LYS A 1 61  ? -6.212  -13.011 -12.171 1.00 100.02 ? 154 LYS A C   1 
ATOM   460  O  O   . LYS A 1 61  ? -7.408  -13.030 -11.872 1.00 96.10  ? 154 LYS A O   1 
ATOM   461  C  CB  . LYS A 1 61  ? -5.717  -15.532 -12.095 1.00 129.26 ? 154 LYS A CB  1 
ATOM   462  C  CG  . LYS A 1 61  ? -4.742  -16.637 -11.638 1.00 136.00 ? 154 LYS A CG  1 
ATOM   463  C  CD  . LYS A 1 61  ? -5.393  -18.003 -11.439 1.00 125.65 ? 154 LYS A CD  1 
ATOM   464  C  CE  . LYS A 1 61  ? -5.477  -18.747 -12.762 1.00 125.81 ? 154 LYS A CE  1 
ATOM   465  N  NZ  . LYS A 1 61  ? -6.553  -19.775 -12.724 1.00 135.58 ? 154 LYS A NZ  1 
ATOM   466  N  N   . ILE A 1 62  ? -5.641  -12.061 -12.900 1.00 103.96 ? 155 ILE A N   1 
ATOM   467  C  CA  . ILE A 1 62  ? -6.363  -10.928 -13.431 1.00 96.22  ? 155 ILE A CA  1 
ATOM   468  C  C   . ILE A 1 62  ? -6.391  -11.045 -14.920 1.00 83.57  ? 155 ILE A C   1 
ATOM   469  O  O   . ILE A 1 62  ? -5.524  -11.630 -15.533 1.00 78.72  ? 155 ILE A O   1 
ATOM   470  C  CB  . ILE A 1 62  ? -5.737  -9.596  -13.035 1.00 97.83  ? 155 ILE A CB  1 
ATOM   471  C  CG1 . ILE A 1 62  ? -5.799  -9.457  -11.521 1.00 101.08 ? 155 ILE A CG1 1 
ATOM   472  C  CG2 . ILE A 1 62  ? -6.471  -8.460  -13.723 1.00 89.05  ? 155 ILE A CG2 1 
ATOM   473  C  CD1 . ILE A 1 62  ? -5.780  -8.046  -10.991 1.00 94.14  ? 155 ILE A CD1 1 
ATOM   474  N  N   . SER A 1 63  ? -7.421  -10.480 -15.497 1.00 89.41  ? 156 SER A N   1 
ATOM   475  C  CA  . SER A 1 63  ? -7.815  -10.875 -16.803 1.00 114.99 ? 156 SER A CA  1 
ATOM   476  C  C   . SER A 1 63  ? -6.751  -10.646 -17.838 1.00 111.45 ? 156 SER A C   1 
ATOM   477  O  O   . SER A 1 63  ? -6.479  -11.534 -18.633 1.00 120.78 ? 156 SER A O   1 
ATOM   478  C  CB  . SER A 1 63  ? -9.057  -10.093 -17.186 1.00 145.57 ? 156 SER A CB  1 
ATOM   479  O  OG  . SER A 1 63  ? -9.518  -9.342  -16.078 1.00 146.92 ? 156 SER A OG  1 
ATOM   480  N  N   . ARG A 1 64  ? -6.130  -9.481  -17.829 1.00 106.85 ? 157 ARG A N   1 
ATOM   481  C  CA  . ARG A 1 64  ? -5.175  -9.181  -18.875 1.00 99.95  ? 157 ARG A CA  1 
ATOM   482  C  C   . ARG A 1 64  ? -3.763  -9.035  -18.394 1.00 102.48 ? 157 ARG A C   1 
ATOM   483  O  O   . ARG A 1 64  ? -2.891  -8.677  -19.156 1.00 106.07 ? 157 ARG A O   1 
ATOM   484  C  CB  . ARG A 1 64  ? -5.598  -7.932  -19.623 1.00 98.45  ? 157 ARG A CB  1 
ATOM   485  C  CG  . ARG A 1 64  ? -6.843  -8.124  -20.461 1.00 115.44 ? 157 ARG A CG  1 
ATOM   486  C  CD  . ARG A 1 64  ? -7.164  -6.876  -21.255 1.00 126.57 ? 157 ARG A CD  1 
ATOM   487  N  NE  . ARG A 1 64  ? -8.055  -5.995  -20.517 1.00 154.22 ? 157 ARG A NE  1 
ATOM   488  C  CZ  . ARG A 1 64  ? -7.709  -4.802  -20.049 1.00 161.57 ? 157 ARG A CZ  1 
ATOM   489  N  NH1 . ARG A 1 64  ? -6.486  -4.333  -20.252 1.00 151.15 ? 157 ARG A NH1 1 
ATOM   490  N  NH2 . ARG A 1 64  ? -8.594  -4.073  -19.386 1.00 160.68 ? 157 ARG A NH2 1 
ATOM   491  N  N   . PHE A 1 65  ? -3.528  -9.312  -17.131 1.00 96.09  ? 158 PHE A N   1 
ATOM   492  C  CA  . PHE A 1 65  ? -2.288  -8.915  -16.523 1.00 86.71  ? 158 PHE A CA  1 
ATOM   493  C  C   . PHE A 1 65  ? -1.585  -10.050 -15.859 1.00 85.47  ? 158 PHE A C   1 
ATOM   494  O  O   . PHE A 1 65  ? -2.194  -11.020 -15.471 1.00 104.52 ? 158 PHE A O   1 
ATOM   495  C  CB  . PHE A 1 65  ? -2.564  -7.884  -15.459 1.00 80.27  ? 158 PHE A CB  1 
ATOM   496  C  CG  . PHE A 1 65  ? -2.881  -6.537  -15.993 1.00 92.11  ? 158 PHE A CG  1 
ATOM   497  C  CD1 . PHE A 1 65  ? -4.163  -6.202  -16.314 1.00 96.51  ? 158 PHE A CD1 1 
ATOM   498  C  CD2 . PHE A 1 65  ? -1.901  -5.607  -16.155 1.00 90.11  ? 158 PHE A CD2 1 
ATOM   499  C  CE1 . PHE A 1 65  ? -4.468  -4.959  -16.795 1.00 94.00  ? 158 PHE A CE1 1 
ATOM   500  C  CE2 . PHE A 1 65  ? -2.192  -4.363  -16.636 1.00 90.81  ? 158 PHE A CE2 1 
ATOM   501  C  CZ  . PHE A 1 65  ? -3.478  -4.038  -16.961 1.00 86.80  ? 158 PHE A CZ  1 
ATOM   502  N  N   . ASN A 1 66  ? -0.283  -9.905  -15.725 1.00 82.63  ? 159 ASN A N   1 
ATOM   503  C  CA  . ASN A 1 66  ? 0.509   -10.796 -14.895 1.00 74.21  ? 159 ASN A CA  1 
ATOM   504  C  C   . ASN A 1 66  ? 1.042   -10.071 -13.705 1.00 74.71  ? 159 ASN A C   1 
ATOM   505  O  O   . ASN A 1 66  ? 1.435   -8.906  -13.768 1.00 105.93 ? 159 ASN A O   1 
ATOM   506  C  CB  . ASN A 1 66  ? 1.697   -11.409 -15.643 1.00 90.57  ? 159 ASN A CB  1 
ATOM   507  C  CG  . ASN A 1 66  ? 1.311   -12.023 -16.977 1.00 101.59 ? 159 ASN A CG  1 
ATOM   508  O  OD1 . ASN A 1 66  ? 0.202   -12.529 -17.152 1.00 105.69 ? 159 ASN A OD1 1 
ATOM   509  N  ND2 . ASN A 1 66  ? 2.241   -11.981 -17.930 1.00 115.47 ? 159 ASN A ND2 1 
ATOM   510  N  N   . GLN A 1 67  ? 1.054   -10.782 -12.603 1.00 72.09  ? 160 GLN A N   1 
ATOM   511  C  CA  . GLN A 1 67  ? 1.532   -10.295 -11.354 1.00 62.92  ? 160 GLN A CA  1 
ATOM   512  C  C   . GLN A 1 67  ? 2.998   -10.689 -11.301 1.00 66.92  ? 160 GLN A C   1 
ATOM   513  O  O   . GLN A 1 67  ? 3.411   -11.583 -12.013 1.00 73.62  ? 160 GLN A O   1 
ATOM   514  C  CB  . GLN A 1 67  ? 0.782   -11.055 -10.276 1.00 67.51  ? 160 GLN A CB  1 
ATOM   515  C  CG  . GLN A 1 67  ? 0.537   -10.236 -9.034  1.00 87.98  ? 160 GLN A CG  1 
ATOM   516  C  CD  . GLN A 1 67  ? 0.305   -11.094 -7.813  1.00 99.19  ? 160 GLN A CD  1 
ATOM   517  O  OE1 . GLN A 1 67  ? 1.162   -11.909 -7.474  1.00 86.01  ? 160 GLN A OE1 1 
ATOM   518  N  NE2 . GLN A 1 67  ? -0.853  -10.915 -7.133  1.00 105.82 ? 160 GLN A NE2 1 
ATOM   519  N  N   . CYS A 1 68  ? 3.792   -10.018 -10.478 1.00 73.08  ? 161 CYS A N   1 
ATOM   520  C  CA  . CYS A 1 68  ? 5.107   -10.526 -10.039 1.00 80.03  ? 161 CYS A CA  1 
ATOM   521  C  C   . CYS A 1 68  ? 5.525   -9.593  -8.927  1.00 80.43  ? 161 CYS A C   1 
ATOM   522  O  O   . CYS A 1 68  ? 4.861   -8.569  -8.709  1.00 87.48  ? 161 CYS A O   1 
ATOM   523  C  CB  . CYS A 1 68  ? 6.154   -10.497 -11.154 1.00 98.91  ? 161 CYS A CB  1 
ATOM   524  S  SG  . CYS A 1 68  ? 6.712   -8.840  -11.621 1.00 92.39  ? 161 CYS A SG  1 
ATOM   525  N  N   . VAL A 1 69  ? 6.598   -9.897  -8.209  1.00 67.16  ? 162 VAL A N   1 
ATOM   526  C  CA  . VAL A 1 69  ? 6.808   -9.049  -7.042  1.00 68.27  ? 162 VAL A CA  1 
ATOM   527  C  C   . VAL A 1 69  ? 8.051   -8.159  -7.061  1.00 75.34  ? 162 VAL A C   1 
ATOM   528  O  O   . VAL A 1 69  ? 9.178   -8.645  -7.178  1.00 79.38  ? 162 VAL A O   1 
ATOM   529  C  CB  . VAL A 1 69  ? 6.670   -9.846  -5.732  1.00 68.56  ? 162 VAL A CB  1 
ATOM   530  C  CG1 . VAL A 1 69  ? 6.243   -11.255 -6.015  1.00 82.01  ? 162 VAL A CG1 1 
ATOM   531  C  CG2 . VAL A 1 69  ? 7.919   -9.875  -4.921  1.00 55.95  ? 162 VAL A CG2 1 
ATOM   532  N  N   . LEU A 1 70  ? 7.858   -6.850  -6.924  1.00 76.90  ? 163 LEU A N   1 
ATOM   533  C  CA  . LEU A 1 70  ? 9.010   -5.920  -6.885  1.00 76.30  ? 163 LEU A CA  1 
ATOM   534  C  C   . LEU A 1 70  ? 9.768   -5.864  -5.581  1.00 77.33  ? 163 LEU A C   1 
ATOM   535  O  O   . LEU A 1 70  ? 10.985  -5.724  -5.576  1.00 84.94  ? 163 LEU A O   1 
ATOM   536  C  CB  . LEU A 1 70  ? 8.596   -4.487  -7.163  1.00 79.73  ? 163 LEU A CB  1 
ATOM   537  C  CG  . LEU A 1 70  ? 8.226   -4.118  -8.562  1.00 84.30  ? 163 LEU A CG  1 
ATOM   538  C  CD1 . LEU A 1 70  ? 8.052   -2.617  -8.532  1.00 96.11  ? 163 LEU A CD1 1 
ATOM   539  C  CD2 . LEU A 1 70  ? 9.367   -4.532  -9.463  1.00 102.73 ? 163 LEU A CD2 1 
ATOM   540  N  N   . GLY A 1 71  ? 9.070   -5.882  -4.461  1.00 78.58  ? 164 GLY A N   1 
ATOM   541  C  CA  . GLY A 1 71  ? 9.796   -5.680  -3.227  1.00 77.41  ? 164 GLY A CA  1 
ATOM   542  C  C   . GLY A 1 71  ? 8.872   -5.754  -2.053  1.00 85.94  ? 164 GLY A C   1 
ATOM   543  O  O   . GLY A 1 71  ? 7.678   -6.085  -2.206  1.00 88.35  ? 164 GLY A O   1 
ATOM   544  N  N   . TYR A 1 72  ? 9.420   -5.423  -0.887  1.00 71.28  ? 165 TYR A N   1 
ATOM   545  C  CA  . TYR A 1 72  ? 8.657   -5.480  0.336   1.00 76.58  ? 165 TYR A CA  1 
ATOM   546  C  C   . TYR A 1 72  ? 8.631   -4.106  0.969   1.00 73.23  ? 165 TYR A C   1 
ATOM   547  O  O   . TYR A 1 72  ? 9.455   -3.299  0.658   1.00 76.16  ? 165 TYR A O   1 
ATOM   548  C  CB  . TYR A 1 72  ? 9.285   -6.529  1.239   1.00 82.45  ? 165 TYR A CB  1 
ATOM   549  C  CG  . TYR A 1 72  ? 9.548   -7.776  0.441   1.00 86.22  ? 165 TYR A CG  1 
ATOM   550  C  CD1 . TYR A 1 72  ? 8.596   -8.780  0.351   1.00 83.93  ? 165 TYR A CD1 1 
ATOM   551  C  CD2 . TYR A 1 72  ? 10.723  -7.914  -0.293  1.00 86.77  ? 165 TYR A CD2 1 
ATOM   552  C  CE1 . TYR A 1 72  ? 8.836   -9.902  -0.400  1.00 80.84  ? 165 TYR A CE1 1 
ATOM   553  C  CE2 . TYR A 1 72  ? 10.953  -9.023  -1.056  1.00 81.25  ? 165 TYR A CE2 1 
ATOM   554  C  CZ  . TYR A 1 72  ? 10.011  -10.010 -1.101  1.00 78.60  ? 165 TYR A CZ  1 
ATOM   555  O  OH  . TYR A 1 72  ? 10.268  -11.105 -1.878  1.00 79.03  ? 165 TYR A OH  1 
ATOM   556  N  N   . THR A 1 73  ? 7.662   -3.851  1.844   1.00 80.36  ? 166 THR A N   1 
ATOM   557  C  CA  . THR A 1 73  ? 7.526   -2.585  2.560   1.00 78.42  ? 166 THR A CA  1 
ATOM   558  C  C   . THR A 1 73  ? 6.882   -2.862  3.927   1.00 79.98  ? 166 THR A C   1 
ATOM   559  O  O   . THR A 1 73  ? 6.593   -4.019  4.243   1.00 99.41  ? 166 THR A O   1 
ATOM   560  C  CB  . THR A 1 73  ? 6.690   -1.607  1.732   1.00 77.26  ? 166 THR A CB  1 
ATOM   561  O  OG1 . THR A 1 73  ? 6.559   -0.379  2.441   1.00 101.11 ? 166 THR A OG1 1 
ATOM   562  C  CG2 . THR A 1 73  ? 5.343   -2.143  1.523   1.00 69.31  ? 166 THR A CG2 1 
ATOM   563  N  N   . LYS A 1 74  ? 6.648   -1.840  4.752   1.00 76.66  ? 167 LYS A N   1 
ATOM   564  C  CA  . LYS A 1 74  ? 6.041   -2.134  6.061   1.00 73.04  ? 167 LYS A CA  1 
ATOM   565  C  C   . LYS A 1 74  ? 4.876   -1.277  6.490   1.00 66.53  ? 167 LYS A C   1 
ATOM   566  O  O   . LYS A 1 74  ? 4.870   -0.109  6.289   1.00 93.97  ? 167 LYS A O   1 
ATOM   567  C  CB  . LYS A 1 74  ? 7.087   -2.196  7.160   1.00 82.82  ? 167 LYS A CB  1 
ATOM   568  C  CG  . LYS A 1 74  ? 8.193   -3.216  6.911   1.00 81.11  ? 167 LYS A CG  1 
ATOM   569  C  CD  . LYS A 1 74  ? 8.965   -3.510  8.189   1.00 83.69  ? 167 LYS A CD  1 
ATOM   570  C  CE  . LYS A 1 74  ? 9.703   -4.837  8.078   1.00 94.90  ? 167 LYS A CE  1 
ATOM   571  N  NZ  . LYS A 1 74  ? 8.792   -5.956  7.661   1.00 87.75  ? 167 LYS A NZ  1 
ATOM   572  N  N   . ALA A 1 75  ? 3.865   -1.903  7.057   1.00 77.50  ? 168 ALA A N   1 
ATOM   573  C  CA  . ALA A 1 75  ? 2.677   -1.228  7.537   1.00 67.22  ? 168 ALA A CA  1 
ATOM   574  C  C   . ALA A 1 75  ? 2.733   -1.335  9.031   1.00 82.90  ? 168 ALA A C   1 
ATOM   575  O  O   . ALA A 1 75  ? 3.429   -2.210  9.573   1.00 72.93  ? 168 ALA A O   1 
ATOM   576  C  CB  . ALA A 1 75  ? 1.440   -1.952  7.066   1.00 65.23  ? 168 ALA A CB  1 
ATOM   577  N  N   . PHE A 1 76  ? 2.003   -0.457  9.710   1.00 79.40  ? 169 PHE A N   1 
ATOM   578  C  CA  . PHE A 1 76  ? 1.962   -0.529  11.143  1.00 73.80  ? 169 PHE A CA  1 
ATOM   579  C  C   . PHE A 1 76  ? 0.539   -0.229  11.480  1.00 84.50  ? 169 PHE A C   1 
ATOM   580  O  O   . PHE A 1 76  ? -0.109  0.519   10.714  1.00 82.82  ? 169 PHE A O   1 
ATOM   581  C  CB  . PHE A 1 76  ? 2.882   0.504   11.740  1.00 74.33  ? 169 PHE A CB  1 
ATOM   582  C  CG  . PHE A 1 76  ? 4.348   0.196   11.588  1.00 66.54  ? 169 PHE A CG  1 
ATOM   583  C  CD1 . PHE A 1 76  ? 5.036   -0.567  12.548  1.00 84.65  ? 169 PHE A CD1 1 
ATOM   584  C  CD2 . PHE A 1 76  ? 5.072   0.738   10.550  1.00 77.64  ? 169 PHE A CD2 1 
ATOM   585  C  CE1 . PHE A 1 76  ? 6.414   -0.818  12.440  1.00 79.57  ? 169 PHE A CE1 1 
ATOM   586  C  CE2 . PHE A 1 76  ? 6.447   0.503   10.427  1.00 87.66  ? 169 PHE A CE2 1 
ATOM   587  C  CZ  . PHE A 1 76  ? 7.121   -0.279  11.368  1.00 73.67  ? 169 PHE A CZ  1 
ATOM   588  N  N   . VAL A 1 77  ? 0.024   -0.863  12.546  1.00 74.16  ? 170 VAL A N   1 
ATOM   589  C  CA  . VAL A 1 77  ? -1.283  -0.482  13.011  1.00 73.68  ? 170 VAL A CA  1 
ATOM   590  C  C   . VAL A 1 77  ? -1.031  0.513   14.084  1.00 83.17  ? 170 VAL A C   1 
ATOM   591  O  O   . VAL A 1 77  ? -0.320  0.235   15.074  1.00 93.12  ? 170 VAL A O   1 
ATOM   592  C  CB  . VAL A 1 77  ? -2.229  -1.622  13.443  1.00 79.97  ? 170 VAL A CB  1 
ATOM   593  C  CG1 . VAL A 1 77  ? -1.609  -2.983  13.302  1.00 85.59  ? 170 VAL A CG1 1 
ATOM   594  C  CG2 . VAL A 1 77  ? -2.794  -1.384  14.831  1.00 75.93  ? 170 VAL A CG2 1 
ATOM   595  N  N   . VAL A 1 78  ? -1.588  1.694   13.919  1.00 75.90  ? 171 VAL A N   1 
ATOM   596  C  CA  . VAL A 1 78  ? -1.257  2.789   14.790  1.00 80.97  ? 171 VAL A CA  1 
ATOM   597  C  C   . VAL A 1 78  ? -2.472  3.348   15.463  1.00 85.67  ? 171 VAL A C   1 
ATOM   598  O  O   . VAL A 1 78  ? -3.577  3.225   14.971  1.00 88.52  ? 171 VAL A O   1 
ATOM   599  C  CB  . VAL A 1 78  ? -0.644  3.934   14.009  1.00 78.12  ? 171 VAL A CB  1 
ATOM   600  C  CG1 . VAL A 1 78  ? 0.788   3.622   13.683  1.00 74.60  ? 171 VAL A CG1 1 
ATOM   601  C  CG2 . VAL A 1 78  ? -1.426  4.164   12.745  1.00 76.38  ? 171 VAL A CG2 1 
ATOM   602  N  N   . ALA A 1 79  ? -2.247  3.956   16.614  1.00 91.25  ? 172 ALA A N   1 
ATOM   603  C  CA  . ALA A 1 79  ? -3.299  4.596   17.358  1.00 88.64  ? 172 ALA A CA  1 
ATOM   604  C  C   . ALA A 1 79  ? -2.734  5.729   18.166  1.00 102.08 ? 172 ALA A C   1 
ATOM   605  O  O   . ALA A 1 79  ? -1.546  5.807   18.387  1.00 92.17  ? 172 ALA A O   1 
ATOM   606  C  CB  . ALA A 1 79  ? -3.964  3.602   18.266  1.00 87.85  ? 172 ALA A CB  1 
ATOM   607  N  N   . HIS A 1 80  ? -3.597  6.620   18.603  1.00 114.42 ? 173 HIS A N   1 
ATOM   608  C  CA  . HIS A 1 80  ? -3.175  7.687   19.447  1.00 104.80 ? 173 HIS A CA  1 
ATOM   609  C  C   . HIS A 1 80  ? -2.684  7.104   20.712  1.00 98.92  ? 173 HIS A C   1 
ATOM   610  O  O   . HIS A 1 80  ? -3.292  6.173   21.257  1.00 103.58 ? 173 HIS A O   1 
ATOM   611  C  CB  . HIS A 1 80  ? -4.336  8.602   19.728  1.00 119.69 ? 173 HIS A CB  1 
ATOM   612  C  CG  . HIS A 1 80  ? -3.985  9.766   20.599  1.00 127.96 ? 173 HIS A CG  1 
ATOM   613  N  ND1 . HIS A 1 80  ? -3.949  9.681   21.928  1.00 117.93 ? 173 HIS A ND1 1 
ATOM   614  C  CD2 . HIS A 1 80  ? -3.645  11.069  20.282  1.00 120.12 ? 173 HIS A CD2 1 
ATOM   615  C  CE1 . HIS A 1 80  ? -3.605  10.864  22.441  1.00 116.37 ? 173 HIS A CE1 1 
ATOM   616  N  NE2 . HIS A 1 80  ? -3.418  11.712  21.433  1.00 118.66 ? 173 HIS A NE2 1 
ATOM   617  N  N   . PRO A 1 81  ? -1.555  7.727   21.252  1.00 94.65  ? 174 PRO A N   1 
ATOM   618  C  CA  . PRO A 1 81  ? -0.975  6.986   22.377  1.00 92.38  ? 174 PRO A CA  1 
ATOM   619  C  C   . PRO A 1 81  ? -1.891  6.812   23.570  1.00 101.88 ? 174 PRO A C   1 
ATOM   620  O  O   . PRO A 1 81  ? -1.593  5.994   24.421  1.00 107.17 ? 174 PRO A O   1 
ATOM   621  C  CB  . PRO A 1 81  ? 0.259   7.794   22.760  1.00 76.43  ? 174 PRO A CB  1 
ATOM   622  C  CG  . PRO A 1 81  ? -0.009  9.155   22.301  1.00 83.10  ? 174 PRO A CG  1 
ATOM   623  C  CD  . PRO A 1 81  ? -0.590  8.899   20.973  1.00 96.98  ? 174 PRO A CD  1 
ATOM   624  N  N   . GLN A 1 82  ? -2.946  7.595   23.676  1.00 109.09 ? 175 GLN A N   1 
ATOM   625  C  CA  . GLN A 1 82  ? -3.835  7.466   24.814  1.00 111.33 ? 175 GLN A CA  1 
ATOM   626  C  C   . GLN A 1 82  ? -4.953  6.461   24.601  1.00 112.79 ? 175 GLN A C   1 
ATOM   627  O  O   . GLN A 1 82  ? -5.787  6.274   25.465  1.00 115.09 ? 175 GLN A O   1 
ATOM   628  C  CB  . GLN A 1 82  ? -4.421  8.812   25.179  1.00 115.92 ? 175 GLN A CB  1 
ATOM   629  C  CG  . GLN A 1 82  ? -3.931  9.348   26.508  1.00 126.17 ? 175 GLN A CG  1 
ATOM   630  C  CD  . GLN A 1 82  ? -3.421  10.765  26.404  1.00 131.15 ? 175 GLN A CD  1 
ATOM   631  O  OE1 . GLN A 1 82  ? -4.145  11.724  26.669  1.00 136.60 ? 175 GLN A OE1 1 
ATOM   632  N  NE2 . GLN A 1 82  ? -2.169  10.905  26.009  1.00 118.59 ? 175 GLN A NE2 1 
ATOM   633  N  N   . HIS A 1 83  ? -4.972  5.819   23.448  1.00 113.89 ? 176 HIS A N   1 
ATOM   634  C  CA  . HIS A 1 83  ? -6.030  4.897   23.095  1.00 107.51 ? 176 HIS A CA  1 
ATOM   635  C  C   . HIS A 1 83  ? -6.061  3.749   24.046  1.00 111.13 ? 176 HIS A C   1 
ATOM   636  O  O   . HIS A 1 83  ? -5.001  3.299   24.496  1.00 114.50 ? 176 HIS A O   1 
ATOM   637  C  CB  . HIS A 1 83  ? -5.746  4.393   21.709  1.00 95.43  ? 176 HIS A CB  1 
ATOM   638  C  CG  . HIS A 1 83  ? -6.895  3.692   21.070  1.00 98.80  ? 176 HIS A CG  1 
ATOM   639  N  ND1 . HIS A 1 83  ? -7.250  2.455   21.403  1.00 108.07 ? 176 HIS A ND1 1 
ATOM   640  C  CD2 . HIS A 1 83  ? -7.760  4.093   20.070  1.00 112.82 ? 176 HIS A CD2 1 
ATOM   641  C  CE1 . HIS A 1 83  ? -8.292  2.076   20.657  1.00 110.86 ? 176 HIS A CE1 1 
ATOM   642  N  NE2 . HIS A 1 83  ? -8.605  3.082   19.844  1.00 118.73 ? 176 HIS A NE2 1 
ATOM   643  N  N   . PRO A 1 84  ? -7.231  3.240   24.408  1.00 100.52 ? 177 PRO A N   1 
ATOM   644  C  CA  . PRO A 1 84  ? -7.193  2.270   25.488  1.00 112.36 ? 177 PRO A CA  1 
ATOM   645  C  C   . PRO A 1 84  ? -6.349  1.080   25.087  1.00 115.54 ? 177 PRO A C   1 
ATOM   646  O  O   . PRO A 1 84  ? -5.541  0.610   25.869  1.00 124.10 ? 177 PRO A O   1 
ATOM   647  C  CB  . PRO A 1 84  ? -8.651  1.845   25.629  1.00 111.46 ? 177 PRO A CB  1 
ATOM   648  C  CG  . PRO A 1 84  ? -9.359  2.390   24.443  1.00 117.39 ? 177 PRO A CG  1 
ATOM   649  C  CD  . PRO A 1 84  ? -8.601  3.608   24.057  1.00 123.82 ? 177 PRO A CD  1 
ATOM   650  N  N   . LEU A 1 85  ? -6.481  0.647   23.848  1.00 116.50 ? 178 LEU A N   1 
ATOM   651  C  CA  . LEU A 1 85  ? -5.808  -0.552  23.380  1.00 106.47 ? 178 LEU A CA  1 
ATOM   652  C  C   . LEU A 1 85  ? -4.328  -0.364  23.455  1.00 104.71 ? 178 LEU A C   1 
ATOM   653  O  O   . LEU A 1 85  ? -3.569  -1.308  23.421  1.00 117.18 ? 178 LEU A O   1 
ATOM   654  C  CB  . LEU A 1 85  ? -6.175  -0.844  21.942  1.00 107.21 ? 178 LEU A CB  1 
ATOM   655  C  CG  . LEU A 1 85  ? -7.620  -1.218  21.659  1.00 119.26 ? 178 LEU A CG  1 
ATOM   656  C  CD1 . LEU A 1 85  ? -7.697  -2.099  20.432  1.00 122.27 ? 178 LEU A CD1 1 
ATOM   657  C  CD2 . LEU A 1 85  ? -8.254  -1.920  22.841  1.00 120.51 ? 178 LEU A CD2 1 
ATOM   658  N  N   . CYS A 1 86  ? -3.912  0.875   23.537  1.00 102.23 ? 179 CYS A N   1 
ATOM   659  C  CA  . CYS A 1 86  ? -2.526  1.192   23.424  1.00 108.48 ? 179 CYS A CA  1 
ATOM   660  C  C   . CYS A 1 86  ? -1.811  0.643   24.618  1.00 113.80 ? 179 CYS A C   1 
ATOM   661  O  O   . CYS A 1 86  ? -2.435  0.163   25.547  1.00 126.97 ? 179 CYS A O   1 
ATOM   662  C  CB  . CYS A 1 86  ? -2.335  2.682   23.385  1.00 125.74 ? 179 CYS A CB  1 
ATOM   663  S  SG  . CYS A 1 86  ? -0.591  3.054   23.436  1.00 130.01 ? 179 CYS A SG  1 
ATOM   664  N  N   . ASN A 1 87  ? -0.493  0.624   24.555  1.00 136.30 ? 180 ASN A N   1 
ATOM   665  C  CA  . ASN A 1 87  ? 0.266   0.035   25.633  1.00 165.56 ? 180 ASN A CA  1 
ATOM   666  C  C   . ASN A 1 87  ? -0.096  -1.428  25.724  1.00 167.34 ? 180 ASN A C   1 
ATOM   667  O  O   . ASN A 1 87  ? 0.119   -2.161  24.764  1.00 165.56 ? 180 ASN A O   1 
ATOM   668  C  CB  . ASN A 1 87  ? 0.049   0.768   26.953  1.00 178.69 ? 180 ASN A CB  1 
ATOM   669  C  CG  . ASN A 1 87  ? 1.346   1.308   27.534  1.00 181.93 ? 180 ASN A CG  1 
ATOM   670  O  OD1 . ASN A 1 87  ? 2.235   1.741   26.800  1.00 170.14 ? 180 ASN A OD1 1 
ATOM   671  N  ND2 . ASN A 1 87  ? 1.463   1.275   28.855  1.00 181.04 ? 180 ASN A ND2 1 
ATOM   672  N  N   . ALA A 1 88  ? -0.613  -1.879  26.863  1.00 163.34 ? 181 ALA A N   1 
ATOM   673  C  CA  . ALA A 1 88  ? -0.824  -3.303  27.035  1.00 151.01 ? 181 ALA A CA  1 
ATOM   674  C  C   . ALA A 1 88  ? -1.723  -3.761  25.913  1.00 155.79 ? 181 ALA A C   1 
ATOM   675  O  O   . ALA A 1 88  ? -2.771  -3.180  25.680  1.00 133.29 ? 181 ALA A O   1 
ATOM   676  C  CB  . ALA A 1 88  ? -1.480  -3.569  28.371  1.00 141.80 ? 181 ALA A CB  1 
ATOM   677  N  N   . SER A 1 89  ? -1.270  -4.788  25.202  1.00 168.59 ? 182 SER A N   1 
ATOM   678  C  CA  . SER A 1 89  ? -1.829  -5.108  23.903  1.00 161.33 ? 182 SER A CA  1 
ATOM   679  C  C   . SER A 1 89  ? -2.362  -6.516  23.632  1.00 154.33 ? 182 SER A C   1 
ATOM   680  O  O   . SER A 1 89  ? -3.230  -6.692  22.775  1.00 167.58 ? 182 SER A O   1 
ATOM   681  C  CB  . SER A 1 89  ? -0.806  -4.735  22.833  1.00 140.92 ? 182 SER A CB  1 
ATOM   682  O  OG  . SER A 1 89  ? 0.029   -3.702  23.310  1.00 126.81 ? 182 SER A OG  1 
ATOM   683  N  N   . LEU A 1 90  ? -1.869  -7.520  24.337  1.00 136.89 ? 183 LEU A N   1 
ATOM   684  C  CA  . LEU A 1 90  ? -2.007  -8.863  23.822  1.00 135.27 ? 183 LEU A CA  1 
ATOM   685  C  C   . LEU A 1 90  ? -3.456  -9.244  23.632  1.00 143.63 ? 183 LEU A C   1 
ATOM   686  O  O   . LEU A 1 90  ? -3.828  -9.804  22.617  1.00 127.30 ? 183 LEU A O   1 
ATOM   687  C  CB  . LEU A 1 90  ? -1.345  -9.864  24.751  1.00 140.91 ? 183 LEU A CB  1 
ATOM   688  C  CG  . LEU A 1 90  ? -1.658  -11.320 24.407  1.00 146.52 ? 183 LEU A CG  1 
ATOM   689  C  CD1 . LEU A 1 90  ? -3.003  -11.716 24.988  1.00 124.81 ? 183 LEU A CD1 1 
ATOM   690  C  CD2 . LEU A 1 90  ? -1.637  -11.539 22.904  1.00 114.48 ? 183 LEU A CD2 1 
ATOM   691  N  N   . HIS A 1 91  ? -4.286  -8.910  24.599  1.00 159.28 ? 184 HIS A N   1 
ATOM   692  C  CA  . HIS A 1 91  ? -5.704  -9.017  24.426  1.00 155.67 ? 184 HIS A CA  1 
ATOM   693  C  C   . HIS A 1 91  ? -6.032  -8.054  23.342  1.00 157.46 ? 184 HIS A C   1 
ATOM   694  O  O   . HIS A 1 91  ? -6.779  -8.348  22.388  1.00 152.55 ? 184 HIS A O   1 
ATOM   695  C  CB  . HIS A 1 91  ? -6.366  -8.560  25.706  1.00 159.77 ? 184 HIS A CB  1 
ATOM   696  C  CG  . HIS A 1 91  ? -7.795  -8.981  25.839  1.00 161.87 ? 184 HIS A CG  1 
ATOM   697  N  ND1 . HIS A 1 91  ? -8.147  -10.193 26.284  1.00 160.33 ? 184 HIS A ND1 1 
ATOM   698  C  CD2 . HIS A 1 91  ? -8.974  -8.297  25.586  1.00 156.72 ? 184 HIS A CD2 1 
ATOM   699  C  CE1 . HIS A 1 91  ? -9.482  -10.288 26.304  1.00 162.99 ? 184 HIS A CE1 1 
ATOM   700  N  NE2 . HIS A 1 91  ? -9.987  -9.125  25.877  1.00 158.27 ? 184 HIS A NE2 1 
ATOM   701  N  N   . SER A 1 92  ? -5.416  -6.891  23.455  1.00 153.04 ? 185 SER A N   1 
ATOM   702  C  CA  . SER A 1 92  ? -5.666  -5.782  22.523  1.00 153.20 ? 185 SER A CA  1 
ATOM   703  C  C   . SER A 1 92  ? -5.595  -6.207  21.067  1.00 152.74 ? 185 SER A C   1 
ATOM   704  O  O   . SER A 1 92  ? -6.419  -5.781  20.250  1.00 152.46 ? 185 SER A O   1 
ATOM   705  C  CB  . SER A 1 92  ? -4.648  -4.659  22.742  1.00 164.35 ? 185 SER A CB  1 
ATOM   706  O  OG  . SER A 1 92  ? -4.405  -4.431  24.120  1.00 151.20 ? 185 SER A OG  1 
ATOM   707  N  N   . ILE A 1 93  ? -4.587  -7.025  20.757  1.00 145.62 ? 186 ILE A N   1 
ATOM   708  C  CA  . ILE A 1 93  ? -4.447  -7.668  19.454  1.00 134.56 ? 186 ILE A CA  1 
ATOM   709  C  C   . ILE A 1 93  ? -5.773  -8.361  19.069  1.00 135.46 ? 186 ILE A C   1 
ATOM   710  O  O   . ILE A 1 93  ? -6.160  -8.364  17.891  1.00 133.52 ? 186 ILE A O   1 
ATOM   711  C  CB  . ILE A 1 93  ? -3.257  -8.671  19.454  1.00 139.67 ? 186 ILE A CB  1 
ATOM   712  C  CG1 . ILE A 1 93  ? -1.932  -7.998  19.877  1.00 142.99 ? 186 ILE A CG1 1 
ATOM   713  C  CG2 . ILE A 1 93  ? -3.146  -9.447  18.138  1.00 140.83 ? 186 ILE A CG2 1 
ATOM   714  C  CD1 . ILE A 1 93  ? -1.530  -6.748  19.123  1.00 145.59 ? 186 ILE A CD1 1 
ATOM   715  N  N   . ALA A 1 94  ? -6.479  -8.927  20.051  1.00 105.97 ? 187 ALA A N   1 
ATOM   716  C  CA  . ALA A 1 94  ? -7.771  -9.527  19.761  1.00 118.96 ? 187 ALA A CA  1 
ATOM   717  C  C   . ALA A 1 94  ? -8.924  -8.500  19.778  1.00 121.54 ? 187 ALA A C   1 
ATOM   718  O  O   . ALA A 1 94  ? -9.864  -8.592  18.965  1.00 110.88 ? 187 ALA A O   1 
ATOM   719  C  CB  . ALA A 1 94  ? -8.046  -10.702 20.699  1.00 125.05 ? 187 ALA A CB  1 
ATOM   720  N  N   . SER A 1 95  ? -8.822  -7.517  20.677  1.00 113.27 ? 188 SER A N   1 
ATOM   721  C  CA  . SER A 1 95  ? -9.944  -6.628  21.009  1.00 122.75 ? 188 SER A CA  1 
ATOM   722  C  C   . SER A 1 95  ? -10.246 -5.571  19.961  1.00 128.81 ? 188 SER A C   1 
ATOM   723  O  O   . SER A 1 95  ? -11.244 -4.851  20.055  1.00 149.99 ? 188 SER A O   1 
ATOM   724  C  CB  . SER A 1 95  ? -9.711  -5.943  22.358  1.00 128.97 ? 188 SER A CB  1 
ATOM   725  O  OG  . SER A 1 95  ? -10.321 -6.661  23.413  1.00 144.78 ? 188 SER A OG  1 
ATOM   726  N  N   . LEU A 1 96  ? -9.380  -5.472  18.967  1.00 109.69 ? 189 LEU A N   1 
ATOM   727  C  CA  . LEU A 1 96  ? -9.517  -4.424  17.997  1.00 97.40  ? 189 LEU A CA  1 
ATOM   728  C  C   . LEU A 1 96  ? -10.360 -4.809  16.801  1.00 99.99  ? 189 LEU A C   1 
ATOM   729  O  O   . LEU A 1 96  ? -10.531 -4.002  15.896  1.00 127.14 ? 189 LEU A O   1 
ATOM   730  C  CB  . LEU A 1 96  ? -8.146  -3.905  17.581  1.00 100.44 ? 189 LEU A CB  1 
ATOM   731  C  CG  . LEU A 1 96  ? -7.239  -4.525  16.530  1.00 98.82  ? 189 LEU A CG  1 
ATOM   732  C  CD1 . LEU A 1 96  ? -5.797  -4.128  16.853  1.00 97.27  ? 189 LEU A CD1 1 
ATOM   733  C  CD2 . LEU A 1 96  ? -7.397  -6.035  16.449  1.00 125.39 ? 189 LEU A CD2 1 
ATOM   734  N  N   . ALA A 1 97  ? -10.894 -6.025  16.770  1.00 98.92  ? 190 ALA A N   1 
ATOM   735  C  CA  . ALA A 1 97  ? -12.038 -6.259  15.886  1.00 101.36 ? 190 ALA A CA  1 
ATOM   736  C  C   . ALA A 1 97  ? -13.250 -5.550  16.488  1.00 110.95 ? 190 ALA A C   1 
ATOM   737  O  O   . ALA A 1 97  ? -14.332 -5.541  15.899  1.00 130.05 ? 190 ALA A O   1 
ATOM   738  C  CB  . ALA A 1 97  ? -12.334 -7.725  15.691  1.00 84.21  ? 190 ALA A CB  1 
ATOM   739  N  N   . ASN A 1 98  ? -13.041 -4.921  17.643  1.00 105.01 ? 191 ASN A N   1 
ATOM   740  C  CA  . ASN A 1 98  ? -14.124 -4.324  18.394  1.00 116.25 ? 191 ASN A CA  1 
ATOM   741  C  C   . ASN A 1 98  ? -14.038 -2.823  18.475  1.00 112.02 ? 191 ASN A C   1 
ATOM   742  O  O   . ASN A 1 98  ? -15.051 -2.153  18.524  1.00 135.19 ? 191 ASN A O   1 
ATOM   743  C  CB  . ASN A 1 98  ? -14.197 -4.937  19.794  1.00 127.91 ? 191 ASN A CB  1 
ATOM   744  C  CG  . ASN A 1 98  ? -14.787 -6.328  19.774  1.00 127.19 ? 191 ASN A CG  1 
ATOM   745  O  OD1 . ASN A 1 98  ? -14.166 -7.260  19.288  1.00 125.51 ? 191 ASN A OD1 1 
ATOM   746  N  ND2 . ASN A 1 98  ? -16.004 -6.467  20.277  1.00 136.88 ? 191 ASN A ND2 1 
ATOM   747  N  N   . TYR A 1 99  ? -12.826 -2.295  18.500  1.00 114.82 ? 192 TYR A N   1 
ATOM   748  C  CA  . TYR A 1 99  ? -12.631 -0.861  18.453  1.00 87.86  ? 192 TYR A CA  1 
ATOM   749  C  C   . TYR A 1 99  ? -12.716 -0.326  17.043  1.00 94.23  ? 192 TYR A C   1 
ATOM   750  O  O   . TYR A 1 99  ? -12.612 -1.083  16.064  1.00 104.72 ? 192 TYR A O   1 
ATOM   751  C  CB  . TYR A 1 99  ? -11.312 -0.530  19.059  1.00 93.88  ? 192 TYR A CB  1 
ATOM   752  C  CG  . TYR A 1 99  ? -11.370 -0.690  20.546  1.00 107.83 ? 192 TYR A CG  1 
ATOM   753  C  CD1 . TYR A 1 99  ? -11.223 0.419   21.383  1.00 96.61  ? 192 TYR A CD1 1 
ATOM   754  C  CD2 . TYR A 1 99  ? -11.602 -1.943  21.124  1.00 108.47 ? 192 TYR A CD2 1 
ATOM   755  C  CE1 . TYR A 1 99  ? -11.291 0.289   22.752  1.00 106.76 ? 192 TYR A CE1 1 
ATOM   756  C  CE2 . TYR A 1 99  ? -11.666 -2.085  22.497  1.00 117.26 ? 192 TYR A CE2 1 
ATOM   757  C  CZ  . TYR A 1 99  ? -11.509 -0.963  23.303  1.00 116.23 ? 192 TYR A CZ  1 
ATOM   758  O  OH  . TYR A 1 99  ? -11.563 -1.076  24.665  1.00 121.41 ? 192 TYR A OH  1 
ATOM   759  N  N   . ARG A 1 100 ? -12.957 0.977   16.942  1.00 98.23  ? 193 ARG A N   1 
ATOM   760  C  CA  . ARG A 1 100 ? -13.257 1.561   15.665  1.00 90.90  ? 193 ARG A CA  1 
ATOM   761  C  C   . ARG A 1 100 ? -11.974 1.553   14.883  1.00 87.70  ? 193 ARG A C   1 
ATOM   762  O  O   . ARG A 1 100 ? -10.933 2.019   15.375  1.00 84.62  ? 193 ARG A O   1 
ATOM   763  C  CB  . ARG A 1 100 ? -13.818 2.984   15.765  1.00 89.66  ? 193 ARG A CB  1 
ATOM   764  C  CG  . ARG A 1 100 ? -14.346 3.456   14.394  1.00 103.05 ? 193 ARG A CG  1 
ATOM   765  C  CD  . ARG A 1 100 ? -15.050 4.810   14.361  1.00 94.43  ? 193 ARG A CD  1 
ATOM   766  N  NE  . ARG A 1 100 ? -16.313 4.790   15.105  1.00 98.12  ? 193 ARG A NE  1 
ATOM   767  C  CZ  . ARG A 1 100 ? -16.421 5.132   16.393  1.00 99.03  ? 193 ARG A CZ  1 
ATOM   768  N  NH1 . ARG A 1 100 ? -15.351 5.542   17.106  1.00 78.32  ? 193 ARG A NH1 1 
ATOM   769  N  NH2 . ARG A 1 100 ? -17.608 5.061   16.965  1.00 99.10  ? 193 ARG A NH2 1 
ATOM   770  N  N   . GLN A 1 101 ? -12.067 0.979   13.685  1.00 80.13  ? 194 GLN A N   1 
ATOM   771  C  CA  . GLN A 1 101 ? -10.989 1.011   12.727  1.00 94.36  ? 194 GLN A CA  1 
ATOM   772  C  C   . GLN A 1 101 ? -11.303 2.098   11.705  1.00 93.85  ? 194 GLN A C   1 
ATOM   773  O  O   . GLN A 1 101 ? -12.403 2.139   11.154  1.00 104.33 ? 194 GLN A O   1 
ATOM   774  C  CB  . GLN A 1 101 ? -10.820 -0.344  12.020  1.00 96.71  ? 194 GLN A CB  1 
ATOM   775  C  CG  . GLN A 1 101 ? -9.503  -0.477  11.257  1.00 92.75  ? 194 GLN A CG  1 
ATOM   776  C  CD  . GLN A 1 101 ? -9.503  -1.562  10.187  1.00 101.61 ? 194 GLN A CD  1 
ATOM   777  O  OE1 . GLN A 1 101 ? -10.252 -2.547  10.250  1.00 106.83 ? 194 GLN A OE1 1 
ATOM   778  N  NE2 . GLN A 1 101 ? -8.644  -1.386  9.200   1.00 98.85  ? 194 GLN A NE2 1 
ATOM   779  N  N   . ILE A 1 102 ? -10.329 2.980   11.487  1.00 84.74  ? 195 ILE A N   1 
ATOM   780  C  CA  . ILE A 1 102 ? -10.351 3.935   10.403  1.00 82.33  ? 195 ILE A CA  1 
ATOM   781  C  C   . ILE A 1 102 ? -9.774  3.233   9.195   1.00 89.01  ? 195 ILE A C   1 
ATOM   782  O  O   . ILE A 1 102 ? -8.572  3.076   9.067   1.00 97.38  ? 195 ILE A O   1 
ATOM   783  C  CB  . ILE A 1 102 ? -9.456  5.146   10.683  1.00 88.16  ? 195 ILE A CB  1 
ATOM   784  C  CG1 . ILE A 1 102 ? -9.668  5.701   12.094  1.00 93.40  ? 195 ILE A CG1 1 
ATOM   785  C  CG2 . ILE A 1 102 ? -9.691  6.209   9.633   1.00 74.86  ? 195 ILE A CG2 1 
ATOM   786  C  CD1 . ILE A 1 102 ? -11.117 5.977   12.402  1.00 93.23  ? 195 ILE A CD1 1 
ATOM   787  N  N   . SER A 1 103 ? -10.641 2.789   8.308   1.00 95.40  ? 196 SER A N   1 
ATOM   788  C  CA  . SER A 1 103 ? -10.191 1.989   7.203   1.00 85.74  ? 196 SER A CA  1 
ATOM   789  C  C   . SER A 1 103 ? -10.293 2.756   5.894   1.00 89.69  ? 196 SER A C   1 
ATOM   790  O  O   . SER A 1 103 ? -10.950 3.789   5.816   1.00 97.20  ? 196 SER A O   1 
ATOM   791  C  CB  . SER A 1 103 ? -10.978 0.676   7.169   1.00 74.43  ? 196 SER A CB  1 
ATOM   792  O  OG  . SER A 1 103 ? -10.929 0.073   5.889   1.00 97.71  ? 196 SER A OG  1 
ATOM   793  N  N   . LEU A 1 104 ? -9.624  2.231   4.876   1.00 90.05  ? 197 LEU A N   1 
ATOM   794  C  CA  . LEU A 1 104 ? -9.525  2.866   3.601   1.00 80.14  ? 197 LEU A CA  1 
ATOM   795  C  C   . LEU A 1 104 ? -10.716 2.499   2.726   1.00 89.00  ? 197 LEU A C   1 
ATOM   796  O  O   . LEU A 1 104 ? -10.942 1.324   2.427   1.00 84.93  ? 197 LEU A O   1 
ATOM   797  C  CB  . LEU A 1 104 ? -8.221  2.446   2.945   1.00 84.72  ? 197 LEU A CB  1 
ATOM   798  C  CG  . LEU A 1 104 ? -7.555  3.576   2.129   1.00 100.76 ? 197 LEU A CG  1 
ATOM   799  C  CD1 . LEU A 1 104 ? -8.311  4.883   2.281   1.00 107.78 ? 197 LEU A CD1 1 
ATOM   800  C  CD2 . LEU A 1 104 ? -6.106  3.810   2.546   1.00 88.02  ? 197 LEU A CD2 1 
ATOM   801  N  N   . GLY A 1 105 ? -11.472 3.517   2.308   1.00 86.54  ? 198 GLY A N   1 
ATOM   802  C  CA  . GLY A 1 105 ? -12.713 3.316   1.564   1.00 83.97  ? 198 GLY A CA  1 
ATOM   803  C  C   . GLY A 1 105 ? -12.317 2.823   0.213   1.00 84.48  ? 198 GLY A C   1 
ATOM   804  O  O   . GLY A 1 105 ? -11.149 2.918   -0.130  1.00 86.94  ? 198 GLY A O   1 
ATOM   805  N  N   . SER A 1 106 ? -13.265 2.290   -0.547  1.00 85.44  ? 199 SER A N   1 
ATOM   806  C  CA  . SER A 1 106 ? -12.999 1.925   -1.926  1.00 90.77  ? 199 SER A CA  1 
ATOM   807  C  C   . SER A 1 106 ? -14.123 2.396   -2.814  1.00 97.90  ? 199 SER A C   1 
ATOM   808  O  O   . SER A 1 106 ? -15.280 2.016   -2.621  1.00 120.92 ? 199 SER A O   1 
ATOM   809  C  CB  . SER A 1 106 ? -12.825 0.410   -2.064  1.00 98.26  ? 199 SER A CB  1 
ATOM   810  O  OG  . SER A 1 106 ? -14.048 -0.286  -1.958  1.00 102.00 ? 199 SER A OG  1 
ATOM   811  N  N   . ARG A 1 107 ? -13.785 3.033   -3.908  1.00 103.12 ? 200 ARG A N   1 
ATOM   812  C  CA  . ARG A 1 107 ? -14.819 3.543   -4.767  1.00 120.86 ? 200 ARG A CA  1 
ATOM   813  C  C   . ARG A 1 107 ? -15.699 2.367   -5.171  1.00 114.44 ? 200 ARG A C   1 
ATOM   814  O  O   . ARG A 1 107 ? -16.908 2.493   -5.233  1.00 108.26 ? 200 ARG A O   1 
ATOM   815  C  CB  . ARG A 1 107 ? -14.189 4.208   -5.987  1.00 103.71 ? 200 ARG A CB  1 
ATOM   816  C  CG  . ARG A 1 107 ? -15.180 4.802   -6.963  1.00 141.34 ? 200 ARG A CG  1 
ATOM   817  C  CD  . ARG A 1 107 ? -15.122 6.319   -6.977  1.00 162.03 ? 200 ARG A CD  1 
ATOM   818  N  NE  . ARG A 1 107 ? -14.567 6.813   -8.230  1.00 167.98 ? 200 ARG A NE  1 
ATOM   819  C  CZ  . ARG A 1 107 ? -13.368 6.478   -8.686  1.00 156.89 ? 200 ARG A CZ  1 
ATOM   820  N  NH1 . ARG A 1 107 ? -12.603 5.658   -7.986  1.00 154.61 ? 200 ARG A NH1 1 
ATOM   821  N  NH2 . ARG A 1 107 ? -12.935 6.966   -9.835  1.00 155.27 ? 200 ARG A NH2 1 
ATOM   822  N  N   . SER A 1 108 ? -15.102 1.213   -5.412  1.00 120.10 ? 201 SER A N   1 
ATOM   823  C  CA  . SER A 1 108 ? -15.876 0.021   -5.716  1.00 121.35 ? 201 SER A CA  1 
ATOM   824  C  C   . SER A 1 108 ? -16.752 -0.308  -4.529  1.00 116.63 ? 201 SER A C   1 
ATOM   825  O  O   . SER A 1 108 ? -17.838 -0.840  -4.672  1.00 121.56 ? 201 SER A O   1 
ATOM   826  C  CB  . SER A 1 108 ? -14.980 -1.165  -6.052  1.00 117.66 ? 201 SER A CB  1 
ATOM   827  O  OG  . SER A 1 108 ? -13.633 -0.913  -5.716  1.00 122.31 ? 201 SER A OG  1 
ATOM   828  N  N   . GLY A 1 109 ? -16.246 -0.037  -3.342  1.00 105.49 ? 202 GLY A N   1 
ATOM   829  C  CA  . GLY A 1 109 ? -16.961 -0.378  -2.134  1.00 103.59 ? 202 GLY A CA  1 
ATOM   830  C  C   . GLY A 1 109 ? -16.690 -1.808  -1.738  1.00 114.87 ? 202 GLY A C   1 
ATOM   831  O  O   . GLY A 1 109 ? -17.210 -2.301  -0.751  1.00 105.33 ? 202 GLY A O   1 
ATOM   832  N  N   . GLN A 1 110 ? -15.835 -2.462  -2.499  1.00 110.05 ? 203 GLN A N   1 
ATOM   833  C  CA  . GLN A 1 110 ? -15.495 -3.832  -2.250  1.00 98.83  ? 203 GLN A CA  1 
ATOM   834  C  C   . GLN A 1 110 ? -14.019 -3.848  -1.972  1.00 108.50 ? 203 GLN A C   1 
ATOM   835  O  O   . GLN A 1 110 ? -13.296 -3.037  -2.515  1.00 123.69 ? 203 GLN A O   1 
ATOM   836  C  CB  . GLN A 1 110 ? -15.793 -4.647  -3.491  1.00 107.96 ? 203 GLN A CB  1 
ATOM   837  C  CG  . GLN A 1 110 ? -16.974 -5.584  -3.344  1.00 125.81 ? 203 GLN A CG  1 
ATOM   838  C  CD  . GLN A 1 110 ? -16.556 -6.971  -2.904  1.00 142.23 ? 203 GLN A CD  1 
ATOM   839  O  OE1 . GLN A 1 110 ? -16.465 -7.255  -1.712  1.00 152.61 ? 203 GLN A OE1 1 
ATOM   840  N  NE2 . GLN A 1 110 ? -16.294 -7.841  -3.866  1.00 153.51 ? 203 GLN A NE2 1 
ATOM   841  N  N   . HIS A 1 111 ? -13.566 -4.748  -1.110  1.00 112.61 ? 204 HIS A N   1 
ATOM   842  C  CA  . HIS A 1 111 ? -12.157 -4.837  -0.809  1.00 109.46 ? 204 HIS A CA  1 
ATOM   843  C  C   . HIS A 1 111 ? -11.665 -6.215  -0.958  1.00 97.34  ? 204 HIS A C   1 
ATOM   844  O  O   . HIS A 1 111 ? -12.398 -7.169  -0.707  1.00 92.49  ? 204 HIS A O   1 
ATOM   845  C  CB  . HIS A 1 111 ? -11.892 -4.422  0.615   1.00 98.42  ? 204 HIS A CB  1 
ATOM   846  C  CG  . HIS A 1 111 ? -12.587 -3.165  1.014   1.00 129.48 ? 204 HIS A CG  1 
ATOM   847  N  ND1 . HIS A 1 111 ? -11.928 -2.036  1.279   1.00 109.99 ? 204 HIS A ND1 1 
ATOM   848  C  CD2 . HIS A 1 111 ? -13.929 -2.891  1.197   1.00 128.28 ? 204 HIS A CD2 1 
ATOM   849  C  CE1 . HIS A 1 111 ? -12.799 -1.083  1.613   1.00 124.32 ? 204 HIS A CE1 1 
ATOM   850  N  NE2 . HIS A 1 111 ? -14.027 -1.606  1.561   1.00 146.62 ? 204 HIS A NE2 1 
ATOM   851  N  N   . SER A 1 112 ? -10.409 -6.364  -1.341  1.00 106.76 ? 205 SER A N   1 
ATOM   852  C  CA  . SER A 1 112 ? -9.823  -7.711  -1.275  1.00 98.30  ? 205 SER A CA  1 
ATOM   853  C  C   . SER A 1 112 ? -9.811  -8.200  0.180   1.00 92.07  ? 205 SER A C   1 
ATOM   854  O  O   . SER A 1 112 ? -10.061 -7.424  1.089   1.00 90.18  ? 205 SER A O   1 
ATOM   855  C  CB  . SER A 1 112 ? -8.384  -7.699  -1.768  1.00 90.07  ? 205 SER A CB  1 
ATOM   856  O  OG  . SER A 1 112 ? -7.579  -7.167  -0.746  1.00 89.89  ? 205 SER A OG  1 
ATOM   857  N  N   . ASN A 1 113 ? -9.482  -9.476  0.396   1.00 94.83  ? 206 ASN A N   1 
ATOM   858  C  CA  . ASN A 1 113 ? -9.168  -9.978  1.754   1.00 90.68  ? 206 ASN A CA  1 
ATOM   859  C  C   . ASN A 1 113 ? -8.059  -9.186  2.421   1.00 82.62  ? 206 ASN A C   1 
ATOM   860  O  O   . ASN A 1 113 ? -8.100  -8.927  3.608   1.00 91.78  ? 206 ASN A O   1 
ATOM   861  C  CB  . ASN A 1 113 ? -8.724  -11.433 1.743   1.00 92.71  ? 206 ASN A CB  1 
ATOM   862  C  CG  . ASN A 1 113 ? -9.824  -12.395 1.346   1.00 102.91 ? 206 ASN A CG  1 
ATOM   863  O  OD1 . ASN A 1 113 ? -10.958 -12.005 1.061   1.00 119.25 ? 206 ASN A OD1 1 
ATOM   864  N  ND2 . ASN A 1 113 ? -9.479  -13.675 1.314   1.00 95.66  ? 206 ASN A ND2 1 
ATOM   865  N  N   . LEU A 1 114 ? -7.066  -8.797  1.630   1.00 97.31  ? 207 LEU A N   1 
ATOM   866  C  CA  . LEU A 1 114 ? -5.947  -8.021  2.121   1.00 80.92  ? 207 LEU A CA  1 
ATOM   867  C  C   . LEU A 1 114 ? -6.387  -6.683  2.672   1.00 90.32  ? 207 LEU A C   1 
ATOM   868  O  O   . LEU A 1 114 ? -5.885  -6.277  3.719   1.00 95.49  ? 207 LEU A O   1 
ATOM   869  C  CB  . LEU A 1 114 ? -4.885  -7.838  1.029   1.00 79.88  ? 207 LEU A CB  1 
ATOM   870  C  CG  . LEU A 1 114 ? -3.397  -7.719  1.434   1.00 79.94  ? 207 LEU A CG  1 
ATOM   871  C  CD1 . LEU A 1 114 ? -2.820  -6.321  1.336   1.00 85.25  ? 207 LEU A CD1 1 
ATOM   872  C  CD2 . LEU A 1 114 ? -3.119  -8.252  2.835   1.00 94.08  ? 207 LEU A CD2 1 
ATOM   873  N  N   . LEU A 1 115 ? -7.336  -6.009  2.019   1.00 89.07  ? 208 LEU A N   1 
ATOM   874  C  CA  . LEU A 1 115 ? -7.690  -4.659  2.481   1.00 92.66  ? 208 LEU A CA  1 
ATOM   875  C  C   . LEU A 1 115 ? -9.014  -4.473  3.191   1.00 86.80  ? 208 LEU A C   1 
ATOM   876  O  O   . LEU A 1 115 ? -9.221  -3.447  3.824   1.00 95.15  ? 208 LEU A O   1 
ATOM   877  C  CB  . LEU A 1 115 ? -7.501  -3.621  1.365   1.00 98.99  ? 208 LEU A CB  1 
ATOM   878  C  CG  . LEU A 1 115 ? -6.104  -3.713  0.728   1.00 101.19 ? 208 LEU A CG  1 
ATOM   879  C  CD1 . LEU A 1 115 ? -5.958  -2.830  -0.491  1.00 107.61 ? 208 LEU A CD1 1 
ATOM   880  C  CD2 . LEU A 1 115 ? -5.038  -3.331  1.730   1.00 105.19 ? 208 LEU A CD2 1 
ATOM   881  N  N   . ARG A 1 116 ? -9.826  -5.503  3.177   1.00 93.54  ? 209 ARG A N   1 
ATOM   882  C  CA  . ARG A 1 116 ? -11.094 -5.477  3.833   1.00 84.80  ? 209 ARG A CA  1 
ATOM   883  C  C   . ARG A 1 116 ? -10.818 -5.210  5.288   1.00 87.90  ? 209 ARG A C   1 
ATOM   884  O  O   . ARG A 1 116 ? -9.820  -5.658  5.824   1.00 79.94  ? 209 ARG A O   1 
ATOM   885  C  CB  . ARG A 1 116 ? -11.746 -6.838  3.653   1.00 101.83 ? 209 ARG A CB  1 
ATOM   886  C  CG  . ARG A 1 116 ? -12.912 -7.128  4.569   1.00 128.84 ? 209 ARG A CG  1 
ATOM   887  C  CD  . ARG A 1 116 ? -14.110 -7.645  3.790   1.00 124.14 ? 209 ARG A CD  1 
ATOM   888  N  NE  . ARG A 1 116 ? -13.717 -8.416  2.622   1.00 118.36 ? 209 ARG A NE  1 
ATOM   889  C  CZ  . ARG A 1 116 ? -12.795 -9.362  2.650   1.00 129.02 ? 209 ARG A CZ  1 
ATOM   890  N  NH1 . ARG A 1 116 ? -12.186 -9.642  3.790   1.00 140.96 ? 209 ARG A NH1 1 
ATOM   891  N  NH2 . ARG A 1 116 ? -12.485 -10.025 1.547   1.00 110.85 ? 209 ARG A NH2 1 
ATOM   892  N  N   . PRO A 1 117 ? -11.751 -4.379  5.923   1.00 84.39  ? 210 PRO A N   1 
ATOM   893  C  CA  . PRO A 1 117 ? -11.394 -4.046  7.304   1.00 76.60  ? 210 PRO A CA  1 
ATOM   894  C  C   . PRO A 1 117 ? -11.512 -5.218  8.220   1.00 82.49  ? 210 PRO A C   1 
ATOM   895  O  O   . PRO A 1 117 ? -12.375 -6.046  8.038   1.00 85.72  ? 210 PRO A O   1 
ATOM   896  C  CB  . PRO A 1 117 ? -12.442 -3.026  7.718   1.00 81.41  ? 210 PRO A CB  1 
ATOM   897  C  CG  . PRO A 1 117 ? -12.979 -2.471  6.474   1.00 91.81  ? 210 PRO A CG  1 
ATOM   898  C  CD  . PRO A 1 117 ? -13.100 -3.684  5.658   1.00 87.04  ? 210 PRO A CD  1 
ATOM   899  N  N   . VAL A 1 118 ? -10.634 -5.289  9.198   1.00 89.60  ? 211 VAL A N   1 
ATOM   900  C  CA  . VAL A 1 118 ? -10.723 -6.277  10.242  1.00 88.35  ? 211 VAL A CA  1 
ATOM   901  C  C   . VAL A 1 118 ? -11.929 -6.102  11.139  1.00 93.00  ? 211 VAL A C   1 
ATOM   902  O  O   . VAL A 1 118 ? -12.552 -7.060  11.544  1.00 98.83  ? 211 VAL A O   1 
ATOM   903  C  CB  . VAL A 1 118 ? -9.475  -6.246  11.108  1.00 77.04  ? 211 VAL A CB  1 
ATOM   904  C  CG1 . VAL A 1 118 ? -8.257  -6.352  10.228  1.00 82.17  ? 211 VAL A CG1 1 
ATOM   905  C  CG2 . VAL A 1 118 ? -9.424  -4.959  11.892  1.00 79.84  ? 211 VAL A CG2 1 
ATOM   906  N  N   . SER A 1 119 ? -12.239 -4.861  11.459  1.00 93.40  ? 212 SER A N   1 
ATOM   907  C  CA  . SER A 1 119 ? -13.169 -4.552  12.516  1.00 96.17  ? 212 SER A CA  1 
ATOM   908  C  C   . SER A 1 119 ? -14.425 -3.928  11.998  1.00 114.66 ? 212 SER A C   1 
ATOM   909  O  O   . SER A 1 119 ? -14.459 -3.324  10.950  1.00 105.54 ? 212 SER A O   1 
ATOM   910  C  CB  . SER A 1 119 ? -12.514 -3.591  13.498  1.00 89.90  ? 212 SER A CB  1 
ATOM   911  O  OG  . SER A 1 119 ? -13.452 -2.874  14.277  1.00 101.88 ? 212 SER A OG  1 
ATOM   912  N  N   . ASP A 1 120 ? -15.465 -4.093  12.783  1.00 131.07 ? 213 ASP A N   1 
ATOM   913  C  CA  . ASP A 1 120 ? -16.696 -3.355  12.640  1.00 131.08 ? 213 ASP A CA  1 
ATOM   914  C  C   . ASP A 1 120 ? -16.838 -2.823  14.024  1.00 130.40 ? 213 ASP A C   1 
ATOM   915  O  O   . ASP A 1 120 ? -16.618 -3.566  14.961  1.00 154.61 ? 213 ASP A O   1 
ATOM   916  C  CB  . ASP A 1 120 ? -17.847 -4.308  12.370  1.00 130.30 ? 213 ASP A CB  1 
ATOM   917  C  CG  . ASP A 1 120 ? -17.691 -5.629  13.103  1.00 148.37 ? 213 ASP A CG  1 
ATOM   918  O  OD1 . ASP A 1 120 ? -16.641 -5.815  13.754  1.00 129.51 ? 213 ASP A OD1 1 
ATOM   919  O  OD2 . ASP A 1 120 ? -18.595 -6.478  13.018  1.00 154.57 ? 213 ASP A OD2 1 
ATOM   920  N  N   . LYS A 1 121 ? -17.193 -1.559  14.190  1.00 131.76 ? 214 LYS A N   1 
ATOM   921  C  CA  . LYS A 1 121 ? -17.445 -0.642  13.107  1.00 133.30 ? 214 LYS A CA  1 
ATOM   922  C  C   . LYS A 1 121 ? -16.161 -0.104  12.526  1.00 121.62 ? 214 LYS A C   1 
ATOM   923  O  O   . LYS A 1 121 ? -15.105 -0.181  13.127  1.00 98.73  ? 214 LYS A O   1 
ATOM   924  C  CB  . LYS A 1 121 ? -18.351 0.501   13.568  1.00 161.60 ? 214 LYS A CB  1 
ATOM   925  C  CG  . LYS A 1 121 ? -19.711 0.560   12.875  1.00 152.38 ? 214 LYS A CG  1 
ATOM   926  C  CD  . LYS A 1 121 ? -20.863 0.565   13.875  1.00 127.11 ? 214 LYS A CD  1 
ATOM   927  C  CE  . LYS A 1 121 ? -21.653 1.863   13.832  1.00 128.61 ? 214 LYS A CE  1 
ATOM   928  N  NZ  . LYS A 1 121 ? -22.193 2.230   15.169  1.00 99.72  ? 214 LYS A NZ  1 
ATOM   929  N  N   . VAL A 1 122 ? -16.294 0.441   11.333  1.00 109.42 ? 215 VAL A N   1 
ATOM   930  C  CA  . VAL A 1 122 ? -15.233 0.896   10.527  1.00 94.09  ? 215 VAL A CA  1 
ATOM   931  C  C   . VAL A 1 122 ? -15.766 2.268   10.196  1.00 98.16  ? 215 VAL A C   1 
ATOM   932  O  O   . VAL A 1 122 ? -16.976 2.482   10.209  1.00 116.14 ? 215 VAL A O   1 
ATOM   933  C  CB  . VAL A 1 122 ? -15.237 0.034   9.252   1.00 92.01  ? 215 VAL A CB  1 
ATOM   934  C  CG1 . VAL A 1 122 ? -14.226 0.530   8.249   1.00 102.99 ? 215 VAL A CG1 1 
ATOM   935  C  CG2 . VAL A 1 122 ? -15.002 -1.436  9.583   1.00 89.87  ? 215 VAL A CG2 1 
ATOM   936  N  N   . LEU A 1 123 ? -14.897 3.219   9.932   1.00 89.23  ? 216 LEU A N   1 
ATOM   937  C  CA  . LEU A 1 123 ? -15.362 4.415   9.311   1.00 95.96  ? 216 LEU A CA  1 
ATOM   938  C  C   . LEU A 1 123 ? -14.439 4.661   8.106   1.00 97.42  ? 216 LEU A C   1 
ATOM   939  O  O   . LEU A 1 123 ? -13.257 4.935   8.297   1.00 92.00  ? 216 LEU A O   1 
ATOM   940  C  CB  . LEU A 1 123 ? -15.404 5.548   10.341  1.00 101.45 ? 216 LEU A CB  1 
ATOM   941  C  CG  . LEU A 1 123 ? -15.768 7.012   9.993   1.00 125.20 ? 216 LEU A CG  1 
ATOM   942  C  CD1 . LEU A 1 123 ? -14.527 7.884   10.139  1.00 107.99 ? 216 LEU A CD1 1 
ATOM   943  C  CD2 . LEU A 1 123 ? -16.509 7.253   8.650   1.00 127.78 ? 216 LEU A CD2 1 
ATOM   944  N  N   . PHE A 1 124 ? -14.967 4.515   6.880   1.00 84.14  ? 217 PHE A N   1 
ATOM   945  C  CA  . PHE A 1 124 ? -14.151 4.693   5.648   1.00 85.25  ? 217 PHE A CA  1 
ATOM   946  C  C   . PHE A 1 124 ? -13.681 6.117   5.347   1.00 83.78  ? 217 PHE A C   1 
ATOM   947  O  O   . PHE A 1 124 ? -14.360 7.094   5.633   1.00 97.56  ? 217 PHE A O   1 
ATOM   948  C  CB  . PHE A 1 124 ? -14.850 4.123   4.423   1.00 80.52  ? 217 PHE A CB  1 
ATOM   949  C  CG  . PHE A 1 124 ? -15.156 2.665   4.544   1.00 91.23  ? 217 PHE A CG  1 
ATOM   950  C  CD1 . PHE A 1 124 ? -14.138 1.730   4.556   1.00 94.05  ? 217 PHE A CD1 1 
ATOM   951  C  CD2 . PHE A 1 124 ? -16.459 2.229   4.664   1.00 103.57 ? 217 PHE A CD2 1 
ATOM   952  C  CE1 . PHE A 1 124 ? -14.417 0.383   4.690   1.00 99.76  ? 217 PHE A CE1 1 
ATOM   953  C  CE2 . PHE A 1 124 ? -16.755 0.886   4.799   1.00 105.49 ? 217 PHE A CE2 1 
ATOM   954  C  CZ  . PHE A 1 124 ? -15.732 -0.037  4.811   1.00 114.42 ? 217 PHE A CZ  1 
ATOM   955  N  N   . VAL A 1 125 ? -12.474 6.206   4.811   1.00 85.92  ? 218 VAL A N   1 
ATOM   956  C  CA  . VAL A 1 125 ? -11.880 7.449   4.336   1.00 88.04  ? 218 VAL A CA  1 
ATOM   957  C  C   . VAL A 1 125 ? -11.245 7.161   2.979   1.00 93.55  ? 218 VAL A C   1 
ATOM   958  O  O   . VAL A 1 125 ? -11.324 6.045   2.481   1.00 99.66  ? 218 VAL A O   1 
ATOM   959  C  CB  . VAL A 1 125 ? -10.763 7.990   5.254   1.00 91.83  ? 218 VAL A CB  1 
ATOM   960  C  CG1 . VAL A 1 125 ? -11.246 8.139   6.675   1.00 78.67  ? 218 VAL A CG1 1 
ATOM   961  C  CG2 . VAL A 1 125 ? -9.502  7.127   5.164   1.00 85.27  ? 218 VAL A CG2 1 
ATOM   962  N  N   . GLU A 1 126 ? -10.586 8.149   2.391   1.00 94.69  ? 219 GLU A N   1 
ATOM   963  C  CA  . GLU A 1 126 ? -10.229 8.031   0.997   1.00 95.33  ? 219 GLU A CA  1 
ATOM   964  C  C   . GLU A 1 126 ? -8.711  7.922   0.882   1.00 101.77 ? 219 GLU A C   1 
ATOM   965  O  O   . GLU A 1 126 ? -8.178  7.430   -0.119  1.00 102.57 ? 219 GLU A O   1 
ATOM   966  C  CB  . GLU A 1 126 ? -10.791 9.227   0.225   1.00 96.72  ? 219 GLU A CB  1 
ATOM   967  C  CG  . GLU A 1 126 ? -11.653 8.846   -0.969  1.00 120.09 ? 219 GLU A CG  1 
ATOM   968  C  CD  . GLU A 1 126 ? -12.859 9.772   -1.193  1.00 139.04 ? 219 GLU A CD  1 
ATOM   969  O  OE1 . GLU A 1 126 ? -12.862 10.941  -0.736  1.00 136.93 ? 219 GLU A OE1 1 
ATOM   970  O  OE2 . GLU A 1 126 ? -13.825 9.323   -1.852  1.00 145.83 ? 219 GLU A OE2 1 
ATOM   971  N  N   . ASN A 1 127 ? -8.012  8.325   1.934   1.00 86.12  ? 220 ASN A N   1 
ATOM   972  C  CA  . ASN A 1 127 ? -6.569  8.290   1.880   1.00 88.37  ? 220 ASN A CA  1 
ATOM   973  C  C   . ASN A 1 127 ? -5.904  8.329   3.244   1.00 88.04  ? 220 ASN A C   1 
ATOM   974  O  O   . ASN A 1 127 ? -6.557  8.498   4.271   1.00 85.19  ? 220 ASN A O   1 
ATOM   975  C  CB  . ASN A 1 127 ? -6.132  9.514   1.146   1.00 102.98 ? 220 ASN A CB  1 
ATOM   976  C  CG  . ASN A 1 127 ? -6.521  10.757  1.887   1.00 92.37  ? 220 ASN A CG  1 
ATOM   977  O  OD1 . ASN A 1 127 ? -7.382  11.496  1.434   1.00 91.42  ? 220 ASN A OD1 1 
ATOM   978  N  ND2 . ASN A 1 127 ? -5.941  10.950  3.079   1.00 81.10  ? 220 ASN A ND2 1 
ATOM   979  N  N   . PHE A 1 128 ? -4.584  8.246   3.249   1.00 86.55  ? 221 PHE A N   1 
ATOM   980  C  CA  . PHE A 1 128 ? -3.891  8.047   4.517   1.00 82.27  ? 221 PHE A CA  1 
ATOM   981  C  C   . PHE A 1 128 ? -3.862  9.223   5.454   1.00 84.14  ? 221 PHE A C   1 
ATOM   982  O  O   . PHE A 1 128 ? -4.036  9.037   6.646   1.00 97.52  ? 221 PHE A O   1 
ATOM   983  C  CB  . PHE A 1 128 ? -2.489  7.504   4.316   1.00 81.23  ? 221 PHE A CB  1 
ATOM   984  C  CG  . PHE A 1 128 ? -2.457  6.110   3.757   1.00 84.21  ? 221 PHE A CG  1 
ATOM   985  C  CD1 . PHE A 1 128 ? -2.041  5.878   2.447   1.00 81.80  ? 221 PHE A CD1 1 
ATOM   986  C  CD2 . PHE A 1 128 ? -2.842  5.021   4.543   1.00 87.54  ? 221 PHE A CD2 1 
ATOM   987  C  CE1 . PHE A 1 128 ? -1.993  4.591   1.942   1.00 80.22  ? 221 PHE A CE1 1 
ATOM   988  C  CE2 . PHE A 1 128 ? -2.804  3.731   4.035   1.00 79.83  ? 221 PHE A CE2 1 
ATOM   989  C  CZ  . PHE A 1 128 ? -2.369  3.516   2.742   1.00 75.53  ? 221 PHE A CZ  1 
ATOM   990  N  N   . ASP A 1 129 ? -3.636  10.425  4.935   1.00 102.11 ? 222 ASP A N   1 
ATOM   991  C  CA  . ASP A 1 129 ? -3.721  11.660  5.750   1.00 100.28 ? 222 ASP A CA  1 
ATOM   992  C  C   . ASP A 1 129 ? -5.090  11.767  6.421   1.00 91.10  ? 222 ASP A C   1 
ATOM   993  O  O   . ASP A 1 129 ? -5.152  11.912  7.651   1.00 83.05  ? 222 ASP A O   1 
ATOM   994  C  CB  . ASP A 1 129 ? -3.489  12.894  4.897   1.00 97.03  ? 222 ASP A CB  1 
ATOM   995  C  CG  . ASP A 1 129 ? -2.951  12.555  3.535   1.00 108.84 ? 222 ASP A CG  1 
ATOM   996  O  OD1 . ASP A 1 129 ? -3.658  11.854  2.770   1.00 117.24 ? 222 ASP A OD1 1 
ATOM   997  O  OD2 . ASP A 1 129 ? -1.816  12.978  3.230   1.00 119.84 ? 222 ASP A OD2 1 
ATOM   998  N  N   . ASP A 1 130 ? -6.164  11.674  5.619   1.00 75.85  ? 223 ASP A N   1 
ATOM   999  C  CA  . ASP A 1 130 ? -7.513  11.555  6.151   1.00 86.61  ? 223 ASP A CA  1 
ATOM   1000 C  C   . ASP A 1 130 ? -7.516  10.537  7.284   1.00 91.72  ? 223 ASP A C   1 
ATOM   1001 O  O   . ASP A 1 130 ? -7.878  10.861  8.414   1.00 88.80  ? 223 ASP A O   1 
ATOM   1002 C  CB  . ASP A 1 130 ? -8.505  11.100  5.086   1.00 106.33 ? 223 ASP A CB  1 
ATOM   1003 C  CG  . ASP A 1 130 ? -9.178  12.255  4.355   1.00 122.58 ? 223 ASP A CG  1 
ATOM   1004 O  OD1 . ASP A 1 130 ? -10.114 11.959  3.574   1.00 133.72 ? 223 ASP A OD1 1 
ATOM   1005 O  OD2 . ASP A 1 130 ? -8.789  13.433  4.543   1.00 122.13 ? 223 ASP A OD2 1 
ATOM   1006 N  N   . MET A 1 131 ? -7.076  9.314   6.993   1.00 98.71  ? 224 MET A N   1 
ATOM   1007 C  CA  . MET A 1 131 ? -7.058  8.274   7.999   1.00 78.65  ? 224 MET A CA  1 
ATOM   1008 C  C   . MET A 1 131 ? -6.243  8.713   9.216   1.00 86.62  ? 224 MET A C   1 
ATOM   1009 O  O   . MET A 1 131 ? -6.601  8.413   10.363  1.00 99.10  ? 224 MET A O   1 
ATOM   1010 C  CB  . MET A 1 131 ? -6.514  6.966   7.446   1.00 75.51  ? 224 MET A CB  1 
ATOM   1011 C  CG  . MET A 1 131 ? -6.066  6.021   8.565   1.00 75.03  ? 224 MET A CG  1 
ATOM   1012 S  SD  . MET A 1 131 ? -5.158  4.549   8.090   1.00 79.04  ? 224 MET A SD  1 
ATOM   1013 C  CE  . MET A 1 131 ? -6.189  4.038   6.696   1.00 76.17  ? 224 MET A CE  1 
ATOM   1014 N  N   . LEU A 1 132 ? -5.162  9.430   8.997   1.00 79.69  ? 225 LEU A N   1 
ATOM   1015 C  CA  . LEU A 1 132 ? -4.299  9.683   10.125  1.00 92.42  ? 225 LEU A CA  1 
ATOM   1016 C  C   . LEU A 1 132 ? -4.801  10.800  11.011  1.00 104.90 ? 225 LEU A C   1 
ATOM   1017 O  O   . LEU A 1 132 ? -4.710  10.674  12.230  1.00 123.50 ? 225 LEU A O   1 
ATOM   1018 C  CB  . LEU A 1 132 ? -2.855  9.886   9.697   1.00 92.91  ? 225 LEU A CB  1 
ATOM   1019 C  CG  . LEU A 1 132 ? -2.188  8.551   9.375   1.00 92.23  ? 225 LEU A CG  1 
ATOM   1020 C  CD1 . LEU A 1 132 ? -1.095  8.718   8.323   1.00 86.55  ? 225 LEU A CD1 1 
ATOM   1021 C  CD2 . LEU A 1 132 ? -1.656  7.927   10.656  1.00 90.44  ? 225 LEU A CD2 1 
ATOM   1022 N  N   . ARG A 1 133 ? -5.340  11.870  10.416  1.00 106.41 ? 226 ARG A N   1 
ATOM   1023 C  CA  . ARG A 1 133 ? -5.913  12.978  11.200  1.00 108.02 ? 226 ARG A CA  1 
ATOM   1024 C  C   . ARG A 1 133 ? -6.953  12.440  12.182  1.00 109.82 ? 226 ARG A C   1 
ATOM   1025 O  O   . ARG A 1 133 ? -6.889  12.690  13.389  1.00 99.26  ? 226 ARG A O   1 
ATOM   1026 C  CB  . ARG A 1 133 ? -6.550  14.044  10.304  1.00 110.65 ? 226 ARG A CB  1 
ATOM   1027 C  CG  . ARG A 1 133 ? -6.792  15.378  11.028  1.00 145.48 ? 226 ARG A CG  1 
ATOM   1028 C  CD  . ARG A 1 133 ? -6.973  16.539  10.061  1.00 144.43 ? 226 ARG A CD  1 
ATOM   1029 N  NE  . ARG A 1 133 ? -6.312  16.230  8.792   1.00 144.31 ? 226 ARG A NE  1 
ATOM   1030 C  CZ  . ARG A 1 133 ? -6.942  15.846  7.684   1.00 131.70 ? 226 ARG A CZ  1 
ATOM   1031 N  NH1 . ARG A 1 133 ? -8.264  15.751  7.655   1.00 138.05 ? 226 ARG A NH1 1 
ATOM   1032 N  NH2 . ARG A 1 133 ? -6.247  15.573  6.594   1.00 131.54 ? 226 ARG A NH2 1 
ATOM   1033 N  N   . LEU A 1 134 ? -7.918  11.704  11.648  1.00 99.56  ? 227 LEU A N   1 
ATOM   1034 C  CA  . LEU A 1 134 ? -8.801  10.916  12.474  1.00 84.59  ? 227 LEU A CA  1 
ATOM   1035 C  C   . LEU A 1 134 ? -8.080  10.111  13.565  1.00 90.91  ? 227 LEU A C   1 
ATOM   1036 O  O   . LEU A 1 134 ? -8.453  10.168  14.716  1.00 111.87 ? 227 LEU A O   1 
ATOM   1037 C  CB  . LEU A 1 134 ? -9.593  9.986   11.574  1.00 76.65  ? 227 LEU A CB  1 
ATOM   1038 C  CG  . LEU A 1 134 ? -11.054 10.321  11.285  1.00 86.75  ? 227 LEU A CG  1 
ATOM   1039 C  CD1 . LEU A 1 134 ? -11.398 11.771  11.634  1.00 79.14  ? 227 LEU A CD1 1 
ATOM   1040 C  CD2 . LEU A 1 134 ? -11.425 9.938   9.846   1.00 73.04  ? 227 LEU A CD2 1 
ATOM   1041 N  N   . VAL A 1 135 ? -7.067  9.335   13.236  1.00 98.80  ? 228 VAL A N   1 
ATOM   1042 C  CA  . VAL A 1 135 ? -6.514  8.485   14.287  1.00 97.44  ? 228 VAL A CA  1 
ATOM   1043 C  C   . VAL A 1 135 ? -5.720  9.311   15.294  1.00 85.70  ? 228 VAL A C   1 
ATOM   1044 O  O   . VAL A 1 135 ? -5.695  8.987   16.474  1.00 93.26  ? 228 VAL A O   1 
ATOM   1045 C  CB  . VAL A 1 135 ? -5.786  7.196   13.765  1.00 96.87  ? 228 VAL A CB  1 
ATOM   1046 C  CG1 . VAL A 1 135 ? -5.468  7.293   12.292  1.00 99.74  ? 228 VAL A CG1 1 
ATOM   1047 C  CG2 . VAL A 1 135 ? -4.520  6.913   14.549  1.00 89.93  ? 228 VAL A CG2 1 
ATOM   1048 N  N   . GLU A 1 136 ? -5.094  10.391  14.843  1.00 94.42  ? 229 GLU A N   1 
ATOM   1049 C  CA  . GLU A 1 136 ? -4.405  11.312  15.772  1.00 100.02 ? 229 GLU A CA  1 
ATOM   1050 C  C   . GLU A 1 136 ? -5.384  12.025  16.704  1.00 101.34 ? 229 GLU A C   1 
ATOM   1051 O  O   . GLU A 1 136 ? -5.020  12.380  17.827  1.00 107.95 ? 229 GLU A O   1 
ATOM   1052 C  CB  . GLU A 1 136 ? -3.624  12.375  15.034  1.00 98.08  ? 229 GLU A CB  1 
ATOM   1053 C  CG  . GLU A 1 136 ? -2.267  11.981  14.485  1.00 115.32 ? 229 GLU A CG  1 
ATOM   1054 C  CD  . GLU A 1 136 ? -1.706  13.073  13.569  1.00 131.09 ? 229 GLU A CD  1 
ATOM   1055 O  OE1 . GLU A 1 136 ? -2.273  13.261  12.468  1.00 138.69 ? 229 GLU A OE1 1 
ATOM   1056 O  OE2 . GLU A 1 136 ? -0.716  13.758  13.941  1.00 123.22 ? 229 GLU A OE2 1 
ATOM   1057 N  N   . ALA A 1 137 ? -6.622  12.204  16.228  1.00 92.83  ? 230 ALA A N   1 
ATOM   1058 C  CA  . ALA A 1 137 ? -7.689  12.918  16.938  1.00 77.17  ? 230 ALA A CA  1 
ATOM   1059 C  C   . ALA A 1 137 ? -7.903  12.472  18.363  1.00 89.69  ? 230 ALA A C   1 
ATOM   1060 C  CB  . ALA A 1 137 ? -9.002  12.827  16.189  1.00 75.62  ? 230 ALA A CB  1 
ATOM   1061 N  N   . GLY A 1 138 ? -8.138  11.185  18.586  1.00 89.42  ? 231 GLY A N   1 
ATOM   1062 C  CA  . GLY A 1 138 ? -8.052  10.179  17.592  1.00 78.19  ? 231 GLY A CA  1 
ATOM   1063 C  C   . GLY A 1 138 ? -9.211  9.286   17.853  1.00 82.94  ? 231 GLY A C   1 
ATOM   1064 O  O   . GLY A 1 138 ? -9.296  8.685   18.908  1.00 70.60  ? 231 GLY A O   1 
ATOM   1065 N  N   . VAL A 1 139 ? -10.079 9.182   16.858  1.00 98.35  ? 232 VAL A N   1 
ATOM   1066 C  CA  . VAL A 1 139 ? -11.316 8.451   16.974  1.00 104.03 ? 232 VAL A CA  1 
ATOM   1067 C  C   . VAL A 1 139 ? -11.135 6.950   16.899  1.00 106.28 ? 232 VAL A C   1 
ATOM   1068 O  O   . VAL A 1 139 ? -11.766 6.228   17.656  1.00 127.29 ? 232 VAL A O   1 
ATOM   1069 C  CB  . VAL A 1 139 ? -12.321 8.950   15.927  1.00 100.81 ? 232 VAL A CB  1 
ATOM   1070 C  CG1 . VAL A 1 139 ? -11.606 9.825   14.934  1.00 89.18  ? 232 VAL A CG1 1 
ATOM   1071 C  CG2 . VAL A 1 139 ? -13.050 7.788   15.263  1.00 117.10 ? 232 VAL A CG2 1 
ATOM   1072 N  N   . GLY A 1 140 ? -10.272 6.483   16.002  1.00 115.22 ? 233 GLY A N   1 
ATOM   1073 C  CA  . GLY A 1 140 ? -10.027 5.044   15.857  1.00 103.63 ? 233 GLY A CA  1 
ATOM   1074 C  C   . GLY A 1 140 ? -8.558  4.680   15.801  1.00 94.58  ? 233 GLY A C   1 
ATOM   1075 O  O   . GLY A 1 140 ? -7.705  5.430   16.319  1.00 89.76  ? 233 GLY A O   1 
ATOM   1076 N  N   . TRP A 1 141 ? -8.289  3.502   15.219  1.00 83.70  ? 234 TRP A N   1 
ATOM   1077 C  CA  . TRP A 1 141 ? -6.929  2.975   14.948  1.00 83.74  ? 234 TRP A CA  1 
ATOM   1078 C  C   . TRP A 1 141 ? -6.901  2.592   13.464  1.00 87.84  ? 234 TRP A C   1 
ATOM   1079 O  O   . TRP A 1 141 ? -7.952  2.279   12.873  1.00 80.91  ? 234 TRP A O   1 
ATOM   1080 C  CB  . TRP A 1 141 ? -6.590  1.731   15.807  1.00 79.47  ? 234 TRP A CB  1 
ATOM   1081 C  CG  . TRP A 1 141 ? -7.527  0.539   15.533  1.00 88.02  ? 234 TRP A CG  1 
ATOM   1082 C  CD1 . TRP A 1 141 ? -8.666  0.245   16.205  1.00 93.73  ? 234 TRP A CD1 1 
ATOM   1083 C  CD2 . TRP A 1 141 ? -7.412  -0.470  14.496  1.00 94.87  ? 234 TRP A CD2 1 
ATOM   1084 N  NE1 . TRP A 1 141 ? -9.274  -0.868  15.680  1.00 94.90  ? 234 TRP A NE1 1 
ATOM   1085 C  CE2 . TRP A 1 141 ? -8.536  -1.327  14.626  1.00 90.48  ? 234 TRP A CE2 1 
ATOM   1086 C  CE3 . TRP A 1 141 ? -6.466  -0.739  13.486  1.00 80.74  ? 234 TRP A CE3 1 
ATOM   1087 C  CZ2 . TRP A 1 141 ? -8.760  -2.421  13.776  1.00 79.80  ? 234 TRP A CZ2 1 
ATOM   1088 C  CZ3 . TRP A 1 141 ? -6.685  -1.842  12.641  1.00 76.71  ? 234 TRP A CZ3 1 
ATOM   1089 C  CH2 . TRP A 1 141 ? -7.827  -2.664  12.795  1.00 81.02  ? 234 TRP A CH2 1 
ATOM   1090 N  N   . GLY A 1 142 ? -5.713  2.593   12.864  1.00 73.38  ? 235 GLY A N   1 
ATOM   1091 C  CA  . GLY A 1 142 ? -5.608  2.291   11.446  1.00 84.74  ? 235 GLY A CA  1 
ATOM   1092 C  C   . GLY A 1 142 ? -4.344  1.550   11.070  1.00 87.05  ? 235 GLY A C   1 
ATOM   1093 O  O   . GLY A 1 142 ? -3.379  1.533   11.832  1.00 84.32  ? 235 GLY A O   1 
ATOM   1094 N  N   . ILE A 1 143 ? -4.353  0.921   9.899   1.00 86.25  ? 236 ILE A N   1 
ATOM   1095 C  CA  . ILE A 1 143 ? -3.119  0.346   9.378   1.00 82.41  ? 236 ILE A CA  1 
ATOM   1096 C  C   . ILE A 1 143 ? -2.584  1.329   8.331   1.00 83.78  ? 236 ILE A C   1 
ATOM   1097 O  O   . ILE A 1 143 ? -3.268  1.616   7.325   1.00 83.29  ? 236 ILE A O   1 
ATOM   1098 C  CB  . ILE A 1 143 ? -3.370  -1.008  8.705   1.00 79.85  ? 236 ILE A CB  1 
ATOM   1099 C  CG1 . ILE A 1 143 ? -4.015  -1.985  9.679   1.00 84.13  ? 236 ILE A CG1 1 
ATOM   1100 C  CG2 . ILE A 1 143 ? -2.072  -1.581  8.176   1.00 82.75  ? 236 ILE A CG2 1 
ATOM   1101 C  CD1 . ILE A 1 143 ? -5.296  -2.588  9.133   1.00 74.91  ? 236 ILE A CD1 1 
ATOM   1102 N  N   . ALA A 1 144 ? -1.377  1.844   8.555   1.00 72.50  ? 237 ALA A N   1 
ATOM   1103 C  CA  . ALA A 1 144 ? -0.763  2.756   7.577   1.00 75.52  ? 237 ALA A CA  1 
ATOM   1104 C  C   . ALA A 1 144 ? 0.599   2.312   7.116   1.00 73.88  ? 237 ALA A C   1 
ATOM   1105 O  O   . ALA A 1 144 ? 1.287   1.616   7.864   1.00 86.47  ? 237 ALA A O   1 
ATOM   1106 C  CB  . ALA A 1 144 ? -0.650  4.149   8.147   1.00 83.48  ? 237 ALA A CB  1 
ATOM   1107 N  N   . PRO A 1 145 ? 1.025   2.748   5.904   1.00 73.82  ? 238 PRO A N   1 
ATOM   1108 C  CA  . PRO A 1 145 ? 2.402   2.489   5.436   1.00 67.75  ? 238 PRO A CA  1 
ATOM   1109 C  C   . PRO A 1 145 ? 3.374   3.179   6.329   1.00 69.74  ? 238 PRO A C   1 
ATOM   1110 O  O   . PRO A 1 145 ? 3.060   4.222   6.916   1.00 75.45  ? 238 PRO A O   1 
ATOM   1111 C  CB  . PRO A 1 145 ? 2.481   3.185   4.081   1.00 59.56  ? 238 PRO A CB  1 
ATOM   1112 C  CG  . PRO A 1 145 ? 1.075   3.492   3.706   1.00 72.43  ? 238 PRO A CG  1 
ATOM   1113 C  CD  . PRO A 1 145 ? 0.307   3.640   4.979   1.00 74.80  ? 238 PRO A CD  1 
ATOM   1114 N  N   . HIS A 1 146 ? 4.558   2.596   6.403   1.00 78.69  ? 239 HIS A N   1 
ATOM   1115 C  CA  . HIS A 1 146 ? 5.693   3.088   7.179   1.00 79.62  ? 239 HIS A CA  1 
ATOM   1116 C  C   . HIS A 1 146 ? 5.969   4.558   6.967   1.00 80.98  ? 239 HIS A C   1 
ATOM   1117 O  O   . HIS A 1 146 ? 5.983   5.321   7.905   1.00 77.19  ? 239 HIS A O   1 
ATOM   1118 C  CB  . HIS A 1 146 ? 6.932   2.365   6.737   1.00 77.59  ? 239 HIS A CB  1 
ATOM   1119 C  CG  . HIS A 1 146 ? 8.140   2.760   7.510   1.00 108.28 ? 239 HIS A CG  1 
ATOM   1120 N  ND1 . HIS A 1 146 ? 8.117   2.918   8.881   1.00 100.00 ? 239 HIS A ND1 1 
ATOM   1121 C  CD2 . HIS A 1 146 ? 9.409   3.024   7.110   1.00 107.65 ? 239 HIS A CD2 1 
ATOM   1122 C  CE1 . HIS A 1 146 ? 9.328   3.248   9.295   1.00 107.36 ? 239 HIS A CE1 1 
ATOM   1123 N  NE2 . HIS A 1 146 ? 10.130  3.318   8.241   1.00 106.34 ? 239 HIS A NE2 1 
ATOM   1124 N  N   . TYR A 1 147 ? 6.188   4.953   5.716   1.00 88.49  ? 240 TYR A N   1 
ATOM   1125 C  CA  . TYR A 1 147 ? 6.548   6.339   5.421   1.00 84.09  ? 240 TYR A CA  1 
ATOM   1126 C  C   . TYR A 1 147 ? 5.530   7.352   5.989   1.00 84.56  ? 240 TYR A C   1 
ATOM   1127 O  O   . TYR A 1 147 ? 5.915   8.272   6.681   1.00 109.77 ? 240 TYR A O   1 
ATOM   1128 C  CB  . TYR A 1 147 ? 6.900   6.531   3.929   1.00 74.77  ? 240 TYR A CB  1 
ATOM   1129 C  CG  . TYR A 1 147 ? 5.729   6.675   2.991   1.00 86.50  ? 240 TYR A CG  1 
ATOM   1130 C  CD1 . TYR A 1 147 ? 5.348   7.914   2.563   1.00 81.18  ? 240 TYR A CD1 1 
ATOM   1131 C  CD2 . TYR A 1 147 ? 4.987   5.567   2.544   1.00 93.30  ? 240 TYR A CD2 1 
ATOM   1132 C  CE1 . TYR A 1 147 ? 4.270   8.082   1.718   1.00 88.43  ? 240 TYR A CE1 1 
ATOM   1133 C  CE2 . TYR A 1 147 ? 3.887   5.728   1.692   1.00 86.99  ? 240 TYR A CE2 1 
ATOM   1134 C  CZ  . TYR A 1 147 ? 3.532   7.009   1.287   1.00 87.16  ? 240 TYR A CZ  1 
ATOM   1135 O  OH  . TYR A 1 147 ? 2.472   7.297   0.435   1.00 75.92  ? 240 TYR A OH  1 
ATOM   1136 N  N   . PHE A 1 148 ? 4.240   7.125   5.793   1.00 88.96  ? 241 PHE A N   1 
ATOM   1137 C  CA  . PHE A 1 148 ? 3.213   8.039   6.274   1.00 82.32  ? 241 PHE A CA  1 
ATOM   1138 C  C   . PHE A 1 148 ? 3.207   8.271   7.772   1.00 103.53 ? 241 PHE A C   1 
ATOM   1139 O  O   . PHE A 1 148 ? 2.473   9.123   8.272   1.00 128.08 ? 241 PHE A O   1 
ATOM   1140 C  CB  . PHE A 1 148 ? 1.844   7.515   5.896   1.00 86.79  ? 241 PHE A CB  1 
ATOM   1141 C  CG  . PHE A 1 148 ? 1.181   8.307   4.835   1.00 93.15  ? 241 PHE A CG  1 
ATOM   1142 C  CD1 . PHE A 1 148 ? 1.141   7.842   3.527   1.00 93.29  ? 241 PHE A CD1 1 
ATOM   1143 C  CD2 . PHE A 1 148 ? 0.608   9.531   5.138   1.00 101.40 ? 241 PHE A CD2 1 
ATOM   1144 C  CE1 . PHE A 1 148 ? 0.531   8.588   2.533   1.00 102.20 ? 241 PHE A CE1 1 
ATOM   1145 C  CE2 . PHE A 1 148 ? 0.002   10.286  4.151   1.00 108.03 ? 241 PHE A CE2 1 
ATOM   1146 C  CZ  . PHE A 1 148 ? -0.039  9.815   2.845   1.00 106.07 ? 241 PHE A CZ  1 
ATOM   1147 N  N   . VAL A 1 149 ? 3.982   7.456   8.463   1.00 95.02  ? 242 VAL A N   1 
ATOM   1148 C  CA  . VAL A 1 149 ? 3.928   7.402   9.898   1.00 87.18  ? 242 VAL A CA  1 
ATOM   1149 C  C   . VAL A 1 149 ? 5.233   7.568   10.637  1.00 96.05  ? 242 VAL A C   1 
ATOM   1150 O  O   . VAL A 1 149 ? 5.219   7.741   11.844  1.00 97.48  ? 242 VAL A O   1 
ATOM   1151 C  CB  . VAL A 1 149 ? 3.352   6.051   10.305  1.00 103.58 ? 242 VAL A CB  1 
ATOM   1152 C  CG1 . VAL A 1 149 ? 3.194   5.950   11.800  1.00 88.51  ? 242 VAL A CG1 1 
ATOM   1153 C  CG2 . VAL A 1 149 ? 2.020   5.842   9.626   1.00 107.98 ? 242 VAL A CG2 1 
ATOM   1154 N  N   . GLU A 1 150 ? 6.355   7.477   9.945   1.00 107.55 ? 243 GLU A N   1 
ATOM   1155 C  CA  . GLU A 1 150 ? 7.617   7.417   10.655  1.00 121.28 ? 243 GLU A CA  1 
ATOM   1156 C  C   . GLU A 1 150 ? 7.798   8.690   11.421  1.00 130.20 ? 243 GLU A C   1 
ATOM   1157 O  O   . GLU A 1 150 ? 8.121   8.681   12.600  1.00 117.55 ? 243 GLU A O   1 
ATOM   1158 C  CB  . GLU A 1 150 ? 8.765   7.263   9.677   1.00 131.18 ? 243 GLU A CB  1 
ATOM   1159 C  CG  . GLU A 1 150 ? 10.131  7.496   10.289  1.00 150.32 ? 243 GLU A CG  1 
ATOM   1160 C  CD  . GLU A 1 150 ? 11.258  7.125   9.346   1.00 151.64 ? 243 GLU A CD  1 
ATOM   1161 O  OE1 . GLU A 1 150 ? 11.337  7.708   8.248   1.00 149.22 ? 243 GLU A OE1 1 
ATOM   1162 O  OE2 . GLU A 1 150 ? 12.067  6.245   9.699   1.00 150.09 ? 243 GLU A OE2 1 
ATOM   1163 N  N   . GLU A 1 151 ? 7.534   9.799   10.757  1.00 138.73 ? 244 GLU A N   1 
ATOM   1164 C  CA  . GLU A 1 151 ? 7.833   11.070  11.351  1.00 128.64 ? 244 GLU A CA  1 
ATOM   1165 C  C   . GLU A 1 151 ? 7.002   11.212  12.581  1.00 124.47 ? 244 GLU A C   1 
ATOM   1166 O  O   . GLU A 1 151 ? 7.491   11.547  13.636  1.00 117.95 ? 244 GLU A O   1 
ATOM   1167 C  CB  . GLU A 1 151 ? 7.462   12.176  10.380  1.00 150.99 ? 244 GLU A CB  1 
ATOM   1168 C  CG  . GLU A 1 151 ? 7.705   13.569  10.918  1.00 168.99 ? 244 GLU A CG  1 
ATOM   1169 C  CD  . GLU A 1 151 ? 9.157   13.797  11.262  1.00 167.34 ? 244 GLU A CD  1 
ATOM   1170 O  OE1 . GLU A 1 151 ? 9.686   13.068  12.125  1.00 164.36 ? 244 GLU A OE1 1 
ATOM   1171 O  OE2 . GLU A 1 151 ? 9.770   14.705  10.666  1.00 166.64 ? 244 GLU A OE2 1 
ATOM   1172 N  N   . ARG A 1 152 ? 5.736   10.886  12.453  1.00 115.97 ? 245 ARG A N   1 
ATOM   1173 C  CA  . ARG A 1 152 ? 4.822   11.069  13.547  1.00 104.12 ? 245 ARG A CA  1 
ATOM   1174 C  C   . ARG A 1 152 ? 5.230   10.189  14.685  1.00 115.77 ? 245 ARG A C   1 
ATOM   1175 O  O   . ARG A 1 152 ? 5.126   10.555  15.832  1.00 136.79 ? 245 ARG A O   1 
ATOM   1176 C  CB  . ARG A 1 152 ? 3.410   10.744  13.119  1.00 87.65  ? 245 ARG A CB  1 
ATOM   1177 C  CG  . ARG A 1 152 ? 2.420   11.807  13.516  1.00 103.07 ? 245 ARG A CG  1 
ATOM   1178 C  CD  . ARG A 1 152 ? 1.281   11.872  12.529  1.00 102.30 ? 245 ARG A CD  1 
ATOM   1179 N  NE  . ARG A 1 152 ? 1.749   11.692  11.171  1.00 104.28 ? 245 ARG A NE  1 
ATOM   1180 C  CZ  . ARG A 1 152 ? 1.011   11.937  10.102  1.00 129.53 ? 245 ARG A CZ  1 
ATOM   1181 N  NH1 . ARG A 1 152 ? 1.513   11.751  8.898   1.00 144.20 ? 245 ARG A NH1 1 
ATOM   1182 N  NH2 . ARG A 1 152 ? -0.228  12.369  10.238  1.00 127.56 ? 245 ARG A NH2 1 
ATOM   1183 N  N   . LEU A 1 153 ? 5.684   9.002   14.357  1.00 112.72 ? 246 LEU A N   1 
ATOM   1184 C  CA  . LEU A 1 153 ? 5.911   7.998   15.365  1.00 128.97 ? 246 LEU A CA  1 
ATOM   1185 C  C   . LEU A 1 153 ? 6.952   8.422   16.372  1.00 130.43 ? 246 LEU A C   1 
ATOM   1186 O  O   . LEU A 1 153 ? 6.826   8.159   17.555  1.00 115.50 ? 246 LEU A O   1 
ATOM   1187 C  CB  . LEU A 1 153 ? 6.349   6.703   14.702  1.00 130.54 ? 246 LEU A CB  1 
ATOM   1188 C  CG  . LEU A 1 153 ? 5.734   5.424   15.254  1.00 116.69 ? 246 LEU A CG  1 
ATOM   1189 C  CD1 . LEU A 1 153 ? 4.232   5.553   15.320  1.00 97.04  ? 246 LEU A CD1 1 
ATOM   1190 C  CD2 . LEU A 1 153 ? 6.108   4.257   14.370  1.00 107.19 ? 246 LEU A CD2 1 
ATOM   1191 N  N   . ARG A 1 154 ? 7.998   9.066   15.896  1.00 133.52 ? 247 ARG A N   1 
ATOM   1192 C  CA  . ARG A 1 154 ? 9.140   9.370   16.757  1.00 134.37 ? 247 ARG A CA  1 
ATOM   1193 C  C   . ARG A 1 154 ? 8.776   10.445  17.759  1.00 127.73 ? 247 ARG A C   1 
ATOM   1194 O  O   . ARG A 1 154 ? 9.163   10.371  18.931  1.00 115.85 ? 247 ARG A O   1 
ATOM   1195 C  CB  . ARG A 1 154 ? 10.348  9.779   15.929  1.00 142.50 ? 247 ARG A CB  1 
ATOM   1196 C  CG  . ARG A 1 154 ? 11.104  8.581   15.378  1.00 159.15 ? 247 ARG A CG  1 
ATOM   1197 C  CD  . ARG A 1 154 ? 12.421  9.008   14.762  1.00 169.25 ? 247 ARG A CD  1 
ATOM   1198 N  NE  . ARG A 1 154 ? 12.215  10.100  13.815  1.00 183.27 ? 247 ARG A NE  1 
ATOM   1199 C  CZ  . ARG A 1 154 ? 12.135  9.953   12.497  1.00 185.55 ? 247 ARG A CZ  1 
ATOM   1200 N  NH1 . ARG A 1 154 ? 12.261  8.751   11.942  1.00 186.04 ? 247 ARG A NH1 1 
ATOM   1201 N  NH2 . ARG A 1 154 ? 11.935  11.018  11.729  1.00 169.37 ? 247 ARG A NH2 1 
ATOM   1202 N  N   . ASN A 1 155 ? 8.005   11.424  17.290  1.00 110.82 ? 248 ASN A N   1 
ATOM   1203 C  CA  . ASN A 1 155 ? 7.393   12.408  18.164  1.00 113.92 ? 248 ASN A CA  1 
ATOM   1204 C  C   . ASN A 1 155 ? 6.657   11.802  19.363  1.00 133.25 ? 248 ASN A C   1 
ATOM   1205 O  O   . ASN A 1 155 ? 6.723   12.352  20.459  1.00 170.34 ? 248 ASN A O   1 
ATOM   1206 C  CB  . ASN A 1 155 ? 6.422   13.306  17.397  1.00 104.77 ? 248 ASN A CB  1 
ATOM   1207 C  CG  . ASN A 1 155 ? 7.062   13.986  16.194  1.00 120.53 ? 248 ASN A CG  1 
ATOM   1208 O  OD1 . ASN A 1 155 ? 8.278   13.915  15.971  1.00 121.56 ? 248 ASN A OD1 1 
ATOM   1209 N  ND2 . ASN A 1 155 ? 6.234   14.644  15.401  1.00 124.15 ? 248 ASN A ND2 1 
ATOM   1210 N  N   . GLY A 1 156 ? 5.965   10.681  19.183  1.00 115.57 ? 249 GLY A N   1 
ATOM   1211 C  CA  . GLY A 1 156 ? 5.065   10.216  20.228  1.00 105.64 ? 249 GLY A CA  1 
ATOM   1212 C  C   . GLY A 1 156 ? 3.631   10.664  19.936  1.00 116.29 ? 249 GLY A C   1 
ATOM   1213 O  O   . GLY A 1 156 ? 2.685   10.281  20.651  1.00 99.49  ? 249 GLY A O   1 
ATOM   1214 N  N   . THR A 1 157 ? 3.461   11.461  18.875  1.00 109.09 ? 250 THR A N   1 
ATOM   1215 C  CA  . THR A 1 157 ? 2.130   11.741  18.318  1.00 117.77 ? 250 THR A CA  1 
ATOM   1216 C  C   . THR A 1 157 ? 1.294   10.465  18.099  1.00 117.61 ? 250 THR A C   1 
ATOM   1217 O  O   . THR A 1 157 ? 0.079   10.481  18.273  1.00 103.58 ? 250 THR A O   1 
ATOM   1218 C  CB  . THR A 1 157 ? 2.259   12.426  16.954  1.00 122.42 ? 250 THR A CB  1 
ATOM   1219 O  OG1 . THR A 1 157 ? 3.457   13.211  16.938  1.00 113.08 ? 250 THR A OG1 1 
ATOM   1220 C  CG2 . THR A 1 157 ? 1.038   13.286  16.663  1.00 131.30 ? 250 THR A CG2 1 
ATOM   1221 N  N   . LEU A 1 158 ? 1.963   9.378   17.696  1.00 113.83 ? 251 LEU A N   1 
ATOM   1222 C  CA  . LEU A 1 158 ? 1.315   8.100   17.402  1.00 100.18 ? 251 LEU A CA  1 
ATOM   1223 C  C   . LEU A 1 158 ? 1.931   6.898   18.153  1.00 107.72 ? 251 LEU A C   1 
ATOM   1224 O  O   . LEU A 1 158 ? 3.090   6.920   18.551  1.00 107.51 ? 251 LEU A O   1 
ATOM   1225 C  CB  . LEU A 1 158 ? 1.325   7.853   15.894  1.00 88.38  ? 251 LEU A CB  1 
ATOM   1226 C  CG  . LEU A 1 158 ? 0.167   8.464   15.093  1.00 87.05  ? 251 LEU A CG  1 
ATOM   1227 C  CD1 . LEU A 1 158 ? 0.415   8.328   13.596  1.00 75.31  ? 251 LEU A CD1 1 
ATOM   1228 C  CD2 . LEU A 1 158 ? -1.165  7.829   15.469  1.00 90.61  ? 251 LEU A CD2 1 
ATOM   1229 N  N   . ALA A 1 159 ? 1.152   5.845   18.348  1.00 101.76 ? 252 ALA A N   1 
ATOM   1230 C  CA  . ALA A 1 159 ? 1.667   4.648   18.971  1.00 89.60  ? 252 ALA A CA  1 
ATOM   1231 C  C   . ALA A 1 159 ? 1.538   3.443   18.030  1.00 102.86 ? 252 ALA A C   1 
ATOM   1232 O  O   . ALA A 1 159 ? 0.626   3.394   17.182  1.00 113.22 ? 252 ALA A O   1 
ATOM   1233 C  CB  . ALA A 1 159 ? 0.907   4.398   20.250  1.00 81.07  ? 252 ALA A CB  1 
ATOM   1234 N  N   . VAL A 1 160 ? 2.433   2.465   18.181  1.00 97.88  ? 253 VAL A N   1 
ATOM   1235 C  CA  . VAL A 1 160 ? 2.295   1.225   17.428  1.00 88.27  ? 253 VAL A CA  1 
ATOM   1236 C  C   . VAL A 1 160 ? 1.545   0.222   18.237  1.00 87.23  ? 253 VAL A C   1 
ATOM   1237 O  O   . VAL A 1 160 ? 2.020   -0.195  19.262  1.00 96.11  ? 253 VAL A O   1 
ATOM   1238 C  CB  . VAL A 1 160 ? 3.619   0.544   17.145  1.00 82.32  ? 253 VAL A CB  1 
ATOM   1239 C  CG1 . VAL A 1 160 ? 3.358   -0.671  16.282  1.00 80.41  ? 253 VAL A CG1 1 
ATOM   1240 C  CG2 . VAL A 1 160 ? 4.585   1.487   16.459  1.00 94.68  ? 253 VAL A CG2 1 
ATOM   1241 N  N   . LEU A 1 161 ? 0.390   -0.197  17.760  1.00 91.97  ? 254 LEU A N   1 
ATOM   1242 C  CA  . LEU A 1 161 ? -0.281  -1.310  18.390  1.00 93.24  ? 254 LEU A CA  1 
ATOM   1243 C  C   . LEU A 1 161 ? 0.129   -2.646  17.794  1.00 88.82  ? 254 LEU A C   1 
ATOM   1244 O  O   . LEU A 1 161 ? -0.244  -3.704  18.297  1.00 95.69  ? 254 LEU A O   1 
ATOM   1245 C  CB  . LEU A 1 161 ? -1.748  -1.175  18.160  1.00 94.41  ? 254 LEU A CB  1 
ATOM   1246 C  CG  . LEU A 1 161 ? -2.393  0.055   18.720  1.00 92.02  ? 254 LEU A CG  1 
ATOM   1247 C  CD1 . LEU A 1 161 ? -3.748  0.116   18.039  1.00 84.10  ? 254 LEU A CD1 1 
ATOM   1248 C  CD2 . LEU A 1 161 ? -2.542  -0.164  20.202  1.00 92.89  ? 254 LEU A CD2 1 
ATOM   1249 N  N   . SER A 1 162 ? 0.886   -2.595  16.715  1.00 97.43  ? 255 SER A N   1 
ATOM   1250 C  CA  . SER A 1 162 ? 0.978   -3.737  15.819  1.00 96.90  ? 255 SER A CA  1 
ATOM   1251 C  C   . SER A 1 162 ? 2.122   -4.645  16.155  1.00 88.89  ? 255 SER A C   1 
ATOM   1252 O  O   . SER A 1 162 ? 2.538   -5.392  15.311  1.00 87.44  ? 255 SER A O   1 
ATOM   1253 C  CB  . SER A 1 162 ? 1.132   -3.266  14.366  1.00 92.23  ? 255 SER A CB  1 
ATOM   1254 O  OG  . SER A 1 162 ? 2.489   -3.251  13.970  1.00 94.60  ? 255 SER A OG  1 
ATOM   1255 N  N   . GLU A 1 163 ? 2.768   -4.452  17.287  1.00 93.50  ? 256 GLU A N   1 
ATOM   1256 C  CA  . GLU A 1 163 ? 3.989   -5.204  17.546  1.00 86.25  ? 256 GLU A CA  1 
ATOM   1257 C  C   . GLU A 1 163 ? 3.952   -6.699  17.815  1.00 82.49  ? 256 GLU A C   1 
ATOM   1258 O  O   . GLU A 1 163 ? 4.793   -7.423  17.336  1.00 94.34  ? 256 GLU A O   1 
ATOM   1259 C  CB  . GLU A 1 163 ? 4.873   -4.495  18.555  1.00 92.68  ? 256 GLU A CB  1 
ATOM   1260 C  CG  . GLU A 1 163 ? 6.347   -4.588  18.212  1.00 101.57 ? 256 GLU A CG  1 
ATOM   1261 C  CD  . GLU A 1 163 ? 6.679   -3.981  16.870  1.00 108.89 ? 256 GLU A CD  1 
ATOM   1262 O  OE1 . GLU A 1 163 ? 5.783   -3.871  16.028  1.00 126.95 ? 256 GLU A OE1 1 
ATOM   1263 O  OE2 . GLU A 1 163 ? 7.841   -3.613  16.656  1.00 105.41 ? 256 GLU A OE2 1 
ATOM   1264 N  N   . LEU A 1 164 ? 3.038   -7.155  18.640  1.00 87.07  ? 257 LEU A N   1 
ATOM   1265 C  CA  . LEU A 1 164 ? 3.011   -8.558  18.976  1.00 83.29  ? 257 LEU A CA  1 
ATOM   1266 C  C   . LEU A 1 164 ? 2.704   -9.423  17.801  1.00 85.08  ? 257 LEU A C   1 
ATOM   1267 O  O   . LEU A 1 164 ? 3.252   -10.495 17.651  1.00 97.19  ? 257 LEU A O   1 
ATOM   1268 C  CB  . LEU A 1 164 ? 2.029   -8.807  20.081  1.00 95.34  ? 257 LEU A CB  1 
ATOM   1269 C  CG  . LEU A 1 164 ? 2.702   -8.204  21.293  1.00 114.82 ? 257 LEU A CG  1 
ATOM   1270 C  CD1 . LEU A 1 164 ? 2.097   -6.855  21.632  1.00 117.75 ? 257 LEU A CD1 1 
ATOM   1271 C  CD2 . LEU A 1 164 ? 2.645   -9.159  22.461  1.00 106.60 ? 257 LEU A CD2 1 
ATOM   1272 N  N   . TYR A 1 165 ? 1.784   -8.973  16.984  1.00 89.44  ? 258 TYR A N   1 
ATOM   1273 C  CA  . TYR A 1 165 ? 1.521   -9.629  15.747  1.00 84.46  ? 258 TYR A CA  1 
ATOM   1274 C  C   . TYR A 1 165 ? 2.623   -9.064  14.944  1.00 83.28  ? 258 TYR A C   1 
ATOM   1275 O  O   . TYR A 1 165 ? 2.820   -7.879  14.983  1.00 98.06  ? 258 TYR A O   1 
ATOM   1276 C  CB  . TYR A 1 165 ? 0.205   -9.111  15.212  1.00 78.89  ? 258 TYR A CB  1 
ATOM   1277 C  CG  . TYR A 1 165 ? -0.154  -9.586  13.843  1.00 82.73  ? 258 TYR A CG  1 
ATOM   1278 C  CD1 . TYR A 1 165 ? 0.447   -9.061  12.735  1.00 65.02  ? 258 TYR A CD1 1 
ATOM   1279 C  CD2 . TYR A 1 165 ? -1.115  -10.546 13.660  1.00 77.10  ? 258 TYR A CD2 1 
ATOM   1280 C  CE1 . TYR A 1 165 ? 0.112   -9.492  11.482  1.00 64.21  ? 258 TYR A CE1 1 
ATOM   1281 C  CE2 . TYR A 1 165 ? -1.452  -10.981 12.410  1.00 74.37  ? 258 TYR A CE2 1 
ATOM   1282 C  CZ  . TYR A 1 165 ? -0.829  -10.446 11.331  1.00 70.75  ? 258 TYR A CZ  1 
ATOM   1283 O  OH  . TYR A 1 165 ? -1.161  -10.879 10.087  1.00 85.90  ? 258 TYR A OH  1 
ATOM   1284 N  N   . GLU A 1 166 ? 3.377   -9.880  14.240  1.00 88.53  ? 259 GLU A N   1 
ATOM   1285 C  CA  . GLU A 1 166 ? 4.331   -9.346  13.286  1.00 88.85  ? 259 GLU A CA  1 
ATOM   1286 C  C   . GLU A 1 166 ? 5.225   -8.245  13.812  1.00 76.10  ? 259 GLU A C   1 
ATOM   1287 O  O   . GLU A 1 166 ? 5.157   -7.120  13.344  1.00 81.42  ? 259 GLU A O   1 
ATOM   1288 C  CB  . GLU A 1 166 ? 3.658   -8.917  11.995  1.00 94.59  ? 259 GLU A CB  1 
ATOM   1289 C  CG  . GLU A 1 166 ? 4.639   -8.371  10.987  1.00 79.98  ? 259 GLU A CG  1 
ATOM   1290 C  CD  . GLU A 1 166 ? 4.894   -9.331  9.869   1.00 89.20  ? 259 GLU A CD  1 
ATOM   1291 O  OE1 . GLU A 1 166 ? 3.923   -9.731  9.222   1.00 93.09  ? 259 GLU A OE1 1 
ATOM   1292 O  OE2 . GLU A 1 166 ? 6.062   -9.678  9.647   1.00 84.74  ? 259 GLU A OE2 1 
ATOM   1293 N  N   . PRO A 1 167 ? 6.062   -8.605  14.875  1.00 83.11  ? 260 PRO A N   1 
ATOM   1294 C  CA  . PRO A 1 167 ? 6.857   -7.491  15.395  1.00 81.58  ? 260 PRO A CA  1 
ATOM   1295 C  C   . PRO A 1 167 ? 7.810   -6.981  14.354  1.00 74.04  ? 260 PRO A C   1 
ATOM   1296 O  O   . PRO A 1 167 ? 8.231   -7.717  13.498  1.00 83.21  ? 260 PRO A O   1 
ATOM   1297 C  CB  . PRO A 1 167 ? 7.647   -8.122  16.518  1.00 66.96  ? 260 PRO A CB  1 
ATOM   1298 C  CG  . PRO A 1 167 ? 7.886   -9.479  16.048  1.00 74.19  ? 260 PRO A CG  1 
ATOM   1299 C  CD  . PRO A 1 167 ? 6.508   -9.840  15.681  1.00 79.65  ? 260 PRO A CD  1 
ATOM   1300 N  N   . GLY A 1 168 ? 8.143   -5.708  14.430  1.00 72.70  ? 261 GLY A N   1 
ATOM   1301 C  CA  . GLY A 1 168 ? 9.034   -5.108  13.470  1.00 65.53  ? 261 GLY A CA  1 
ATOM   1302 C  C   . GLY A 1 168 ? 8.283   -4.549  12.299  1.00 91.04  ? 261 GLY A C   1 
ATOM   1303 O  O   . GLY A 1 168 ? 8.854   -3.989  11.389  1.00 95.91  ? 261 GLY A O   1 
ATOM   1304 N  N   . GLY A 1 169 ? 6.974   -4.673  12.348  1.00 98.03  ? 262 GLY A N   1 
ATOM   1305 C  CA  . GLY A 1 169 ? 6.125   -4.121  11.328  1.00 84.39  ? 262 GLY A CA  1 
ATOM   1306 C  C   . GLY A 1 169 ? 5.588   -5.185  10.431  1.00 83.09  ? 262 GLY A C   1 
ATOM   1307 O  O   . GLY A 1 169 ? 6.203   -6.204  10.222  1.00 86.33  ? 262 GLY A O   1 
ATOM   1308 N  N   . ILE A 1 170 ? 4.422   -4.926  9.883   1.00 76.86  ? 263 ILE A N   1 
ATOM   1309 C  CA  . ILE A 1 170 ? 3.749   -5.922  9.122   1.00 68.64  ? 263 ILE A CA  1 
ATOM   1310 C  C   . ILE A 1 170 ? 4.377   -5.925  7.789   1.00 78.11  ? 263 ILE A C   1 
ATOM   1311 O  O   . ILE A 1 170 ? 4.511   -4.909  7.163   1.00 91.79  ? 263 ILE A O   1 
ATOM   1312 C  CB  . ILE A 1 170 ? 2.298   -5.572  8.964   1.00 76.86  ? 263 ILE A CB  1 
ATOM   1313 C  CG1 . ILE A 1 170 ? 1.703   -5.338  10.334  1.00 73.25  ? 263 ILE A CG1 1 
ATOM   1314 C  CG2 . ILE A 1 170 ? 1.589   -6.695  8.264   1.00 74.78  ? 263 ILE A CG2 1 
ATOM   1315 C  CD1 . ILE A 1 170 ? 0.203   -5.329  10.352  1.00 74.31  ? 263 ILE A CD1 1 
ATOM   1316 N  N   . ASP A 1 171 ? 4.765   -7.092  7.347   1.00 82.26  ? 264 ASP A N   1 
ATOM   1317 C  CA  . ASP A 1 171 ? 5.547   -7.172  6.170   1.00 88.81  ? 264 ASP A CA  1 
ATOM   1318 C  C   . ASP A 1 171 ? 4.602   -7.260  5.024   1.00 81.70  ? 264 ASP A C   1 
ATOM   1319 O  O   . ASP A 1 171 ? 3.712   -8.084  5.058   1.00 98.15  ? 264 ASP A O   1 
ATOM   1320 C  CB  . ASP A 1 171 ? 6.382   -8.406  6.238   1.00 95.31  ? 264 ASP A CB  1 
ATOM   1321 C  CG  . ASP A 1 171 ? 7.767   -8.120  5.864   1.00 106.83 ? 264 ASP A CG  1 
ATOM   1322 O  OD1 . ASP A 1 171 ? 8.007   -7.887  4.652   1.00 101.09 ? 264 ASP A OD1 1 
ATOM   1323 O  OD2 . ASP A 1 171 ? 8.595   -8.074  6.798   1.00 124.34 ? 264 ASP A OD2 1 
ATOM   1324 N  N   . THR A 1 172 ? 4.745   -6.411  4.025   1.00 71.85  ? 265 THR A N   1 
ATOM   1325 C  CA  . THR A 1 172 ? 3.763   -6.460  2.956   1.00 81.73  ? 265 THR A CA  1 
ATOM   1326 C  C   . THR A 1 172 ? 4.471   -6.433  1.612   1.00 76.39  ? 265 THR A C   1 
ATOM   1327 O  O   . THR A 1 172 ? 5.365   -5.630  1.436   1.00 76.93  ? 265 THR A O   1 
ATOM   1328 C  CB  . THR A 1 172 ? 2.671   -5.344  3.064   1.00 84.88  ? 265 THR A CB  1 
ATOM   1329 O  OG1 . THR A 1 172 ? 3.175   -4.148  2.508   1.00 83.23  ? 265 THR A OG1 1 
ATOM   1330 C  CG2 . THR A 1 172 ? 2.209   -5.056  4.524   1.00 77.40  ? 265 THR A CG2 1 
ATOM   1331 N  N   . LYS A 1 173 ? 4.102   -7.335  0.690   1.00 80.58  ? 266 LYS A N   1 
ATOM   1332 C  CA  . LYS A 1 173 ? 4.767   -7.435  -0.620  1.00 68.00  ? 266 LYS A CA  1 
ATOM   1333 C  C   . LYS A 1 173 ? 4.267   -6.323  -1.531  1.00 72.41  ? 266 LYS A C   1 
ATOM   1334 O  O   . LYS A 1 173 ? 3.128   -5.862  -1.389  1.00 81.95  ? 266 LYS A O   1 
ATOM   1335 C  CB  . LYS A 1 173 ? 4.479   -8.771  -1.294  1.00 63.47  ? 266 LYS A CB  1 
ATOM   1336 C  CG  . LYS A 1 173 ? 5.297   -9.946  -0.801  1.00 75.69  ? 266 LYS A CG  1 
ATOM   1337 C  CD  . LYS A 1 173 ? 4.862   -11.267 -1.457  1.00 76.84  ? 266 LYS A CD  1 
ATOM   1338 C  CE  . LYS A 1 173 ? 5.452   -12.502 -0.758  1.00 69.20  ? 266 LYS A CE  1 
ATOM   1339 N  NZ  . LYS A 1 173 ? 5.234   -13.693 -1.642  1.00 71.65  ? 266 LYS A NZ  1 
ATOM   1340 N  N   . VAL A 1 174 ? 5.112   -5.917  -2.467  1.00 66.32  ? 267 VAL A N   1 
ATOM   1341 C  CA  . VAL A 1 174 ? 4.773   -4.915  -3.451  1.00 69.75  ? 267 VAL A CA  1 
ATOM   1342 C  C   . VAL A 1 174 ? 4.708   -5.554  -4.811  1.00 73.16  ? 267 VAL A C   1 
ATOM   1343 O  O   . VAL A 1 174 ? 5.743   -5.916  -5.385  1.00 70.64  ? 267 VAL A O   1 
ATOM   1344 C  CB  . VAL A 1 174 ? 5.849   -3.831  -3.537  1.00 69.19  ? 267 VAL A CB  1 
ATOM   1345 C  CG1 . VAL A 1 174 ? 5.491   -2.881  -4.640  1.00 58.51  ? 267 VAL A CG1 1 
ATOM   1346 C  CG2 . VAL A 1 174 ? 5.984   -3.086  -2.209  1.00 70.62  ? 267 VAL A CG2 1 
ATOM   1347 N  N   . TYR A 1 175 ? 3.500   -5.675  -5.341  1.00 72.81  ? 268 TYR A N   1 
ATOM   1348 C  CA  . TYR A 1 175 ? 3.294   -6.422  -6.561  1.00 70.05  ? 268 TYR A CA  1 
ATOM   1349 C  C   . TYR A 1 175 ? 3.481   -5.523  -7.742  1.00 70.73  ? 268 TYR A C   1 
ATOM   1350 O  O   . TYR A 1 175 ? 3.435   -4.302  -7.642  1.00 75.34  ? 268 TYR A O   1 
ATOM   1351 C  CB  . TYR A 1 175 ? 1.896   -7.030  -6.577  1.00 65.07  ? 268 TYR A CB  1 
ATOM   1352 C  CG  . TYR A 1 175 ? 1.753   -8.085  -5.528  1.00 81.76  ? 268 TYR A CG  1 
ATOM   1353 C  CD1 . TYR A 1 175 ? 2.060   -9.408  -5.800  1.00 88.98  ? 268 TYR A CD1 1 
ATOM   1354 C  CD2 . TYR A 1 175 ? 1.336   -7.764  -4.252  1.00 79.57  ? 268 TYR A CD2 1 
ATOM   1355 C  CE1 . TYR A 1 175 ? 1.939   -10.375 -4.827  1.00 81.54  ? 268 TYR A CE1 1 
ATOM   1356 C  CE2 . TYR A 1 175 ? 1.236   -8.728  -3.286  1.00 85.45  ? 268 TYR A CE2 1 
ATOM   1357 C  CZ  . TYR A 1 175 ? 1.546   -10.025 -3.584  1.00 73.94  ? 268 TYR A CZ  1 
ATOM   1358 O  OH  . TYR A 1 175 ? 1.435   -10.984 -2.628  1.00 90.76  ? 268 TYR A OH  1 
ATOM   1359 N  N   . CYS A 1 176 ? 3.682   -6.147  -8.877  1.00 72.10  ? 269 CYS A N   1 
ATOM   1360 C  CA  . CYS A 1 176 ? 3.761   -5.429  -10.079 1.00 73.83  ? 269 CYS A CA  1 
ATOM   1361 C  C   . CYS A 1 176 ? 2.816   -6.086  -11.045 1.00 76.15  ? 269 CYS A C   1 
ATOM   1362 O  O   . CYS A 1 176 ? 2.990   -7.234  -11.454 1.00 86.94  ? 269 CYS A O   1 
ATOM   1363 C  CB  . CYS A 1 176 ? 5.195   -5.458  -10.600 1.00 85.05  ? 269 CYS A CB  1 
ATOM   1364 S  SG  . CYS A 1 176 ? 5.343   -4.597  -12.178 1.00 100.72 ? 269 CYS A SG  1 
ATOM   1365 N  N   . TYR A 1 177 ? 1.785   -5.372  -11.405 1.00 74.02  ? 270 TYR A N   1 
ATOM   1366 C  CA  . TYR A 1 177 ? 0.916   -5.918  -12.394 1.00 78.94  ? 270 TYR A CA  1 
ATOM   1367 C  C   . TYR A 1 177 ? 1.229   -5.214  -13.667 1.00 74.77  ? 270 TYR A C   1 
ATOM   1368 C  CB  . TYR A 1 177 ? -0.556  -5.765  -12.006 1.00 79.72  ? 270 TYR A CB  1 
ATOM   1369 C  CG  . TYR A 1 177 ? -0.902  -6.438  -10.700 1.00 86.94  ? 270 TYR A CG  1 
ATOM   1370 C  CD1 . TYR A 1 177 ? -1.523  -7.691  -10.682 1.00 89.24  ? 270 TYR A CD1 1 
ATOM   1371 C  CD2 . TYR A 1 177 ? -0.615  -5.821  -9.471  1.00 85.09  ? 270 TYR A CD2 1 
ATOM   1372 C  CE1 . TYR A 1 177 ? -1.866  -8.315  -9.480  1.00 92.10  ? 270 TYR A CE1 1 
ATOM   1373 C  CE2 . TYR A 1 177 ? -0.932  -6.439  -8.263  1.00 84.42  ? 270 TYR A CE2 1 
ATOM   1374 C  CZ  . TYR A 1 177 ? -1.555  -7.686  -8.258  1.00 92.61  ? 270 TYR A CZ  1 
ATOM   1375 O  OH  . TYR A 1 177 ? -1.892  -8.300  -7.049  1.00 83.96  ? 270 TYR A OH  1 
ATOM   1376 N  N   . TYR A 1 178 ? 1.491   -6.066  -14.641 1.00 77.54  ? 271 TYR A N   1 
ATOM   1377 C  CA  . TYR A 1 178 ? 1.827   -5.574  -15.954 1.00 81.13  ? 271 TYR A CA  1 
ATOM   1378 C  C   . TYR A 1 178 ? 1.082   -6.271  -17.046 1.00 79.67  ? 271 TYR A C   1 
ATOM   1379 O  O   . TYR A 1 178 ? 1.053   -7.488  -17.103 1.00 80.87  ? 271 TYR A O   1 
ATOM   1380 C  CB  . TYR A 1 178 ? 3.307   -5.745  -16.214 1.00 73.15  ? 271 TYR A CB  1 
ATOM   1381 C  CG  . TYR A 1 178 ? 3.743   -7.156  -16.236 1.00 69.71  ? 271 TYR A CG  1 
ATOM   1382 C  CD1 . TYR A 1 178 ? 4.133   -7.818  -15.046 1.00 78.04  ? 271 TYR A CD1 1 
ATOM   1383 C  CD2 . TYR A 1 178 ? 3.783   -7.857  -17.436 1.00 74.18  ? 271 TYR A CD2 1 
ATOM   1384 C  CE1 . TYR A 1 178 ? 4.569   -9.153  -15.074 1.00 81.54  ? 271 TYR A CE1 1 
ATOM   1385 C  CE2 . TYR A 1 178 ? 4.214   -9.189  -17.485 1.00 83.64  ? 271 TYR A CE2 1 
ATOM   1386 C  CZ  . TYR A 1 178 ? 4.607   -9.833  -16.319 1.00 84.25  ? 271 TYR A CZ  1 
ATOM   1387 O  OH  . TYR A 1 178 ? 4.999   -11.146 -16.422 1.00 95.86  ? 271 TYR A OH  1 
ATOM   1388 N  N   . ASN A 1 179 ? 0.507   -5.468  -17.927 1.00 78.57  ? 272 ASN A N   1 
ATOM   1389 C  CA  . ASN A 1 179 ? -0.126  -5.920  -19.154 1.00 80.90  ? 272 ASN A CA  1 
ATOM   1390 C  C   . ASN A 1 179 ? 0.681   -7.014  -19.853 1.00 81.61  ? 272 ASN A C   1 
ATOM   1391 O  O   . ASN A 1 179 ? 1.896   -6.933  -19.904 1.00 77.05  ? 272 ASN A O   1 
ATOM   1392 C  CB  . ASN A 1 179 ? -0.257  -4.721  -20.066 1.00 84.55  ? 272 ASN A CB  1 
ATOM   1393 C  CG  . ASN A 1 179 ? -1.014  -5.034  -21.297 1.00 97.42  ? 272 ASN A CG  1 
ATOM   1394 O  OD1 . ASN A 1 179 ? -0.558  -5.803  -22.149 1.00 97.97  ? 272 ASN A OD1 1 
ATOM   1395 N  ND2 . ASN A 1 179 ? -2.201  -4.456  -21.402 1.00 108.18 ? 272 ASN A ND2 1 
ATOM   1396 N  N   . THR A 1 180 ? 0.031   -8.048  -20.379 1.00 91.80  ? 273 THR A N   1 
ATOM   1397 C  CA  . THR A 1 180 ? 0.820   -9.206  -20.836 1.00 100.47 ? 273 THR A CA  1 
ATOM   1398 C  C   . THR A 1 180 ? 1.567   -8.873  -22.101 1.00 94.10  ? 273 THR A C   1 
ATOM   1399 O  O   . THR A 1 180 ? 2.469   -9.601  -22.474 1.00 100.22 ? 273 THR A O   1 
ATOM   1400 C  CB  . THR A 1 180 ? 0.012   -10.515 -21.056 1.00 94.48  ? 273 THR A CB  1 
ATOM   1401 O  OG1 . THR A 1 180 ? -0.998  -10.283 -22.040 1.00 119.07 ? 273 THR A OG1 1 
ATOM   1402 C  CG2 . THR A 1 180 ? -0.631  -11.005 -19.774 1.00 95.92  ? 273 THR A CG2 1 
ATOM   1403 N  N   . ALA A 1 181 ? 1.201   -7.773  -22.761 1.00 97.97  ? 274 ALA A N   1 
ATOM   1404 C  CA  . ALA A 1 181 ? 1.873   -7.396  -24.013 1.00 99.81  ? 274 ALA A CA  1 
ATOM   1405 C  C   . ALA A 1 181 ? 3.346   -7.200  -23.720 1.00 105.23 ? 274 ALA A C   1 
ATOM   1406 O  O   . ALA A 1 181 ? 4.223   -7.618  -24.493 1.00 120.28 ? 274 ALA A O   1 
ATOM   1407 C  CB  . ALA A 1 181 ? 1.274   -6.131  -24.602 1.00 96.82  ? 274 ALA A CB  1 
ATOM   1408 N  N   . LEU A 1 182 ? 3.595   -6.614  -22.554 1.00 95.93  ? 275 LEU A N   1 
ATOM   1409 C  CA  . LEU A 1 182 ? 4.929   -6.326  -22.074 1.00 86.90  ? 275 LEU A CA  1 
ATOM   1410 C  C   . LEU A 1 182 ? 5.828   -7.540  -21.790 1.00 97.38  ? 275 LEU A C   1 
ATOM   1411 O  O   . LEU A 1 182 ? 7.035   -7.365  -21.574 1.00 96.27  ? 275 LEU A O   1 
ATOM   1412 C  CB  . LEU A 1 182 ? 4.840   -5.442  -20.830 1.00 83.20  ? 275 LEU A CB  1 
ATOM   1413 C  CG  . LEU A 1 182 ? 4.336   -3.997  -20.985 1.00 91.60  ? 275 LEU A CG  1 
ATOM   1414 C  CD1 . LEU A 1 182 ? 4.147   -3.293  -19.649 1.00 90.46  ? 275 LEU A CD1 1 
ATOM   1415 C  CD2 . LEU A 1 182 ? 5.288   -3.182  -21.844 1.00 86.98  ? 275 LEU A CD2 1 
ATOM   1416 N  N   . GLU A 1 183 ? 5.281   -8.759  -21.797 1.00 103.67 ? 276 GLU A N   1 
ATOM   1417 C  CA  . GLU A 1 183 ? 6.057   -9.890  -21.247 1.00 117.01 ? 276 GLU A CA  1 
ATOM   1418 C  C   . GLU A 1 183 ? 7.315   -10.225 -22.037 1.00 118.70 ? 276 GLU A C   1 
ATOM   1419 O  O   . GLU A 1 183 ? 8.365   -10.509 -21.466 1.00 109.11 ? 276 GLU A O   1 
ATOM   1420 C  CB  . GLU A 1 183 ? 5.192   -11.130 -20.928 1.00 123.76 ? 276 GLU A CB  1 
ATOM   1421 C  CG  . GLU A 1 183 ? 4.482   -11.828 -22.076 1.00 127.92 ? 276 GLU A CG  1 
ATOM   1422 C  CD  . GLU A 1 183 ? 3.425   -12.838 -21.602 1.00 148.27 ? 276 GLU A CD  1 
ATOM   1423 O  OE1 . GLU A 1 183 ? 2.803   -12.642 -20.523 1.00 131.00 ? 276 GLU A OE1 1 
ATOM   1424 O  OE2 . GLU A 1 183 ? 3.198   -13.838 -22.328 1.00 157.40 ? 276 GLU A OE2 1 
ATOM   1425 N  N   . SER A 1 184 ? 7.194   -10.135 -23.350 1.00 128.46 ? 277 SER A N   1 
ATOM   1426 C  CA  . SER A 1 184 ? 8.283   -10.370 -24.270 1.00 121.95 ? 277 SER A CA  1 
ATOM   1427 C  C   . SER A 1 184 ? 9.231   -9.172  -24.306 1.00 124.56 ? 277 SER A C   1 
ATOM   1428 O  O   . SER A 1 184 ? 10.427  -9.343  -24.523 1.00 132.95 ? 277 SER A O   1 
ATOM   1429 C  CB  . SER A 1 184 ? 7.690   -10.581 -25.659 1.00 123.05 ? 277 SER A CB  1 
ATOM   1430 O  OG  . SER A 1 184 ? 6.675   -9.610  -25.900 1.00 118.16 ? 277 SER A OG  1 
ATOM   1431 N  N   . GLU A 1 185 ? 8.686   -7.971  -24.085 1.00 118.09 ? 278 GLU A N   1 
ATOM   1432 C  CA  . GLU A 1 185 ? 9.414   -6.699  -24.249 1.00 110.56 ? 278 GLU A CA  1 
ATOM   1433 C  C   . GLU A 1 185 ? 10.625  -6.564  -23.347 1.00 113.52 ? 278 GLU A C   1 
ATOM   1434 O  O   . GLU A 1 185 ? 10.530  -6.685  -22.126 1.00 122.25 ? 278 GLU A O   1 
ATOM   1435 C  CB  . GLU A 1 185 ? 8.486   -5.506  -24.036 1.00 118.49 ? 278 GLU A CB  1 
ATOM   1436 C  CG  . GLU A 1 185 ? 7.197   -5.563  -24.851 1.00 140.39 ? 278 GLU A CG  1 
ATOM   1437 C  CD  . GLU A 1 185 ? 7.387   -5.194  -26.313 1.00 150.95 ? 278 GLU A CD  1 
ATOM   1438 O  OE1 . GLU A 1 185 ? 7.356   -3.980  -26.627 1.00 163.25 ? 278 GLU A OE1 1 
ATOM   1439 O  OE2 . GLU A 1 185 ? 7.545   -6.116  -27.151 1.00 146.53 ? 278 GLU A OE2 1 
ATOM   1440 N  N   . ARG A 1 186 ? 11.766  -6.304  -23.969 1.00 110.02 ? 279 ARG A N   1 
ATOM   1441 C  CA  . ARG A 1 186 ? 13.055  -6.321  -23.287 1.00 113.30 ? 279 ARG A CA  1 
ATOM   1442 C  C   . ARG A 1 186 ? 13.178  -5.093  -22.395 1.00 108.02 ? 279 ARG A C   1 
ATOM   1443 O  O   . ARG A 1 186 ? 13.758  -5.153  -21.310 1.00 99.66  ? 279 ARG A O   1 
ATOM   1444 C  CB  . ARG A 1 186 ? 14.211  -6.370  -24.302 1.00 124.50 ? 279 ARG A CB  1 
ATOM   1445 C  CG  . ARG A 1 186 ? 14.052  -7.396  -25.431 1.00 135.87 ? 279 ARG A CG  1 
ATOM   1446 C  CD  . ARG A 1 186 ? 14.511  -8.791  -25.022 1.00 155.55 ? 279 ARG A CD  1 
ATOM   1447 N  NE  . ARG A 1 186 ? 15.960  -8.959  -25.169 1.00 173.92 ? 279 ARG A NE  1 
ATOM   1448 C  CZ  . ARG A 1 186 ? 16.877  -8.627  -24.254 1.00 164.99 ? 279 ARG A CZ  1 
ATOM   1449 N  NH1 . ARG A 1 186 ? 16.527  -8.088  -23.083 1.00 164.53 ? 279 ARG A NH1 1 
ATOM   1450 N  NH2 . ARG A 1 186 ? 18.161  -8.836  -24.520 1.00 128.27 ? 279 ARG A NH2 1 
ATOM   1451 N  N   . SER A 1 187 ? 12.619  -3.978  -22.855 1.00 97.94  ? 280 SER A N   1 
ATOM   1452 C  CA  . SER A 1 187 ? 12.573  -2.759  -22.048 1.00 100.50 ? 280 SER A CA  1 
ATOM   1453 C  C   . SER A 1 187 ? 12.026  -3.062  -20.653 1.00 99.39  ? 280 SER A C   1 
ATOM   1454 O  O   . SER A 1 187 ? 12.612  -2.665  -19.641 1.00 102.10 ? 280 SER A O   1 
ATOM   1455 C  CB  . SER A 1 187 ? 11.725  -1.692  -22.746 1.00 90.80  ? 280 SER A CB  1 
ATOM   1456 O  OG  . SER A 1 187 ? 10.790  -2.323  -23.615 1.00 112.57 ? 280 SER A OG  1 
ATOM   1457 N  N   . PHE A 1 188 ? 10.923  -3.806  -20.619 1.00 100.69 ? 281 PHE A N   1 
ATOM   1458 C  CA  . PHE A 1 188 ? 10.264  -4.149  -19.381 1.00 90.88  ? 281 PHE A CA  1 
ATOM   1459 C  C   . PHE A 1 188 ? 11.067  -5.135  -18.575 1.00 82.58  ? 281 PHE A C   1 
ATOM   1460 O  O   . PHE A 1 188 ? 11.169  -5.046  -17.367 1.00 84.21  ? 281 PHE A O   1 
ATOM   1461 C  CB  . PHE A 1 188 ? 8.895   -4.744  -19.629 1.00 96.74  ? 281 PHE A CB  1 
ATOM   1462 C  CG  . PHE A 1 188 ? 8.238   -5.218  -18.373 1.00 105.70 ? 281 PHE A CG  1 
ATOM   1463 C  CD1 . PHE A 1 188 ? 8.125   -6.578  -18.103 1.00 100.31 ? 281 PHE A CD1 1 
ATOM   1464 C  CD2 . PHE A 1 188 ? 7.781   -4.300  -17.423 1.00 100.32 ? 281 PHE A CD2 1 
ATOM   1465 C  CE1 . PHE A 1 188 ? 7.540   -7.016  -16.922 1.00 94.56  ? 281 PHE A CE1 1 
ATOM   1466 C  CE2 . PHE A 1 188 ? 7.207   -4.736  -16.245 1.00 95.27  ? 281 PHE A CE2 1 
ATOM   1467 C  CZ  . PHE A 1 188 ? 7.092   -6.093  -15.991 1.00 92.09  ? 281 PHE A CZ  1 
ATOM   1468 N  N   . LEU A 1 189 ? 11.641  -6.098  -19.246 1.00 90.92  ? 282 LEU A N   1 
ATOM   1469 C  CA  . LEU A 1 189 ? 12.421  -7.069  -18.528 1.00 101.25 ? 282 LEU A CA  1 
ATOM   1470 C  C   . LEU A 1 189 ? 13.616  -6.363  -17.892 1.00 104.22 ? 282 LEU A C   1 
ATOM   1471 O  O   . LEU A 1 189 ? 14.072  -6.749  -16.815 1.00 105.57 ? 282 LEU A O   1 
ATOM   1472 C  CB  . LEU A 1 189 ? 12.864  -8.157  -19.487 1.00 109.97 ? 282 LEU A CB  1 
ATOM   1473 C  CG  . LEU A 1 189 ? 12.906  -9.549  -18.893 1.00 116.88 ? 282 LEU A CG  1 
ATOM   1474 C  CD1 . LEU A 1 189 ? 12.636  -10.537 -20.024 1.00 127.12 ? 282 LEU A CD1 1 
ATOM   1475 C  CD2 . LEU A 1 189 ? 14.245  -9.793  -18.188 1.00 109.88 ? 282 LEU A CD2 1 
ATOM   1476 N  N   . ARG A 1 190 ? 14.103  -5.313  -18.557 1.00 108.63 ? 283 ARG A N   1 
ATOM   1477 C  CA  . ARG A 1 190 ? 15.250  -4.566  -18.061 1.00 103.80 ? 283 ARG A CA  1 
ATOM   1478 C  C   . ARG A 1 190 ? 14.824  -3.765  -16.867 1.00 99.74  ? 283 ARG A C   1 
ATOM   1479 O  O   . ARG A 1 190 ? 15.417  -3.893  -15.790 1.00 96.56  ? 283 ARG A O   1 
ATOM   1480 C  CB  . ARG A 1 190 ? 15.878  -3.668  -19.136 1.00 115.28 ? 283 ARG A CB  1 
ATOM   1481 C  CG  . ARG A 1 190 ? 16.981  -4.363  -19.941 1.00 132.52 ? 283 ARG A CG  1 
ATOM   1482 C  CD  . ARG A 1 190 ? 17.797  -3.413  -20.817 1.00 123.17 ? 283 ARG A CD  1 
ATOM   1483 N  NE  . ARG A 1 190 ? 16.957  -2.651  -21.739 1.00 133.55 ? 283 ARG A NE  1 
ATOM   1484 C  CZ  . ARG A 1 190 ? 16.540  -3.082  -22.929 1.00 141.10 ? 283 ARG A CZ  1 
ATOM   1485 N  NH1 . ARG A 1 190 ? 16.884  -4.287  -23.375 1.00 157.60 ? 283 ARG A NH1 1 
ATOM   1486 N  NH2 . ARG A 1 190 ? 15.768  -2.300  -23.677 1.00 133.98 ? 283 ARG A NH2 1 
ATOM   1487 N  N   . PHE A 1 191 ? 13.777  -2.967  -17.052 1.00 88.80  ? 284 PHE A N   1 
ATOM   1488 C  CA  . PHE A 1 191 ? 13.141  -2.249  -15.932 1.00 95.11  ? 284 PHE A CA  1 
ATOM   1489 C  C   . PHE A 1 191 ? 12.962  -3.054  -14.636 1.00 97.47  ? 284 PHE A C   1 
ATOM   1490 O  O   . PHE A 1 191 ? 13.298  -2.604  -13.535 1.00 91.52  ? 284 PHE A O   1 
ATOM   1491 C  CB  . PHE A 1 191 ? 11.766  -1.799  -16.345 1.00 85.16  ? 284 PHE A CB  1 
ATOM   1492 C  CG  . PHE A 1 191 ? 10.842  -1.583  -15.198 1.00 101.93 ? 284 PHE A CG  1 
ATOM   1493 C  CD1 . PHE A 1 191 ? 9.721   -2.386  -15.041 1.00 108.78 ? 284 PHE A CD1 1 
ATOM   1494 C  CD2 . PHE A 1 191 ? 11.074  -0.566  -14.278 1.00 100.17 ? 284 PHE A CD2 1 
ATOM   1495 C  CE1 . PHE A 1 191 ? 8.843   -2.175  -13.985 1.00 109.88 ? 284 PHE A CE1 1 
ATOM   1496 C  CE2 . PHE A 1 191 ? 10.204  -0.363  -13.221 1.00 99.75  ? 284 PHE A CE2 1 
ATOM   1497 C  CZ  . PHE A 1 191 ? 9.090   -1.168  -13.074 1.00 99.62  ? 284 PHE A CZ  1 
ATOM   1498 N  N   . LEU A 1 192 ? 12.401  -4.230  -14.779 1.00 91.09  ? 285 LEU A N   1 
ATOM   1499 C  CA  . LEU A 1 192 ? 12.087  -4.998  -13.621 1.00 92.22  ? 285 LEU A CA  1 
ATOM   1500 C  C   . LEU A 1 192 ? 13.352  -5.294  -12.908 1.00 95.47  ? 285 LEU A C   1 
ATOM   1501 O  O   . LEU A 1 192 ? 13.471  -5.098  -11.718 1.00 87.86  ? 285 LEU A O   1 
ATOM   1502 C  CB  . LEU A 1 192 ? 11.519  -6.319  -14.078 1.00 91.42  ? 285 LEU A CB  1 
ATOM   1503 C  CG  . LEU A 1 192 ? 10.413  -6.936  -13.257 1.00 84.09  ? 285 LEU A CG  1 
ATOM   1504 C  CD1 . LEU A 1 192 ? 9.508   -5.845  -12.740 1.00 95.94  ? 285 LEU A CD1 1 
ATOM   1505 C  CD2 . LEU A 1 192 ? 9.635   -7.862  -14.154 1.00 80.92  ? 285 LEU A CD2 1 
ATOM   1506 N  N   . GLU A 1 193 ? 14.333  -5.728  -13.665 1.00 105.05 ? 286 GLU A N   1 
ATOM   1507 C  CA  . GLU A 1 193 ? 15.541  -6.213  -13.055 1.00 115.55 ? 286 GLU A CA  1 
ATOM   1508 C  C   . GLU A 1 193 ? 16.237  -5.118  -12.307 1.00 108.58 ? 286 GLU A C   1 
ATOM   1509 O  O   . GLU A 1 193 ? 16.726  -5.328  -11.216 1.00 108.62 ? 286 GLU A O   1 
ATOM   1510 C  CB  . GLU A 1 193 ? 16.469  -6.778  -14.109 1.00 128.45 ? 286 GLU A CB  1 
ATOM   1511 C  CG  . GLU A 1 193 ? 17.814  -7.197  -13.557 1.00 164.72 ? 286 GLU A CG  1 
ATOM   1512 C  CD  . GLU A 1 193 ? 18.568  -8.108  -14.501 1.00 173.81 ? 286 GLU A CD  1 
ATOM   1513 O  OE1 . GLU A 1 193 ? 18.059  -8.370  -15.611 1.00 179.72 ? 286 GLU A OE1 1 
ATOM   1514 O  OE2 . GLU A 1 193 ? 19.673  -8.559  -14.133 1.00 175.40 ? 286 GLU A OE2 1 
ATOM   1515 N  N   . SER A 1 194 ? 16.301  -3.944  -12.907 1.00 106.96 ? 287 SER A N   1 
ATOM   1516 C  CA  . SER A 1 194 ? 16.983  -2.853  -12.265 1.00 109.19 ? 287 SER A CA  1 
ATOM   1517 C  C   . SER A 1 194 ? 16.276  -2.455  -10.999 1.00 116.47 ? 287 SER A C   1 
ATOM   1518 O  O   . SER A 1 194 ? 16.887  -2.344  -9.950  1.00 119.23 ? 287 SER A O   1 
ATOM   1519 C  CB  . SER A 1 194 ? 17.062  -1.677  -13.212 1.00 100.45 ? 287 SER A CB  1 
ATOM   1520 O  OG  . SER A 1 194 ? 17.572  -2.096  -14.460 1.00 116.11 ? 287 SER A OG  1 
ATOM   1521 N  N   . ALA A 1 195 ? 14.982  -2.242  -11.100 1.00 105.95 ? 288 ALA A N   1 
ATOM   1522 C  CA  . ALA A 1 195 ? 14.273  -1.703  -9.981  1.00 97.71  ? 288 ALA A CA  1 
ATOM   1523 C  C   . ALA A 1 195 ? 14.422  -2.669  -8.851  1.00 104.11 ? 288 ALA A C   1 
ATOM   1524 O  O   . ALA A 1 195 ? 14.620  -2.269  -7.718  1.00 107.76 ? 288 ALA A O   1 
ATOM   1525 C  CB  . ALA A 1 195 ? 12.819  -1.528  -10.325 1.00 85.41  ? 288 ALA A CB  1 
ATOM   1526 N  N   . ARG A 1 196 ? 14.345  -3.948  -9.156  1.00 97.34  ? 289 ARG A N   1 
ATOM   1527 C  CA  . ARG A 1 196 ? 14.354  -4.926  -8.104  1.00 97.90  ? 289 ARG A CA  1 
ATOM   1528 C  C   . ARG A 1 196 ? 15.656  -4.793  -7.380  1.00 103.31 ? 289 ARG A C   1 
ATOM   1529 O  O   . ARG A 1 196 ? 15.703  -4.768  -6.158  1.00 114.37 ? 289 ARG A O   1 
ATOM   1530 C  CB  . ARG A 1 196 ? 14.266  -6.314  -8.698  1.00 86.41  ? 289 ARG A CB  1 
ATOM   1531 C  CG  . ARG A 1 196 ? 12.948  -6.611  -9.365  1.00 85.60  ? 289 ARG A CG  1 
ATOM   1532 C  CD  . ARG A 1 196 ? 12.342  -7.855  -8.771  1.00 88.63  ? 289 ARG A CD  1 
ATOM   1533 N  NE  . ARG A 1 196 ? 11.985  -8.825  -9.786  1.00 92.67  ? 289 ARG A NE  1 
ATOM   1534 C  CZ  . ARG A 1 196 ? 10.817  -9.436  -9.829  1.00 89.21  ? 289 ARG A CZ  1 
ATOM   1535 N  NH1 . ARG A 1 196 ? 9.904   -9.168  -8.915  1.00 100.83 ? 289 ARG A NH1 1 
ATOM   1536 N  NH2 . ARG A 1 196 ? 10.568  -10.311 -10.779 1.00 105.17 ? 289 ARG A NH2 1 
ATOM   1537 N  N   . GLN A 1 197 ? 16.723  -4.676  -8.146  1.00 120.39 ? 290 GLN A N   1 
ATOM   1538 C  CA  . GLN A 1 197 ? 18.037  -4.651  -7.551  1.00 121.98 ? 290 GLN A CA  1 
ATOM   1539 C  C   . GLN A 1 197 ? 18.175  -3.439  -6.681  1.00 111.95 ? 290 GLN A C   1 
ATOM   1540 O  O   . GLN A 1 197 ? 18.671  -3.515  -5.570  1.00 118.48 ? 290 GLN A O   1 
ATOM   1541 C  CB  . GLN A 1 197 ? 19.111  -4.637  -8.624  1.00 124.50 ? 290 GLN A CB  1 
ATOM   1542 C  CG  . GLN A 1 197 ? 20.256  -5.594  -8.359  1.00 144.20 ? 290 GLN A CG  1 
ATOM   1543 C  CD  . GLN A 1 197 ? 20.702  -6.331  -9.606  1.00 154.78 ? 290 GLN A CD  1 
ATOM   1544 O  OE1 . GLN A 1 197 ? 21.526  -5.834  -10.375 1.00 154.83 ? 290 GLN A OE1 1 
ATOM   1545 N  NE2 . GLN A 1 197 ? 20.160  -7.523  -9.814  1.00 152.51 ? 290 GLN A NE2 1 
ATOM   1546 N  N   . ARG A 1 198 ? 17.695  -2.316  -7.177  1.00 93.79  ? 291 ARG A N   1 
ATOM   1547 C  CA  . ARG A 1 198 ? 17.838  -1.096  -6.440  1.00 89.94  ? 291 ARG A CA  1 
ATOM   1548 C  C   . ARG A 1 198 ? 17.096  -1.200  -5.143  1.00 91.16  ? 291 ARG A C   1 
ATOM   1549 O  O   . ARG A 1 198 ? 17.585  -0.786  -4.112  1.00 94.86  ? 291 ARG A O   1 
ATOM   1550 C  CB  . ARG A 1 198 ? 17.301  0.058   -7.248  1.00 97.35  ? 291 ARG A CB  1 
ATOM   1551 C  CG  . ARG A 1 198 ? 18.198  0.447   -8.397  1.00 101.36 ? 291 ARG A CG  1 
ATOM   1552 C  CD  . ARG A 1 198 ? 18.760  1.831   -8.174  1.00 99.94  ? 291 ARG A CD  1 
ATOM   1553 N  NE  . ARG A 1 198 ? 18.272  2.789   -9.155  1.00 115.16 ? 291 ARG A NE  1 
ATOM   1554 C  CZ  . ARG A 1 198 ? 17.699  3.943   -8.841  1.00 116.58 ? 291 ARG A CZ  1 
ATOM   1555 N  NH1 . ARG A 1 198 ? 17.537  4.274   -7.573  1.00 101.05 ? 291 ARG A NH1 1 
ATOM   1556 N  NH2 . ARG A 1 198 ? 17.288  4.766   -9.794  1.00 112.36 ? 291 ARG A NH2 1 
ATOM   1557 N  N   . LEU A 1 199 ? 15.907  -1.763  -5.186  1.00 104.80 ? 292 LEU A N   1 
ATOM   1558 C  CA  . LEU A 1 199 ? 15.121  -1.885  -3.980  1.00 109.71 ? 292 LEU A CA  1 
ATOM   1559 C  C   . LEU A 1 199 ? 15.764  -2.781  -2.953  1.00 108.14 ? 292 LEU A C   1 
ATOM   1560 O  O   . LEU A 1 199 ? 15.747  -2.464  -1.771  1.00 99.54  ? 292 LEU A O   1 
ATOM   1561 C  CB  . LEU A 1 199 ? 13.709  -2.341  -4.296  1.00 94.25  ? 292 LEU A CB  1 
ATOM   1562 C  CG  . LEU A 1 199 ? 12.751  -1.305  -4.878  1.00 104.22 ? 292 LEU A CG  1 
ATOM   1563 C  CD1 . LEU A 1 199 ? 13.295  0.110   -4.878  1.00 94.46  ? 292 LEU A CD1 1 
ATOM   1564 C  CD2 . LEU A 1 199 ? 12.394  -1.717  -6.284  1.00 97.55  ? 292 LEU A CD2 1 
ATOM   1565 N  N   . ARG A 1 200 ? 16.327  -3.901  -3.392  1.00 98.95  ? 293 ARG A N   1 
ATOM   1566 C  CA  . ARG A 1 200 ? 16.951  -4.790  -2.424  1.00 126.58 ? 293 ARG A CA  1 
ATOM   1567 C  C   . ARG A 1 200 ? 18.097  -4.041  -1.824  1.00 145.04 ? 293 ARG A C   1 
ATOM   1568 O  O   . ARG A 1 200 ? 18.323  -4.058  -0.623  1.00 134.34 ? 293 ARG A O   1 
ATOM   1569 C  CB  . ARG A 1 200 ? 17.474  -6.049  -3.077  1.00 115.69 ? 293 ARG A CB  1 
ATOM   1570 C  CG  . ARG A 1 200 ? 16.687  -6.456  -4.289  1.00 92.40  ? 293 ARG A CG  1 
ATOM   1571 C  CD  . ARG A 1 200 ? 17.601  -6.568  -5.479  1.00 112.34 ? 293 ARG A CD  1 
ATOM   1572 N  NE  . ARG A 1 200 ? 17.048  -7.460  -6.480  1.00 124.70 ? 293 ARG A NE  1 
ATOM   1573 C  CZ  . ARG A 1 200 ? 17.378  -8.735  -6.575  1.00 125.90 ? 293 ARG A CZ  1 
ATOM   1574 N  NH1 . ARG A 1 200 ? 18.252  -9.248  -5.731  1.00 128.97 ? 293 ARG A NH1 1 
ATOM   1575 N  NH2 . ARG A 1 200 ? 16.843  -9.488  -7.516  1.00 121.30 ? 293 ARG A NH2 1 
ATOM   1576 N  N   . GLU A 1 201 ? 18.799  -3.344  -2.694  1.00 164.58 ? 294 GLU A N   1 
ATOM   1577 C  CA  . GLU A 1 201 ? 20.024  -2.677  -2.336  1.00 160.45 ? 294 GLU A CA  1 
ATOM   1578 C  C   . GLU A 1 201 ? 19.693  -1.666  -1.267  1.00 161.65 ? 294 GLU A C   1 
ATOM   1579 O  O   . GLU A 1 201 ? 20.434  -1.493  -0.307  1.00 149.30 ? 294 GLU A O   1 
ATOM   1580 C  CB  . GLU A 1 201 ? 20.610  -2.013  -3.593  1.00 142.59 ? 294 GLU A CB  1 
ATOM   1581 C  CG  . GLU A 1 201 ? 21.208  -0.619  -3.437  1.00 156.26 ? 294 GLU A CG  1 
ATOM   1582 C  CD  . GLU A 1 201 ? 20.173  0.483   -3.577  1.00 150.03 ? 294 GLU A CD  1 
ATOM   1583 O  OE1 . GLU A 1 201 ? 19.254  0.563   -2.730  1.00 132.00 ? 294 GLU A OE1 1 
ATOM   1584 O  OE2 . GLU A 1 201 ? 20.286  1.278   -4.533  1.00 136.45 ? 294 GLU A OE2 1 
ATOM   1585 N  N   . LEU A 1 202 ? 18.576  -0.985  -1.443  1.00 171.20 ? 295 LEU A N   1 
ATOM   1586 C  CA  . LEU A 1 202 ? 18.224  0.061   -0.515  1.00 188.60 ? 295 LEU A CA  1 
ATOM   1587 C  C   . LEU A 1 202 ? 17.916  -0.590  0.811   1.00 192.66 ? 295 LEU A C   1 
ATOM   1588 O  O   . LEU A 1 202 ? 18.303  -0.092  1.859   1.00 194.45 ? 295 LEU A O   1 
ATOM   1589 C  CB  . LEU A 1 202 ? 17.046  0.866   -1.057  1.00 178.47 ? 295 LEU A CB  1 
ATOM   1590 C  CG  . LEU A 1 202 ? 15.777  0.994   -0.226  1.00 153.43 ? 295 LEU A CG  1 
ATOM   1591 C  CD1 . LEU A 1 202 ? 15.055  -0.332  -0.119  1.00 152.49 ? 295 LEU A CD1 1 
ATOM   1592 C  CD2 . LEU A 1 202 ? 16.066  1.556   1.152   1.00 130.91 ? 295 LEU A CD2 1 
ATOM   1593 N  N   . GLY A 1 203 ? 17.232  -1.725  0.760   1.00 194.78 ? 296 GLY A N   1 
ATOM   1594 C  CA  . GLY A 1 203 ? 16.970  -2.488  1.965   1.00 176.23 ? 296 GLY A CA  1 
ATOM   1595 C  C   . GLY A 1 203 ? 18.201  -2.609  2.842   1.00 164.55 ? 296 GLY A C   1 
ATOM   1596 O  O   . GLY A 1 203 ? 19.332  -2.609  2.353   1.00 151.21 ? 296 GLY A O   1 
HETATM 1597 C  CAA . QZN B 2 .   ? -3.442  -6.733  14.998  1.00 85.51  ? 401 QZN A CAA 1 
HETATM 1598 C  CAH . QZN B 2 .   ? -2.934  -6.538  13.580  1.00 88.78  ? 401 QZN A CAH 1 
HETATM 1599 C  CAI . QZN B 2 .   ? -3.984  -6.958  12.568  1.00 86.19  ? 401 QZN A CAI 1 
HETATM 1600 C  CAJ . QZN B 2 .   ? -3.494  -6.455  11.246  1.00 86.57  ? 401 QZN A CAJ 1 
HETATM 1601 C  CAK . QZN B 2 .   ? -3.114  -7.655  10.422  1.00 88.82  ? 401 QZN A CAK 1 
HETATM 1602 C  CAL . QZN B 2 .   ? -3.838  -7.561  9.111   1.00 86.68  ? 401 QZN A CAL 1 
HETATM 1603 C  CAM . QZN B 2 .   ? -2.847  -7.769  7.988   1.00 82.29  ? 401 QZN A CAM 1 
HETATM 1604 C  CAN . QZN B 2 .   ? -2.592  -6.425  7.293   1.00 91.83  ? 401 QZN A CAN 1 
HETATM 1605 C  CAO . QZN B 2 .   ? -3.185  -6.396  5.874   1.00 97.03  ? 401 QZN A CAO 1 
HETATM 1606 C  CAR . QZN B 2 .   ? -3.167  -4.948  5.490   1.00 87.65  ? 401 QZN A CAR 1 
HETATM 1607 N  NAP . QZN B 2 .   ? -1.981  -4.491  5.120   1.00 80.81  ? 401 QZN A NAP 1 
HETATM 1608 C  CAT . QZN B 2 .   ? -1.837  -3.202  4.781   1.00 92.28  ? 401 QZN A CAT 1 
HETATM 1609 C  CAG . QZN B 2 .   ? -0.588  -2.754  4.394   1.00 89.25  ? 401 QZN A CAG 1 
HETATM 1610 C  CAQ . QZN B 2 .   ? -0.388  -1.415  4.043   1.00 97.21  ? 401 QZN A CAQ 1 
HETATM 1611 CL CL  . QZN B 2 .   ? 1.219   -0.849  3.586   1.00 110.22 ? 401 QZN A CL  1 
HETATM 1612 C  CAE . QZN B 2 .   ? -1.473  -0.548  4.074   1.00 80.52  ? 401 QZN A CAE 1 
HETATM 1613 C  CAF . QZN B 2 .   ? -2.736  -0.978  4.469   1.00 84.13  ? 401 QZN A CAF 1 
HETATM 1614 C  CAU . QZN B 2 .   ? -2.914  -2.307  4.818   1.00 94.71  ? 401 QZN A CAU 1 
HETATM 1615 C  CAS . QZN B 2 .   ? -4.158  -2.762  5.223   1.00 92.25  ? 401 QZN A CAS 1 
HETATM 1616 O  OAC . QZN B 2 .   ? -5.124  -2.018  5.272   1.00 106.23 ? 401 QZN A OAC 1 
HETATM 1617 N  NAV . QZN B 2 .   ? -4.315  -4.093  5.558   1.00 100.12 ? 401 QZN A NAV 1 
HETATM 1618 N  NAB . QZN B 2 .   ? -5.450  -4.462  5.888   1.00 105.71 ? 401 QZN A NAB 1 
HETATM 1619 O  O   . HOH C 3 .   ? -7.958  -3.782  7.181   1.00 87.06  ? 501 HOH A O   1 
# 
